data_7AUI
# 
_entry.id   7AUI 
# 
_audit_conform.dict_name       mmcif_pdbx.dic 
_audit_conform.dict_version    5.384 
_audit_conform.dict_location   http://mmcif.pdb.org/dictionaries/ascii/mmcif_pdbx.dic 
# 
loop_
_database_2.database_id 
_database_2.database_code 
_database_2.pdbx_database_accession 
_database_2.pdbx_DOI 
PDB   7AUI         pdb_00007aui 10.2210/pdb7aui/pdb 
WWPDB D_1292110110 ?            ?                   
# 
loop_
_pdbx_audit_revision_history.ordinal 
_pdbx_audit_revision_history.data_content_type 
_pdbx_audit_revision_history.major_revision 
_pdbx_audit_revision_history.minor_revision 
_pdbx_audit_revision_history.revision_date 
1 'Structure model' 1 0 2021-05-19 
2 'Structure model' 1 1 2024-01-31 
# 
_pdbx_audit_revision_details.ordinal             1 
_pdbx_audit_revision_details.revision_ordinal    1 
_pdbx_audit_revision_details.data_content_type   'Structure model' 
_pdbx_audit_revision_details.provider            repository 
_pdbx_audit_revision_details.type                'Initial release' 
_pdbx_audit_revision_details.description         ? 
_pdbx_audit_revision_details.details             ? 
# 
loop_
_pdbx_audit_revision_group.ordinal 
_pdbx_audit_revision_group.revision_ordinal 
_pdbx_audit_revision_group.data_content_type 
_pdbx_audit_revision_group.group 
1 2 'Structure model' 'Data collection'        
2 2 'Structure model' 'Database references'    
3 2 'Structure model' 'Refinement description' 
# 
loop_
_pdbx_audit_revision_category.ordinal 
_pdbx_audit_revision_category.revision_ordinal 
_pdbx_audit_revision_category.data_content_type 
_pdbx_audit_revision_category.category 
1 2 'Structure model' chem_comp_atom                
2 2 'Structure model' chem_comp_bond                
3 2 'Structure model' database_2                    
4 2 'Structure model' pdbx_initial_refinement_model 
# 
loop_
_pdbx_audit_revision_item.ordinal 
_pdbx_audit_revision_item.revision_ordinal 
_pdbx_audit_revision_item.data_content_type 
_pdbx_audit_revision_item.item 
1 2 'Structure model' '_database_2.pdbx_DOI'                
2 2 'Structure model' '_database_2.pdbx_database_accession' 
# 
_pdbx_database_status.status_code                     REL 
_pdbx_database_status.status_code_sf                  REL 
_pdbx_database_status.status_code_mr                  ? 
_pdbx_database_status.entry_id                        7AUI 
_pdbx_database_status.recvd_initial_deposition_date   2020-11-03 
_pdbx_database_status.SG_entry                        N 
_pdbx_database_status.deposit_site                    PDBE 
_pdbx_database_status.process_site                    PDBE 
_pdbx_database_status.status_code_cs                  ? 
_pdbx_database_status.status_code_nmr_data            ? 
_pdbx_database_status.methods_development_category    ? 
_pdbx_database_status.pdb_format_compatible           Y 
# 
loop_
_audit_author.name 
_audit_author.pdbx_ordinal 
_audit_author.identifier_ORCID 
'Marquez-Monino, M.A.' 1 0000-0003-4177-9359 
'Gonzalez, B.'         2 0000-0002-0710-0202 
# 
_citation.abstract                  ? 
_citation.abstract_id_CAS           ? 
_citation.book_id_ISBN              ? 
_citation.book_publisher            ? 
_citation.book_publisher_city       ? 
_citation.book_title                ? 
_citation.coordinate_linkage        ? 
_citation.country                   US 
_citation.database_id_Medline       ? 
_citation.details                   ? 
_citation.id                        primary 
_citation.journal_abbrev            'Sci Adv' 
_citation.journal_id_ASTM           ? 
_citation.journal_id_CSD            ? 
_citation.journal_id_ISSN           2375-2548 
_citation.journal_full              ? 
_citation.journal_issue             ? 
_citation.journal_volume            7 
_citation.language                  ? 
_citation.page_first                ? 
_citation.page_last                 ? 
_citation.title                     
;Multiple substrate recognition by yeast diadenosine and diphosphoinositol polyphosphate phosphohydrolase through phosphate clamping.
;
_citation.year                      2021 
_citation.database_id_CSD           ? 
_citation.pdbx_database_id_DOI      10.1126/sciadv.abf6744 
_citation.pdbx_database_id_PubMed   33893105 
_citation.pdbx_database_id_patent   ? 
_citation.unpublished_flag          ? 
# 
loop_
_citation_author.citation_id 
_citation_author.name 
_citation_author.ordinal 
_citation_author.identifier_ORCID 
primary 'Marquez-Monino, M.A.'  1 0000-0003-4177-9359 
primary 'Ortega-Garcia, R.'     2 ?                   
primary 'Shipton, M.L.'         3 0000-0002-9982-0927 
primary 'Franco-Echevarria, E.' 4 0000-0001-7306-6594 
primary 'Riley, A.M.'           5 0000-0001-9003-3540 
primary 'Sanz-Aparicio, J.'     6 ?                   
primary 'Potter, B.V.L.'        7 0000-0003-3255-9135 
primary 'Gonzalez, B.'          8 0000-0002-0710-0202 
# 
loop_
_entity.id 
_entity.type 
_entity.src_method 
_entity.pdbx_description 
_entity.formula_weight 
_entity.pdbx_number_of_molecules 
_entity.pdbx_ec 
_entity.pdbx_mutation 
_entity.pdbx_fragment 
_entity.details 
1 polymer     man 'Diphosphoinositol polyphosphate phosphohydrolase DDP1' 21812.713 1  3.6.1.52,3.6.1.60 ? ? 
'GGS is a rest of purification linker, protein starts in MGK.' 
2 non-polymer syn 'INOSITOL HEXAKISPHOSPHATE'                             660.035   1  ?                 ? ? ? 
3 water       nat water                                                   18.015    76 ?                 ? ? ? 
# 
_entity_name_com.entity_id   1 
_entity_name_com.name        
;Diadenosine 5',5'''-P1,P6-hexaphosphate hydrolase,Ap6A hydrolase,Diadenosine and diphosphoinositol polyphosphate phosphohydrolase 1,Diadenosine hexaphosphate hydrolase (AMP-forming)
;
# 
_entity_poly.entity_id                      1 
_entity_poly.type                           'polypeptide(L)' 
_entity_poly.nstd_linkage                   no 
_entity_poly.nstd_monomer                   no 
_entity_poly.pdbx_seq_one_letter_code       
;GGSMGKTADNHGPVRSETAREGRENQVYSPVTGARLVAGCICLTPDKKQVLMITSSAHKKRWIVPKGGVEKDEPNYETTA
QRETWEEAGCIGKIVANLGTVEDMRPPKDWNKDIKQFENSRKDSEVAKHPPRTEFHFYELEIENLLDKFPECHKRHRKLY
SYTEAKQNLIDAKRPELLEALNRSAIIKDDK
;
_entity_poly.pdbx_seq_one_letter_code_can   
;GGSMGKTADNHGPVRSETAREGRENQVYSPVTGARLVAGCICLTPDKKQVLMITSSAHKKRWIVPKGGVEKDEPNYETTA
QRETWEEAGCIGKIVANLGTVEDMRPPKDWNKDIKQFENSRKDSEVAKHPPRTEFHFYELEIENLLDKFPECHKRHRKLY
SYTEAKQNLIDAKRPELLEALNRSAIIKDDK
;
_entity_poly.pdbx_strand_id                 A 
_entity_poly.pdbx_target_identifier         ? 
# 
loop_
_pdbx_entity_nonpoly.entity_id 
_pdbx_entity_nonpoly.name 
_pdbx_entity_nonpoly.comp_id 
2 'INOSITOL HEXAKISPHOSPHATE' IHP 
3 water                       HOH 
# 
loop_
_entity_poly_seq.entity_id 
_entity_poly_seq.num 
_entity_poly_seq.mon_id 
_entity_poly_seq.hetero 
1 1   GLY n 
1 2   GLY n 
1 3   SER n 
1 4   MET n 
1 5   GLY n 
1 6   LYS n 
1 7   THR n 
1 8   ALA n 
1 9   ASP n 
1 10  ASN n 
1 11  HIS n 
1 12  GLY n 
1 13  PRO n 
1 14  VAL n 
1 15  ARG n 
1 16  SER n 
1 17  GLU n 
1 18  THR n 
1 19  ALA n 
1 20  ARG n 
1 21  GLU n 
1 22  GLY n 
1 23  ARG n 
1 24  GLU n 
1 25  ASN n 
1 26  GLN n 
1 27  VAL n 
1 28  TYR n 
1 29  SER n 
1 30  PRO n 
1 31  VAL n 
1 32  THR n 
1 33  GLY n 
1 34  ALA n 
1 35  ARG n 
1 36  LEU n 
1 37  VAL n 
1 38  ALA n 
1 39  GLY n 
1 40  CYS n 
1 41  ILE n 
1 42  CYS n 
1 43  LEU n 
1 44  THR n 
1 45  PRO n 
1 46  ASP n 
1 47  LYS n 
1 48  LYS n 
1 49  GLN n 
1 50  VAL n 
1 51  LEU n 
1 52  MET n 
1 53  ILE n 
1 54  THR n 
1 55  SER n 
1 56  SER n 
1 57  ALA n 
1 58  HIS n 
1 59  LYS n 
1 60  LYS n 
1 61  ARG n 
1 62  TRP n 
1 63  ILE n 
1 64  VAL n 
1 65  PRO n 
1 66  LYS n 
1 67  GLY n 
1 68  GLY n 
1 69  VAL n 
1 70  GLU n 
1 71  LYS n 
1 72  ASP n 
1 73  GLU n 
1 74  PRO n 
1 75  ASN n 
1 76  TYR n 
1 77  GLU n 
1 78  THR n 
1 79  THR n 
1 80  ALA n 
1 81  GLN n 
1 82  ARG n 
1 83  GLU n 
1 84  THR n 
1 85  TRP n 
1 86  GLU n 
1 87  GLU n 
1 88  ALA n 
1 89  GLY n 
1 90  CYS n 
1 91  ILE n 
1 92  GLY n 
1 93  LYS n 
1 94  ILE n 
1 95  VAL n 
1 96  ALA n 
1 97  ASN n 
1 98  LEU n 
1 99  GLY n 
1 100 THR n 
1 101 VAL n 
1 102 GLU n 
1 103 ASP n 
1 104 MET n 
1 105 ARG n 
1 106 PRO n 
1 107 PRO n 
1 108 LYS n 
1 109 ASP n 
1 110 TRP n 
1 111 ASN n 
1 112 LYS n 
1 113 ASP n 
1 114 ILE n 
1 115 LYS n 
1 116 GLN n 
1 117 PHE n 
1 118 GLU n 
1 119 ASN n 
1 120 SER n 
1 121 ARG n 
1 122 LYS n 
1 123 ASP n 
1 124 SER n 
1 125 GLU n 
1 126 VAL n 
1 127 ALA n 
1 128 LYS n 
1 129 HIS n 
1 130 PRO n 
1 131 PRO n 
1 132 ARG n 
1 133 THR n 
1 134 GLU n 
1 135 PHE n 
1 136 HIS n 
1 137 PHE n 
1 138 TYR n 
1 139 GLU n 
1 140 LEU n 
1 141 GLU n 
1 142 ILE n 
1 143 GLU n 
1 144 ASN n 
1 145 LEU n 
1 146 LEU n 
1 147 ASP n 
1 148 LYS n 
1 149 PHE n 
1 150 PRO n 
1 151 GLU n 
1 152 CYS n 
1 153 HIS n 
1 154 LYS n 
1 155 ARG n 
1 156 HIS n 
1 157 ARG n 
1 158 LYS n 
1 159 LEU n 
1 160 TYR n 
1 161 SER n 
1 162 TYR n 
1 163 THR n 
1 164 GLU n 
1 165 ALA n 
1 166 LYS n 
1 167 GLN n 
1 168 ASN n 
1 169 LEU n 
1 170 ILE n 
1 171 ASP n 
1 172 ALA n 
1 173 LYS n 
1 174 ARG n 
1 175 PRO n 
1 176 GLU n 
1 177 LEU n 
1 178 LEU n 
1 179 GLU n 
1 180 ALA n 
1 181 LEU n 
1 182 ASN n 
1 183 ARG n 
1 184 SER n 
1 185 ALA n 
1 186 ILE n 
1 187 ILE n 
1 188 LYS n 
1 189 ASP n 
1 190 ASP n 
1 191 LYS n 
# 
_entity_src_gen.entity_id                          1 
_entity_src_gen.pdbx_src_id                        1 
_entity_src_gen.pdbx_alt_source_flag               sample 
_entity_src_gen.pdbx_seq_type                      'Biological sequence' 
_entity_src_gen.pdbx_beg_seq_num                   1 
_entity_src_gen.pdbx_end_seq_num                   191 
_entity_src_gen.gene_src_common_name               
;Baker's yeast
;
_entity_src_gen.gene_src_genus                     ? 
_entity_src_gen.pdbx_gene_src_gene                 'DDP1, YOR163W, O3575' 
_entity_src_gen.gene_src_species                   ? 
_entity_src_gen.gene_src_strain                    'ATCC 204508 / S288c' 
_entity_src_gen.gene_src_tissue                    ? 
_entity_src_gen.gene_src_tissue_fraction           ? 
_entity_src_gen.gene_src_details                   ? 
_entity_src_gen.pdbx_gene_src_fragment             ? 
_entity_src_gen.pdbx_gene_src_scientific_name      'Saccharomyces cerevisiae (strain ATCC 204508 / S288c)' 
_entity_src_gen.pdbx_gene_src_ncbi_taxonomy_id     559292 
_entity_src_gen.pdbx_gene_src_variant              ? 
_entity_src_gen.pdbx_gene_src_cell_line            ? 
_entity_src_gen.pdbx_gene_src_atcc                 ? 
_entity_src_gen.pdbx_gene_src_organ                ? 
_entity_src_gen.pdbx_gene_src_organelle            ? 
_entity_src_gen.pdbx_gene_src_cell                 ? 
_entity_src_gen.pdbx_gene_src_cellular_location    ? 
_entity_src_gen.host_org_common_name               ? 
_entity_src_gen.pdbx_host_org_scientific_name      'Escherichia coli' 
_entity_src_gen.pdbx_host_org_ncbi_taxonomy_id     562 
_entity_src_gen.host_org_genus                     ? 
_entity_src_gen.pdbx_host_org_gene                 ? 
_entity_src_gen.pdbx_host_org_organ                ? 
_entity_src_gen.host_org_species                   ? 
_entity_src_gen.pdbx_host_org_tissue               ? 
_entity_src_gen.pdbx_host_org_tissue_fraction      ? 
_entity_src_gen.pdbx_host_org_strain               'Rossetta2(DE3)' 
_entity_src_gen.pdbx_host_org_variant              ? 
_entity_src_gen.pdbx_host_org_cell_line            ? 
_entity_src_gen.pdbx_host_org_atcc                 ? 
_entity_src_gen.pdbx_host_org_culture_collection   ? 
_entity_src_gen.pdbx_host_org_cell                 ? 
_entity_src_gen.pdbx_host_org_organelle            ? 
_entity_src_gen.pdbx_host_org_cellular_location    ? 
_entity_src_gen.pdbx_host_org_vector_type          'pET28a(+)' 
_entity_src_gen.pdbx_host_org_vector               ? 
_entity_src_gen.host_org_details                   ? 
_entity_src_gen.expression_system_id               ? 
_entity_src_gen.plasmid_name                       pKLSLt 
_entity_src_gen.plasmid_details                    ? 
_entity_src_gen.pdbx_description                   ? 
# 
loop_
_chem_comp.id 
_chem_comp.type 
_chem_comp.mon_nstd_flag 
_chem_comp.name 
_chem_comp.pdbx_synonyms 
_chem_comp.formula 
_chem_comp.formula_weight 
ALA 'L-peptide linking' y ALANINE                     ?                                                                      
'C3 H7 N O2'     89.093  
ARG 'L-peptide linking' y ARGININE                    ?                                                                      
'C6 H15 N4 O2 1' 175.209 
ASN 'L-peptide linking' y ASPARAGINE                  ?                                                                      
'C4 H8 N2 O3'    132.118 
ASP 'L-peptide linking' y 'ASPARTIC ACID'             ?                                                                      
'C4 H7 N O4'     133.103 
CYS 'L-peptide linking' y CYSTEINE                    ?                                                                      
'C3 H7 N O2 S'   121.158 
GLN 'L-peptide linking' y GLUTAMINE                   ?                                                                      
'C5 H10 N2 O3'   146.144 
GLU 'L-peptide linking' y 'GLUTAMIC ACID'             ?                                                                      
'C5 H9 N O4'     147.129 
GLY 'peptide linking'   y GLYCINE                     ?                                                                      
'C2 H5 N O2'     75.067  
HIS 'L-peptide linking' y HISTIDINE                   ?                                                                      
'C6 H10 N3 O2 1' 156.162 
HOH non-polymer         . WATER                       ?                                                                      
'H2 O'           18.015  
IHP non-polymer         . 'INOSITOL HEXAKISPHOSPHATE' 'MYO-INOSITOL HEXAKISPHOSPHATE; INOSITOL 1,2,3,4,5,6-HEXAKISPHOSPHATE' 
'C6 H18 O24 P6'  660.035 
ILE 'L-peptide linking' y ISOLEUCINE                  ?                                                                      
'C6 H13 N O2'    131.173 
LEU 'L-peptide linking' y LEUCINE                     ?                                                                      
'C6 H13 N O2'    131.173 
LYS 'L-peptide linking' y LYSINE                      ?                                                                      
'C6 H15 N2 O2 1' 147.195 
MET 'L-peptide linking' y METHIONINE                  ?                                                                      
'C5 H11 N O2 S'  149.211 
PHE 'L-peptide linking' y PHENYLALANINE               ?                                                                      
'C9 H11 N O2'    165.189 
PRO 'L-peptide linking' y PROLINE                     ?                                                                      
'C5 H9 N O2'     115.130 
SER 'L-peptide linking' y SERINE                      ?                                                                      
'C3 H7 N O3'     105.093 
THR 'L-peptide linking' y THREONINE                   ?                                                                      
'C4 H9 N O3'     119.119 
TRP 'L-peptide linking' y TRYPTOPHAN                  ?                                                                      
'C11 H12 N2 O2'  204.225 
TYR 'L-peptide linking' y TYROSINE                    ?                                                                      
'C9 H11 N O3'    181.189 
VAL 'L-peptide linking' y VALINE                      ?                                                                      
'C5 H11 N O2'    117.146 
# 
loop_
_pdbx_poly_seq_scheme.asym_id 
_pdbx_poly_seq_scheme.entity_id 
_pdbx_poly_seq_scheme.seq_id 
_pdbx_poly_seq_scheme.mon_id 
_pdbx_poly_seq_scheme.ndb_seq_num 
_pdbx_poly_seq_scheme.pdb_seq_num 
_pdbx_poly_seq_scheme.auth_seq_num 
_pdbx_poly_seq_scheme.pdb_mon_id 
_pdbx_poly_seq_scheme.auth_mon_id 
_pdbx_poly_seq_scheme.pdb_strand_id 
_pdbx_poly_seq_scheme.pdb_ins_code 
_pdbx_poly_seq_scheme.hetero 
A 1 1   GLY 1   -2  ?   ?   ?   A . n 
A 1 2   GLY 2   -1  ?   ?   ?   A . n 
A 1 3   SER 3   0   ?   ?   ?   A . n 
A 1 4   MET 4   1   ?   ?   ?   A . n 
A 1 5   GLY 5   2   ?   ?   ?   A . n 
A 1 6   LYS 6   3   ?   ?   ?   A . n 
A 1 7   THR 7   4   ?   ?   ?   A . n 
A 1 8   ALA 8   5   ?   ?   ?   A . n 
A 1 9   ASP 9   6   ?   ?   ?   A . n 
A 1 10  ASN 10  7   ?   ?   ?   A . n 
A 1 11  HIS 11  8   ?   ?   ?   A . n 
A 1 12  GLY 12  9   ?   ?   ?   A . n 
A 1 13  PRO 13  10  ?   ?   ?   A . n 
A 1 14  VAL 14  11  ?   ?   ?   A . n 
A 1 15  ARG 15  12  ?   ?   ?   A . n 
A 1 16  SER 16  13  ?   ?   ?   A . n 
A 1 17  GLU 17  14  ?   ?   ?   A . n 
A 1 18  THR 18  15  ?   ?   ?   A . n 
A 1 19  ALA 19  16  ?   ?   ?   A . n 
A 1 20  ARG 20  17  ?   ?   ?   A . n 
A 1 21  GLU 21  18  ?   ?   ?   A . n 
A 1 22  GLY 22  19  ?   ?   ?   A . n 
A 1 23  ARG 23  20  20  ARG ARG A . n 
A 1 24  GLU 24  21  21  GLU GLU A . n 
A 1 25  ASN 25  22  22  ASN ASN A . n 
A 1 26  GLN 26  23  23  GLN GLN A . n 
A 1 27  VAL 27  24  24  VAL VAL A . n 
A 1 28  TYR 28  25  25  TYR TYR A . n 
A 1 29  SER 29  26  26  SER SER A . n 
A 1 30  PRO 30  27  27  PRO PRO A . n 
A 1 31  VAL 31  28  28  VAL VAL A . n 
A 1 32  THR 32  29  29  THR THR A . n 
A 1 33  GLY 33  30  30  GLY GLY A . n 
A 1 34  ALA 34  31  31  ALA ALA A . n 
A 1 35  ARG 35  32  32  ARG ARG A . n 
A 1 36  LEU 36  33  33  LEU LEU A . n 
A 1 37  VAL 37  34  34  VAL VAL A . n 
A 1 38  ALA 38  35  35  ALA ALA A . n 
A 1 39  GLY 39  36  36  GLY GLY A . n 
A 1 40  CYS 40  37  37  CYS CYS A . n 
A 1 41  ILE 41  38  38  ILE ILE A . n 
A 1 42  CYS 42  39  39  CYS CYS A . n 
A 1 43  LEU 43  40  40  LEU LEU A . n 
A 1 44  THR 44  41  41  THR THR A . n 
A 1 45  PRO 45  42  42  PRO PRO A . n 
A 1 46  ASP 46  43  43  ASP ASP A . n 
A 1 47  LYS 47  44  44  LYS LYS A . n 
A 1 48  LYS 48  45  45  LYS LYS A . n 
A 1 49  GLN 49  46  46  GLN GLN A . n 
A 1 50  VAL 50  47  47  VAL VAL A . n 
A 1 51  LEU 51  48  48  LEU LEU A . n 
A 1 52  MET 52  49  49  MET MET A . n 
A 1 53  ILE 53  50  50  ILE ILE A . n 
A 1 54  THR 54  51  51  THR THR A . n 
A 1 55  SER 55  52  52  SER SER A . n 
A 1 56  SER 56  53  53  SER SER A . n 
A 1 57  ALA 57  54  54  ALA ALA A . n 
A 1 58  HIS 58  55  55  HIS HIS A . n 
A 1 59  LYS 59  56  56  LYS LYS A . n 
A 1 60  LYS 60  57  57  LYS LYS A . n 
A 1 61  ARG 61  58  58  ARG ARG A . n 
A 1 62  TRP 62  59  59  TRP TRP A . n 
A 1 63  ILE 63  60  60  ILE ILE A . n 
A 1 64  VAL 64  61  61  VAL VAL A . n 
A 1 65  PRO 65  62  62  PRO PRO A . n 
A 1 66  LYS 66  63  63  LYS LYS A . n 
A 1 67  GLY 67  64  64  GLY GLY A . n 
A 1 68  GLY 68  65  65  GLY GLY A . n 
A 1 69  VAL 69  66  66  VAL VAL A . n 
A 1 70  GLU 70  67  67  GLU GLU A . n 
A 1 71  LYS 71  68  68  LYS LYS A . n 
A 1 72  ASP 72  69  69  ASP ASP A . n 
A 1 73  GLU 73  70  70  GLU GLU A . n 
A 1 74  PRO 74  71  71  PRO PRO A . n 
A 1 75  ASN 75  72  72  ASN ASN A . n 
A 1 76  TYR 76  73  73  TYR TYR A . n 
A 1 77  GLU 77  74  74  GLU GLU A . n 
A 1 78  THR 78  75  75  THR THR A . n 
A 1 79  THR 79  76  76  THR THR A . n 
A 1 80  ALA 80  77  77  ALA ALA A . n 
A 1 81  GLN 81  78  78  GLN GLN A . n 
A 1 82  ARG 82  79  79  ARG ARG A . n 
A 1 83  GLU 83  80  80  GLU GLU A . n 
A 1 84  THR 84  81  81  THR THR A . n 
A 1 85  TRP 85  82  82  TRP TRP A . n 
A 1 86  GLU 86  83  83  GLU GLU A . n 
A 1 87  GLU 87  84  84  GLU GLU A . n 
A 1 88  ALA 88  85  85  ALA ALA A . n 
A 1 89  GLY 89  86  86  GLY GLY A . n 
A 1 90  CYS 90  87  87  CYS CYS A . n 
A 1 91  ILE 91  88  88  ILE ILE A . n 
A 1 92  GLY 92  89  89  GLY GLY A . n 
A 1 93  LYS 93  90  90  LYS LYS A . n 
A 1 94  ILE 94  91  91  ILE ILE A . n 
A 1 95  VAL 95  92  92  VAL VAL A . n 
A 1 96  ALA 96  93  93  ALA ALA A . n 
A 1 97  ASN 97  94  94  ASN ASN A . n 
A 1 98  LEU 98  95  95  LEU LEU A . n 
A 1 99  GLY 99  96  96  GLY GLY A . n 
A 1 100 THR 100 97  97  THR THR A . n 
A 1 101 VAL 101 98  98  VAL VAL A . n 
A 1 102 GLU 102 99  99  GLU GLU A . n 
A 1 103 ASP 103 100 100 ASP ASP A . n 
A 1 104 MET 104 101 101 MET MET A . n 
A 1 105 ARG 105 102 102 ARG ARG A . n 
A 1 106 PRO 106 103 103 PRO PRO A . n 
A 1 107 PRO 107 104 104 PRO PRO A . n 
A 1 108 LYS 108 105 ?   ?   ?   A . n 
A 1 109 ASP 109 106 ?   ?   ?   A . n 
A 1 110 TRP 110 107 ?   ?   ?   A . n 
A 1 111 ASN 111 108 ?   ?   ?   A . n 
A 1 112 LYS 112 109 ?   ?   ?   A . n 
A 1 113 ASP 113 110 ?   ?   ?   A . n 
A 1 114 ILE 114 111 ?   ?   ?   A . n 
A 1 115 LYS 115 112 ?   ?   ?   A . n 
A 1 116 GLN 116 113 113 GLN GLN A . n 
A 1 117 PHE 117 114 114 PHE PHE A . n 
A 1 118 GLU 118 115 115 GLU GLU A . n 
A 1 119 ASN 119 116 116 ASN ASN A . n 
A 1 120 SER 120 117 117 SER SER A . n 
A 1 121 ARG 121 118 118 ARG ARG A . n 
A 1 122 LYS 122 119 119 LYS LYS A . n 
A 1 123 ASP 123 120 120 ASP ASP A . n 
A 1 124 SER 124 121 121 SER SER A . n 
A 1 125 GLU 125 122 122 GLU GLU A . n 
A 1 126 VAL 126 123 123 VAL VAL A . n 
A 1 127 ALA 127 124 124 ALA ALA A . n 
A 1 128 LYS 128 125 125 LYS LYS A . n 
A 1 129 HIS 129 126 126 HIS HIS A . n 
A 1 130 PRO 130 127 127 PRO PRO A . n 
A 1 131 PRO 131 128 128 PRO PRO A . n 
A 1 132 ARG 132 129 129 ARG ARG A . n 
A 1 133 THR 133 130 130 THR THR A . n 
A 1 134 GLU 134 131 131 GLU GLU A . n 
A 1 135 PHE 135 132 132 PHE PHE A . n 
A 1 136 HIS 136 133 133 HIS HIS A . n 
A 1 137 PHE 137 134 134 PHE PHE A . n 
A 1 138 TYR 138 135 135 TYR TYR A . n 
A 1 139 GLU 139 136 136 GLU GLU A . n 
A 1 140 LEU 140 137 137 LEU LEU A . n 
A 1 141 GLU 141 138 138 GLU GLU A . n 
A 1 142 ILE 142 139 139 ILE ILE A . n 
A 1 143 GLU 143 140 140 GLU GLU A . n 
A 1 144 ASN 144 141 141 ASN ASN A . n 
A 1 145 LEU 145 142 142 LEU LEU A . n 
A 1 146 LEU 146 143 143 LEU LEU A . n 
A 1 147 ASP 147 144 144 ASP ASP A . n 
A 1 148 LYS 148 145 145 LYS LYS A . n 
A 1 149 PHE 149 146 146 PHE PHE A . n 
A 1 150 PRO 150 147 147 PRO PRO A . n 
A 1 151 GLU 151 148 148 GLU GLU A . n 
A 1 152 CYS 152 149 149 CYS CYS A . n 
A 1 153 HIS 153 150 150 HIS HIS A . n 
A 1 154 LYS 154 151 151 LYS LYS A . n 
A 1 155 ARG 155 152 152 ARG ARG A . n 
A 1 156 HIS 156 153 153 HIS HIS A . n 
A 1 157 ARG 157 154 154 ARG ARG A . n 
A 1 158 LYS 158 155 155 LYS LYS A . n 
A 1 159 LEU 159 156 156 LEU LEU A . n 
A 1 160 TYR 160 157 157 TYR TYR A . n 
A 1 161 SER 161 158 158 SER SER A . n 
A 1 162 TYR 162 159 159 TYR TYR A . n 
A 1 163 THR 163 160 160 THR THR A . n 
A 1 164 GLU 164 161 161 GLU GLU A . n 
A 1 165 ALA 165 162 162 ALA ALA A . n 
A 1 166 LYS 166 163 163 LYS LYS A . n 
A 1 167 GLN 167 164 164 GLN GLN A . n 
A 1 168 ASN 168 165 165 ASN ASN A . n 
A 1 169 LEU 169 166 166 LEU LEU A . n 
A 1 170 ILE 170 167 167 ILE ILE A . n 
A 1 171 ASP 171 168 168 ASP ASP A . n 
A 1 172 ALA 172 169 169 ALA ALA A . n 
A 1 173 LYS 173 170 170 LYS LYS A . n 
A 1 174 ARG 174 171 171 ARG ARG A . n 
A 1 175 PRO 175 172 172 PRO PRO A . n 
A 1 176 GLU 176 173 173 GLU GLU A . n 
A 1 177 LEU 177 174 174 LEU LEU A . n 
A 1 178 LEU 178 175 175 LEU LEU A . n 
A 1 179 GLU 179 176 176 GLU GLU A . n 
A 1 180 ALA 180 177 177 ALA ALA A . n 
A 1 181 LEU 181 178 178 LEU LEU A . n 
A 1 182 ASN 182 179 179 ASN ASN A . n 
A 1 183 ARG 183 180 180 ARG ARG A . n 
A 1 184 SER 184 181 181 SER SER A . n 
A 1 185 ALA 185 182 182 ALA ALA A . n 
A 1 186 ILE 186 183 183 ILE ILE A . n 
A 1 187 ILE 187 184 184 ILE ILE A . n 
A 1 188 LYS 188 185 185 LYS LYS A . n 
A 1 189 ASP 189 186 186 ASP ASP A . n 
A 1 190 ASP 190 187 ?   ?   ?   A . n 
A 1 191 LYS 191 188 ?   ?   ?   A . n 
# 
loop_
_pdbx_nonpoly_scheme.asym_id 
_pdbx_nonpoly_scheme.entity_id 
_pdbx_nonpoly_scheme.mon_id 
_pdbx_nonpoly_scheme.ndb_seq_num 
_pdbx_nonpoly_scheme.pdb_seq_num 
_pdbx_nonpoly_scheme.auth_seq_num 
_pdbx_nonpoly_scheme.pdb_mon_id 
_pdbx_nonpoly_scheme.auth_mon_id 
_pdbx_nonpoly_scheme.pdb_strand_id 
_pdbx_nonpoly_scheme.pdb_ins_code 
B 2 IHP 1  201 201 IHP IHP A . 
C 3 HOH 1  301 104 HOH HOH A . 
C 3 HOH 2  302 103 HOH HOH A . 
C 3 HOH 3  303 46  HOH HOH A . 
C 3 HOH 4  304 88  HOH HOH A . 
C 3 HOH 5  305 38  HOH HOH A . 
C 3 HOH 6  306 16  HOH HOH A . 
C 3 HOH 7  307 49  HOH HOH A . 
C 3 HOH 8  308 95  HOH HOH A . 
C 3 HOH 9  309 105 HOH HOH A . 
C 3 HOH 10 310 12  HOH HOH A . 
C 3 HOH 11 311 86  HOH HOH A . 
C 3 HOH 12 312 7   HOH HOH A . 
C 3 HOH 13 313 111 HOH HOH A . 
C 3 HOH 14 314 85  HOH HOH A . 
C 3 HOH 15 315 28  HOH HOH A . 
C 3 HOH 16 316 18  HOH HOH A . 
C 3 HOH 17 317 51  HOH HOH A . 
C 3 HOH 18 318 62  HOH HOH A . 
C 3 HOH 19 319 14  HOH HOH A . 
C 3 HOH 20 320 76  HOH HOH A . 
C 3 HOH 21 321 70  HOH HOH A . 
C 3 HOH 22 322 20  HOH HOH A . 
C 3 HOH 23 323 32  HOH HOH A . 
C 3 HOH 24 324 112 HOH HOH A . 
C 3 HOH 25 325 53  HOH HOH A . 
C 3 HOH 26 326 30  HOH HOH A . 
C 3 HOH 27 327 39  HOH HOH A . 
C 3 HOH 28 328 59  HOH HOH A . 
C 3 HOH 29 329 45  HOH HOH A . 
C 3 HOH 30 330 33  HOH HOH A . 
C 3 HOH 31 331 31  HOH HOH A . 
C 3 HOH 32 332 107 HOH HOH A . 
C 3 HOH 33 333 81  HOH HOH A . 
C 3 HOH 34 334 47  HOH HOH A . 
C 3 HOH 35 335 11  HOH HOH A . 
C 3 HOH 36 336 92  HOH HOH A . 
C 3 HOH 37 337 21  HOH HOH A . 
C 3 HOH 38 338 90  HOH HOH A . 
C 3 HOH 39 339 78  HOH HOH A . 
C 3 HOH 40 340 102 HOH HOH A . 
C 3 HOH 41 341 87  HOH HOH A . 
C 3 HOH 42 342 66  HOH HOH A . 
C 3 HOH 43 343 73  HOH HOH A . 
C 3 HOH 44 344 65  HOH HOH A . 
C 3 HOH 45 345 37  HOH HOH A . 
C 3 HOH 46 346 61  HOH HOH A . 
C 3 HOH 47 347 36  HOH HOH A . 
C 3 HOH 48 348 74  HOH HOH A . 
C 3 HOH 49 349 41  HOH HOH A . 
C 3 HOH 50 350 72  HOH HOH A . 
C 3 HOH 51 351 19  HOH HOH A . 
C 3 HOH 52 352 42  HOH HOH A . 
C 3 HOH 53 353 94  HOH HOH A . 
C 3 HOH 54 354 82  HOH HOH A . 
C 3 HOH 55 355 63  HOH HOH A . 
C 3 HOH 56 356 44  HOH HOH A . 
C 3 HOH 57 357 57  HOH HOH A . 
C 3 HOH 58 358 114 HOH HOH A . 
C 3 HOH 59 359 52  HOH HOH A . 
C 3 HOH 60 360 58  HOH HOH A . 
C 3 HOH 61 361 110 HOH HOH A . 
C 3 HOH 62 362 24  HOH HOH A . 
C 3 HOH 63 363 68  HOH HOH A . 
C 3 HOH 64 364 77  HOH HOH A . 
C 3 HOH 65 365 79  HOH HOH A . 
C 3 HOH 66 366 106 HOH HOH A . 
C 3 HOH 67 367 60  HOH HOH A . 
C 3 HOH 68 368 67  HOH HOH A . 
C 3 HOH 69 369 40  HOH HOH A . 
C 3 HOH 70 370 50  HOH HOH A . 
C 3 HOH 71 371 84  HOH HOH A . 
C 3 HOH 72 372 113 HOH HOH A . 
C 3 HOH 73 373 108 HOH HOH A . 
C 3 HOH 74 374 109 HOH HOH A . 
C 3 HOH 75 375 10  HOH HOH A . 
C 3 HOH 76 376 43  HOH HOH A . 
# 
loop_
_software.citation_id 
_software.classification 
_software.compiler_name 
_software.compiler_version 
_software.contact_author 
_software.contact_author_email 
_software.date 
_software.description 
_software.dependencies 
_software.hardware 
_software.language 
_software.location 
_software.mods 
_software.name 
_software.os 
_software.os_version 
_software.type 
_software.version 
_software.pdbx_ordinal 
? refinement        ? ? ? ? ? ? ? ? ? ? ? REFMAC      ? ? ? 5.8.0258 1 
? 'data extraction' ? ? ? ? ? ? ? ? ? ? ? PDB_EXTRACT ? ? ? 3.25     2 
? 'data reduction'  ? ? ? ? ? ? ? ? ? ? ? XDS         ? ? ? .        3 
? 'data scaling'    ? ? ? ? ? ? ? ? ? ? ? XDS         ? ? ? .        4 
? phasing           ? ? ? ? ? ? ? ? ? ? ? MOLREP      ? ? ? .        5 
? 'model building'  ? ? ? ? ? ? ? ? ? ? ? Coot        ? ? ? .        6 
# 
_cell.angle_alpha                  90.000 
_cell.angle_alpha_esd              ? 
_cell.angle_beta                   90.000 
_cell.angle_beta_esd               ? 
_cell.angle_gamma                  120.000 
_cell.angle_gamma_esd              ? 
_cell.entry_id                     7AUI 
_cell.details                      ? 
_cell.formula_units_Z              ? 
_cell.length_a                     61.776 
_cell.length_a_esd                 ? 
_cell.length_b                     61.776 
_cell.length_b_esd                 ? 
_cell.length_c                     96.458 
_cell.length_c_esd                 ? 
_cell.volume                       ? 
_cell.volume_esd                   ? 
_cell.Z_PDB                        6 
_cell.reciprocal_angle_alpha       ? 
_cell.reciprocal_angle_beta        ? 
_cell.reciprocal_angle_gamma       ? 
_cell.reciprocal_angle_alpha_esd   ? 
_cell.reciprocal_angle_beta_esd    ? 
_cell.reciprocal_angle_gamma_esd   ? 
_cell.reciprocal_length_a          ? 
_cell.reciprocal_length_b          ? 
_cell.reciprocal_length_c          ? 
_cell.reciprocal_length_a_esd      ? 
_cell.reciprocal_length_b_esd      ? 
_cell.reciprocal_length_c_esd      ? 
_cell.pdbx_unique_axis             ? 
# 
_symmetry.entry_id                         7AUI 
_symmetry.cell_setting                     ? 
_symmetry.Int_Tables_number                154 
_symmetry.space_group_name_Hall            ? 
_symmetry.space_group_name_H-M             'P 32 2 1' 
_symmetry.pdbx_full_space_group_name_H-M   ? 
# 
_exptl.absorpt_coefficient_mu     ? 
_exptl.absorpt_correction_T_max   ? 
_exptl.absorpt_correction_T_min   ? 
_exptl.absorpt_correction_type    ? 
_exptl.absorpt_process_details    ? 
_exptl.entry_id                   7AUI 
_exptl.crystals_number            1 
_exptl.details                    ? 
_exptl.method                     'X-RAY DIFFRACTION' 
_exptl.method_details             ? 
# 
_exptl_crystal.colour                      ? 
_exptl_crystal.density_diffrn              ? 
_exptl_crystal.density_Matthews            2.44 
_exptl_crystal.density_method              ? 
_exptl_crystal.density_percent_sol         49.63 
_exptl_crystal.description                 Bipyramid 
_exptl_crystal.F_000                       ? 
_exptl_crystal.id                          1 
_exptl_crystal.preparation                 ? 
_exptl_crystal.size_max                    ? 
_exptl_crystal.size_mid                    ? 
_exptl_crystal.size_min                    ? 
_exptl_crystal.size_rad                    ? 
_exptl_crystal.colour_lustre               ? 
_exptl_crystal.colour_modifier             ? 
_exptl_crystal.colour_primary              ? 
_exptl_crystal.density_meas                ? 
_exptl_crystal.density_meas_esd            ? 
_exptl_crystal.density_meas_gt             ? 
_exptl_crystal.density_meas_lt             ? 
_exptl_crystal.density_meas_temp           ? 
_exptl_crystal.density_meas_temp_esd       ? 
_exptl_crystal.density_meas_temp_gt        ? 
_exptl_crystal.density_meas_temp_lt        ? 
_exptl_crystal.pdbx_crystal_image_url      ? 
_exptl_crystal.pdbx_crystal_image_format   ? 
_exptl_crystal.pdbx_mosaicity              ? 
_exptl_crystal.pdbx_mosaicity_esd          ? 
# 
_exptl_crystal_grow.apparatus       ? 
_exptl_crystal_grow.atmosphere      ? 
_exptl_crystal_grow.crystal_id      1 
_exptl_crystal_grow.details         ? 
_exptl_crystal_grow.method          'VAPOR DIFFUSION, SITTING DROP' 
_exptl_crystal_grow.method_ref      ? 
_exptl_crystal_grow.pH              4.5 
_exptl_crystal_grow.pressure        ? 
_exptl_crystal_grow.pressure_esd    ? 
_exptl_crystal_grow.seeding         ? 
_exptl_crystal_grow.seeding_ref     ? 
_exptl_crystal_grow.temp            291 
_exptl_crystal_grow.temp_details    ? 
_exptl_crystal_grow.temp_esd        ? 
_exptl_crystal_grow.time            ? 
_exptl_crystal_grow.pdbx_details    
;25% PEG 6000, 0.1 M Sodium acetate pH 4.5, 0.1 M NaCl. Protein:precipitant ratio 2:1. 

Protein buffer: 20 mM Tris pH 8.0, 150 mM NaCl, 1 mM DTT, 5 mM InsP6.
;
_exptl_crystal_grow.pdbx_pH_range   ? 
# 
_diffrn.ambient_environment              ? 
_diffrn.ambient_temp                     100 
_diffrn.ambient_temp_details             ? 
_diffrn.ambient_temp_esd                 ? 
_diffrn.crystal_id                       1 
_diffrn.crystal_support                  ? 
_diffrn.crystal_treatment                ? 
_diffrn.details                          ? 
_diffrn.id                               1 
_diffrn.ambient_pressure                 ? 
_diffrn.ambient_pressure_esd             ? 
_diffrn.ambient_pressure_gt              ? 
_diffrn.ambient_pressure_lt              ? 
_diffrn.ambient_temp_gt                  ? 
_diffrn.ambient_temp_lt                  ? 
_diffrn.pdbx_serial_crystal_experiment   N 
# 
_diffrn_detector.details                      'KB focusing mirrors' 
_diffrn_detector.detector                     PIXEL 
_diffrn_detector.diffrn_id                    1 
_diffrn_detector.type                         'DECTRIS PILATUS3 S 6M' 
_diffrn_detector.area_resol_mean              ? 
_diffrn_detector.dtime                        ? 
_diffrn_detector.pdbx_frames_total            ? 
_diffrn_detector.pdbx_collection_time_total   ? 
_diffrn_detector.pdbx_collection_date         2018-11-14 
_diffrn_detector.pdbx_frequency               ? 
# 
_diffrn_radiation.collimation                      ? 
_diffrn_radiation.diffrn_id                        1 
_diffrn_radiation.filter_edge                      ? 
_diffrn_radiation.inhomogeneity                    ? 
_diffrn_radiation.monochromator                    'Si(111) channel-cut, cryocooled' 
_diffrn_radiation.polarisn_norm                    ? 
_diffrn_radiation.polarisn_ratio                   ? 
_diffrn_radiation.probe                            ? 
_diffrn_radiation.type                             ? 
_diffrn_radiation.xray_symbol                      ? 
_diffrn_radiation.wavelength_id                    1 
_diffrn_radiation.pdbx_monochromatic_or_laue_m_l   M 
_diffrn_radiation.pdbx_wavelength_list             ? 
_diffrn_radiation.pdbx_wavelength                  ? 
_diffrn_radiation.pdbx_diffrn_protocol             'SINGLE WAVELENGTH' 
_diffrn_radiation.pdbx_analyzer                    ? 
_diffrn_radiation.pdbx_scattering_type             x-ray 
# 
_diffrn_radiation_wavelength.id           1 
_diffrn_radiation_wavelength.wavelength   0.979260 
_diffrn_radiation_wavelength.wt           1.0 
# 
_diffrn_source.current                     ? 
_diffrn_source.details                     ? 
_diffrn_source.diffrn_id                   1 
_diffrn_source.power                       ? 
_diffrn_source.size                        ? 
_diffrn_source.source                      SYNCHROTRON 
_diffrn_source.target                      ? 
_diffrn_source.type                        'ALBA BEAMLINE XALOC' 
_diffrn_source.voltage                     ? 
_diffrn_source.take-off_angle              ? 
_diffrn_source.pdbx_wavelength_list        0.979260 
_diffrn_source.pdbx_wavelength             ? 
_diffrn_source.pdbx_synchrotron_beamline   XALOC 
_diffrn_source.pdbx_synchrotron_site       ALBA 
# 
_reflns.B_iso_Wilson_estimate            36.149 
_reflns.entry_id                         7AUI 
_reflns.data_reduction_details           ? 
_reflns.data_reduction_method            ? 
_reflns.d_resolution_high                1.98 
_reflns.d_resolution_low                 48.23 
_reflns.details                          ? 
_reflns.limit_h_max                      ? 
_reflns.limit_h_min                      ? 
_reflns.limit_k_max                      ? 
_reflns.limit_k_min                      ? 
_reflns.limit_l_max                      ? 
_reflns.limit_l_min                      ? 
_reflns.number_all                       ? 
_reflns.number_obs                       15385 
_reflns.observed_criterion               ? 
_reflns.observed_criterion_F_max         ? 
_reflns.observed_criterion_F_min         ? 
_reflns.observed_criterion_I_max         ? 
_reflns.observed_criterion_I_min         ? 
_reflns.observed_criterion_sigma_F       ? 
_reflns.observed_criterion_sigma_I       ? 
_reflns.percent_possible_obs             100 
_reflns.R_free_details                   ? 
_reflns.Rmerge_F_all                     ? 
_reflns.Rmerge_F_obs                     ? 
_reflns.Friedel_coverage                 ? 
_reflns.number_gt                        ? 
_reflns.threshold_expression             ? 
_reflns.pdbx_redundancy                  17.3 
_reflns.pdbx_Rmerge_I_obs                0.050 
_reflns.pdbx_Rmerge_I_all                ? 
_reflns.pdbx_Rsym_value                  ? 
_reflns.pdbx_netI_over_av_sigmaI         ? 
_reflns.pdbx_netI_over_sigmaI            32.3 
_reflns.pdbx_res_netI_over_av_sigmaI_2   ? 
_reflns.pdbx_res_netI_over_sigmaI_2      ? 
_reflns.pdbx_chi_squared                 ? 
_reflns.pdbx_scaling_rejects             ? 
_reflns.pdbx_d_res_high_opt              ? 
_reflns.pdbx_d_res_low_opt               ? 
_reflns.pdbx_d_res_opt_method            ? 
_reflns.phase_calculation_details        ? 
_reflns.pdbx_Rrim_I_all                  ? 
_reflns.pdbx_Rpim_I_all                  0.013 
_reflns.pdbx_d_opt                       ? 
_reflns.pdbx_number_measured_all         ? 
_reflns.pdbx_diffrn_id                   1 
_reflns.pdbx_ordinal                     1 
_reflns.pdbx_CC_half                     1.000 
_reflns.pdbx_CC_star                     ? 
_reflns.pdbx_R_split                     ? 
# 
_reflns_shell.d_res_high                  1.98 
_reflns_shell.d_res_low                   2.03 
_reflns_shell.meanI_over_sigI_all         ? 
_reflns_shell.meanI_over_sigI_obs         5.5 
_reflns_shell.number_measured_all         ? 
_reflns_shell.number_measured_obs         ? 
_reflns_shell.number_possible             ? 
_reflns_shell.number_unique_all           ? 
_reflns_shell.number_unique_obs           1047 
_reflns_shell.percent_possible_all        100 
_reflns_shell.percent_possible_obs        ? 
_reflns_shell.Rmerge_F_all                ? 
_reflns_shell.Rmerge_F_obs                ? 
_reflns_shell.Rmerge_I_all                ? 
_reflns_shell.Rmerge_I_obs                0.663 
_reflns_shell.meanI_over_sigI_gt          ? 
_reflns_shell.meanI_over_uI_all           ? 
_reflns_shell.meanI_over_uI_gt            ? 
_reflns_shell.number_measured_gt          ? 
_reflns_shell.number_unique_gt            ? 
_reflns_shell.percent_possible_gt         ? 
_reflns_shell.Rmerge_F_gt                 ? 
_reflns_shell.Rmerge_I_gt                 ? 
_reflns_shell.pdbx_redundancy             18.5 
_reflns_shell.pdbx_Rsym_value             ? 
_reflns_shell.pdbx_chi_squared            ? 
_reflns_shell.pdbx_netI_over_sigmaI_all   ? 
_reflns_shell.pdbx_netI_over_sigmaI_obs   ? 
_reflns_shell.pdbx_Rrim_I_all             ? 
_reflns_shell.pdbx_Rpim_I_all             0.159 
_reflns_shell.pdbx_rejects                ? 
_reflns_shell.pdbx_ordinal                1 
_reflns_shell.pdbx_diffrn_id              1 
_reflns_shell.pdbx_CC_half                0.920 
_reflns_shell.pdbx_CC_star                ? 
_reflns_shell.pdbx_R_split                ? 
# 
_refine.aniso_B[1][1]                            0.2200 
_refine.aniso_B[1][2]                            0.1100 
_refine.aniso_B[1][3]                            0.0000 
_refine.aniso_B[2][2]                            0.2200 
_refine.aniso_B[2][3]                            0.0000 
_refine.aniso_B[3][3]                            -0.7100 
_refine.B_iso_max                                119.550 
_refine.B_iso_mean                               46.0760 
_refine.B_iso_min                                26.070 
_refine.correlation_coeff_Fo_to_Fc               0.9560 
_refine.correlation_coeff_Fo_to_Fc_free          0.9530 
_refine.details                                  
'HYDROGENS HAVE BEEN ADDED IN THE RIDING POSITIONS U VALUES      : REFINED INDIVIDUALLY' 
_refine.diff_density_max                         ? 
_refine.diff_density_max_esd                     ? 
_refine.diff_density_min                         ? 
_refine.diff_density_min_esd                     ? 
_refine.diff_density_rms                         ? 
_refine.diff_density_rms_esd                     ? 
_refine.entry_id                                 7AUI 
_refine.pdbx_refine_id                           'X-RAY DIFFRACTION' 
_refine.ls_abs_structure_details                 ? 
_refine.ls_abs_structure_Flack                   ? 
_refine.ls_abs_structure_Flack_esd               ? 
_refine.ls_abs_structure_Rogers                  ? 
_refine.ls_abs_structure_Rogers_esd              ? 
_refine.ls_d_res_high                            1.9800 
_refine.ls_d_res_low                             46.8300 
_refine.ls_extinction_coef                       ? 
_refine.ls_extinction_coef_esd                   ? 
_refine.ls_extinction_expression                 ? 
_refine.ls_extinction_method                     ? 
_refine.ls_goodness_of_fit_all                   ? 
_refine.ls_goodness_of_fit_all_esd               ? 
_refine.ls_goodness_of_fit_obs                   ? 
_refine.ls_goodness_of_fit_obs_esd               ? 
_refine.ls_hydrogen_treatment                    ? 
_refine.ls_matrix_type                           ? 
_refine.ls_number_constraints                    ? 
_refine.ls_number_parameters                     ? 
_refine.ls_number_reflns_all                     ? 
_refine.ls_number_reflns_obs                     14577 
_refine.ls_number_reflns_R_free                  779 
_refine.ls_number_reflns_R_work                  ? 
_refine.ls_number_restraints                     ? 
_refine.ls_percent_reflns_obs                    99.9800 
_refine.ls_percent_reflns_R_free                 5.1000 
_refine.ls_R_factor_all                          ? 
_refine.ls_R_factor_obs                          0.2083 
_refine.ls_R_factor_R_free                       0.2206 
_refine.ls_R_factor_R_free_error                 ? 
_refine.ls_R_factor_R_free_error_details         ? 
_refine.ls_R_factor_R_work                       0.2076 
_refine.ls_R_Fsqd_factor_obs                     ? 
_refine.ls_R_I_factor_obs                        ? 
_refine.ls_redundancy_reflns_all                 ? 
_refine.ls_redundancy_reflns_obs                 ? 
_refine.ls_restrained_S_all                      ? 
_refine.ls_restrained_S_obs                      ? 
_refine.ls_shift_over_esd_max                    ? 
_refine.ls_shift_over_esd_mean                   ? 
_refine.ls_structure_factor_coef                 ? 
_refine.ls_weighting_details                     ? 
_refine.ls_weighting_scheme                      ? 
_refine.ls_wR_factor_all                         ? 
_refine.ls_wR_factor_obs                         ? 
_refine.ls_wR_factor_R_free                      ? 
_refine.ls_wR_factor_R_work                      ? 
_refine.occupancy_max                            ? 
_refine.occupancy_min                            ? 
_refine.solvent_model_details                    MASK 
_refine.solvent_model_param_bsol                 ? 
_refine.solvent_model_param_ksol                 ? 
_refine.pdbx_R_complete                          ? 
_refine.ls_R_factor_gt                           ? 
_refine.ls_goodness_of_fit_gt                    ? 
_refine.ls_goodness_of_fit_ref                   ? 
_refine.ls_shift_over_su_max                     ? 
_refine.ls_shift_over_su_max_lt                  ? 
_refine.ls_shift_over_su_mean                    ? 
_refine.ls_shift_over_su_mean_lt                 ? 
_refine.pdbx_ls_sigma_I                          ? 
_refine.pdbx_ls_sigma_F                          0.000 
_refine.pdbx_ls_sigma_Fsqd                       ? 
_refine.pdbx_data_cutoff_high_absF               ? 
_refine.pdbx_data_cutoff_high_rms_absF           ? 
_refine.pdbx_data_cutoff_low_absF                ? 
_refine.pdbx_isotropic_thermal_model             ? 
_refine.pdbx_ls_cross_valid_method               THROUGHOUT 
_refine.pdbx_method_to_determine_struct          'MOLECULAR REPLACEMENT' 
_refine.pdbx_starting_model                      2FVV 
_refine.pdbx_stereochemistry_target_values       'MAXIMUM LIKELIHOOD' 
_refine.pdbx_R_Free_selection_details            RANDOM 
_refine.pdbx_stereochem_target_val_spec_case     ? 
_refine.pdbx_overall_ESU_R                       0.1650 
_refine.pdbx_overall_ESU_R_Free                  0.1380 
_refine.pdbx_solvent_vdw_probe_radii             1.2000 
_refine.pdbx_solvent_ion_probe_radii             0.8000 
_refine.pdbx_solvent_shrinkage_radii             0.8000 
_refine.pdbx_real_space_R                        ? 
_refine.pdbx_density_correlation                 ? 
_refine.pdbx_pd_number_of_powder_patterns        ? 
_refine.pdbx_pd_number_of_points                 ? 
_refine.pdbx_pd_meas_number_of_points            ? 
_refine.pdbx_pd_proc_ls_prof_R_factor            ? 
_refine.pdbx_pd_proc_ls_prof_wR_factor           ? 
_refine.pdbx_pd_Marquardt_correlation_coeff      ? 
_refine.pdbx_pd_Fsqrd_R_factor                   ? 
_refine.pdbx_pd_ls_matrix_band_width             ? 
_refine.pdbx_overall_phase_error                 ? 
_refine.pdbx_overall_SU_R_free_Cruickshank_DPI   ? 
_refine.pdbx_overall_SU_R_free_Blow_DPI          ? 
_refine.pdbx_overall_SU_R_Blow_DPI               ? 
_refine.pdbx_TLS_residual_ADP_flag               ? 
_refine.pdbx_diffrn_id                           1 
_refine.overall_SU_B                             3.9870 
_refine.overall_SU_ML                            0.1090 
_refine.overall_SU_R_Cruickshank_DPI             ? 
_refine.overall_SU_R_free                        ? 
_refine.overall_FOM_free_R_set                   ? 
_refine.overall_FOM_work_R_set                   ? 
_refine.pdbx_average_fsc_overall                 ? 
_refine.pdbx_average_fsc_work                    ? 
_refine.pdbx_average_fsc_free                    ? 
# 
_refine_hist.pdbx_refine_id                   'X-RAY DIFFRACTION' 
_refine_hist.cycle_id                         final 
_refine_hist.details                          ? 
_refine_hist.d_res_high                       1.9800 
_refine_hist.d_res_low                        46.8300 
_refine_hist.number_atoms_solvent             76 
_refine_hist.number_atoms_total               1398 
_refine_hist.number_reflns_all                ? 
_refine_hist.number_reflns_obs                ? 
_refine_hist.number_reflns_R_free             ? 
_refine_hist.number_reflns_R_work             ? 
_refine_hist.R_factor_all                     ? 
_refine_hist.R_factor_obs                     ? 
_refine_hist.R_factor_R_free                  ? 
_refine_hist.R_factor_R_work                  ? 
_refine_hist.pdbx_number_residues_total       159 
_refine_hist.pdbx_B_iso_mean_ligand           75.57 
_refine_hist.pdbx_B_iso_mean_solvent          50.06 
_refine_hist.pdbx_number_atoms_protein        1286 
_refine_hist.pdbx_number_atoms_nucleic_acid   0 
_refine_hist.pdbx_number_atoms_ligand         36 
_refine_hist.pdbx_number_atoms_lipid          ? 
_refine_hist.pdbx_number_atoms_carb           ? 
_refine_hist.pdbx_pseudo_atom_details         ? 
# 
loop_
_refine_ls_restr.pdbx_refine_id 
_refine_ls_restr.criterion 
_refine_ls_restr.dev_ideal 
_refine_ls_restr.dev_ideal_target 
_refine_ls_restr.number 
_refine_ls_restr.rejects 
_refine_ls_restr.type 
_refine_ls_restr.weight 
_refine_ls_restr.pdbx_restraint_function 
'X-RAY DIFFRACTION' ? 0.006  0.013  1348 ? r_bond_refined_d       ? ? 
'X-RAY DIFFRACTION' ? 0.001  0.017  1242 ? r_bond_other_d         ? ? 
'X-RAY DIFFRACTION' ? 1.546  1.688  1829 ? r_angle_refined_deg    ? ? 
'X-RAY DIFFRACTION' ? 1.232  1.584  2901 ? r_angle_other_deg      ? ? 
'X-RAY DIFFRACTION' ? 7.258  5.000  157  ? r_dihedral_angle_1_deg ? ? 
'X-RAY DIFFRACTION' ? 30.014 22.000 75   ? r_dihedral_angle_2_deg ? ? 
'X-RAY DIFFRACTION' ? 15.570 15.000 246  ? r_dihedral_angle_3_deg ? ? 
'X-RAY DIFFRACTION' ? 14.571 15.000 11   ? r_dihedral_angle_4_deg ? ? 
'X-RAY DIFFRACTION' ? 0.061  0.200  170  ? r_chiral_restr         ? ? 
'X-RAY DIFFRACTION' ? 0.006  0.020  1441 ? r_gen_planes_refined   ? ? 
'X-RAY DIFFRACTION' ? 0.001  0.020  264  ? r_gen_planes_other     ? ? 
# 
_refine_ls_shell.pdbx_refine_id                   'X-RAY DIFFRACTION' 
_refine_ls_shell.d_res_high                       1.9800 
_refine_ls_shell.d_res_low                        2.0310 
_refine_ls_shell.number_reflns_all                1099 
_refine_ls_shell.number_reflns_obs                ? 
_refine_ls_shell.number_reflns_R_free             58 
_refine_ls_shell.number_reflns_R_work             1041 
_refine_ls_shell.percent_reflns_obs               99.9100 
_refine_ls_shell.percent_reflns_R_free            ? 
_refine_ls_shell.R_factor_all                     ? 
_refine_ls_shell.R_factor_obs                     ? 
_refine_ls_shell.R_factor_R_free                  0.2850 
_refine_ls_shell.R_factor_R_free_error            0.0000 
_refine_ls_shell.R_factor_R_work                  0.2660 
_refine_ls_shell.redundancy_reflns_all            ? 
_refine_ls_shell.redundancy_reflns_obs            ? 
_refine_ls_shell.wR_factor_all                    ? 
_refine_ls_shell.wR_factor_obs                    ? 
_refine_ls_shell.wR_factor_R_free                 ? 
_refine_ls_shell.wR_factor_R_work                 ? 
_refine_ls_shell.pdbx_R_complete                  ? 
_refine_ls_shell.pdbx_total_number_of_bins_used   20 
_refine_ls_shell.pdbx_phase_error                 ? 
_refine_ls_shell.pdbx_fsc_work                    ? 
_refine_ls_shell.pdbx_fsc_free                    ? 
# 
_struct.entry_id                     7AUI 
_struct.title                        'Yeast Diphosphoinositol Polyphosphate Phosphohydrolase DDP1 in complex with InsP6' 
_struct.pdbx_model_details           ? 
_struct.pdbx_formula_weight          ? 
_struct.pdbx_formula_weight_method   ? 
_struct.pdbx_model_type_details      ? 
_struct.pdbx_CASP_flag               N 
# 
_struct_keywords.entry_id        7AUI 
_struct_keywords.text            
'Inositol, PP-InsP, Pyrophosphatase, Polyphosphate, Diadenosine polyphosphate, DDP1, Nudix, HYDROLASE' 
_struct_keywords.pdbx_keywords   HYDROLASE 
# 
loop_
_struct_asym.id 
_struct_asym.pdbx_blank_PDB_chainid_flag 
_struct_asym.pdbx_modified 
_struct_asym.entity_id 
_struct_asym.details 
A N N 1 ? 
B N N 2 ? 
C N N 3 ? 
# 
_struct_ref.id                         1 
_struct_ref.db_name                    UNP 
_struct_ref.db_code                    DDP1_YEAST 
_struct_ref.pdbx_db_accession          Q99321 
_struct_ref.pdbx_db_isoform            ? 
_struct_ref.entity_id                  1 
_struct_ref.pdbx_seq_one_letter_code   
;MGKTADNHGPVRSETAREGRENQVYSPVTGARLVAGCICLTPDKKQVLMITSSAHKKRWIVPKGGVEKDEPNYETTAQRE
TWEEAGCIGKIVANLGTVEDMRPPKDWNKDIKQFENSRKDSEVAKHPPRTEFHFYELEIENLLDKFPECHKRHRKLYSYT
EAKQNLIDAKRPELLEALNRSAIIKDDK
;
_struct_ref.pdbx_align_begin           1 
# 
_struct_ref_seq.align_id                      1 
_struct_ref_seq.ref_id                        1 
_struct_ref_seq.pdbx_PDB_id_code              7AUI 
_struct_ref_seq.pdbx_strand_id                A 
_struct_ref_seq.seq_align_beg                 4 
_struct_ref_seq.pdbx_seq_align_beg_ins_code   ? 
_struct_ref_seq.seq_align_end                 191 
_struct_ref_seq.pdbx_seq_align_end_ins_code   ? 
_struct_ref_seq.pdbx_db_accession             Q99321 
_struct_ref_seq.db_align_beg                  1 
_struct_ref_seq.pdbx_db_align_beg_ins_code    ? 
_struct_ref_seq.db_align_end                  188 
_struct_ref_seq.pdbx_db_align_end_ins_code    ? 
_struct_ref_seq.pdbx_auth_seq_align_beg       1 
_struct_ref_seq.pdbx_auth_seq_align_end       188 
# 
loop_
_struct_ref_seq_dif.align_id 
_struct_ref_seq_dif.pdbx_pdb_id_code 
_struct_ref_seq_dif.mon_id 
_struct_ref_seq_dif.pdbx_pdb_strand_id 
_struct_ref_seq_dif.seq_num 
_struct_ref_seq_dif.pdbx_pdb_ins_code 
_struct_ref_seq_dif.pdbx_seq_db_name 
_struct_ref_seq_dif.pdbx_seq_db_accession_code 
_struct_ref_seq_dif.db_mon_id 
_struct_ref_seq_dif.pdbx_seq_db_seq_num 
_struct_ref_seq_dif.details 
_struct_ref_seq_dif.pdbx_auth_seq_num 
_struct_ref_seq_dif.pdbx_ordinal 
1 7AUI GLY A 1 ? UNP Q99321 ? ? 'expression tag' -2 1 
1 7AUI GLY A 2 ? UNP Q99321 ? ? 'expression tag' -1 2 
1 7AUI SER A 3 ? UNP Q99321 ? ? 'expression tag' 0  3 
# 
_pdbx_struct_assembly.id                   1 
_pdbx_struct_assembly.details              author_and_software_defined_assembly 
_pdbx_struct_assembly.method_details       PISA 
_pdbx_struct_assembly.oligomeric_details   monomeric 
_pdbx_struct_assembly.oligomeric_count     1 
# 
loop_
_pdbx_struct_assembly_prop.biol_id 
_pdbx_struct_assembly_prop.type 
_pdbx_struct_assembly_prop.value 
_pdbx_struct_assembly_prop.details 
1 'ABSA (A^2)' 690  ? 
1 MORE         -5   ? 
1 'SSA (A^2)'  9420 ? 
# 
_pdbx_struct_assembly_gen.assembly_id       1 
_pdbx_struct_assembly_gen.oper_expression   1 
_pdbx_struct_assembly_gen.asym_id_list      A,B,C 
# 
_pdbx_struct_assembly_auth_evidence.id                     1 
_pdbx_struct_assembly_auth_evidence.assembly_id            1 
_pdbx_struct_assembly_auth_evidence.experimental_support   'gel filtration' 
_pdbx_struct_assembly_auth_evidence.details                ? 
# 
_pdbx_struct_oper_list.id                   1 
_pdbx_struct_oper_list.type                 'identity operation' 
_pdbx_struct_oper_list.name                 1_555 
_pdbx_struct_oper_list.symmetry_operation   x,y,z 
_pdbx_struct_oper_list.matrix[1][1]         1.0000000000 
_pdbx_struct_oper_list.matrix[1][2]         0.0000000000 
_pdbx_struct_oper_list.matrix[1][3]         0.0000000000 
_pdbx_struct_oper_list.vector[1]            0.0000000000 
_pdbx_struct_oper_list.matrix[2][1]         0.0000000000 
_pdbx_struct_oper_list.matrix[2][2]         1.0000000000 
_pdbx_struct_oper_list.matrix[2][3]         0.0000000000 
_pdbx_struct_oper_list.vector[2]            0.0000000000 
_pdbx_struct_oper_list.matrix[3][1]         0.0000000000 
_pdbx_struct_oper_list.matrix[3][2]         0.0000000000 
_pdbx_struct_oper_list.matrix[3][3]         1.0000000000 
_pdbx_struct_oper_list.vector[3]            0.0000000000 
# 
loop_
_struct_conf.conf_type_id 
_struct_conf.id 
_struct_conf.pdbx_PDB_helix_id 
_struct_conf.beg_label_comp_id 
_struct_conf.beg_label_asym_id 
_struct_conf.beg_label_seq_id 
_struct_conf.pdbx_beg_PDB_ins_code 
_struct_conf.end_label_comp_id 
_struct_conf.end_label_asym_id 
_struct_conf.end_label_seq_id 
_struct_conf.pdbx_end_PDB_ins_code 
_struct_conf.beg_auth_comp_id 
_struct_conf.beg_auth_asym_id 
_struct_conf.beg_auth_seq_id 
_struct_conf.end_auth_comp_id 
_struct_conf.end_auth_asym_id 
_struct_conf.end_auth_seq_id 
_struct_conf.pdbx_PDB_helix_class 
_struct_conf.details 
_struct_conf.pdbx_PDB_helix_length 
HELX_P HELX_P1 AA1 ASN A 75  ? GLY A 89  ? ASN A 72  GLY A 86  1 ? 15 
HELX_P HELX_P2 AA2 TYR A 162 ? ALA A 172 ? TYR A 159 ALA A 169 1 ? 11 
HELX_P HELX_P3 AA3 ARG A 174 ? SER A 184 ? ARG A 171 SER A 181 1 ? 11 
# 
_struct_conf_type.id          HELX_P 
_struct_conf_type.criteria    ? 
_struct_conf_type.reference   ? 
# 
loop_
_struct_sheet.id 
_struct_sheet.type 
_struct_sheet.number_strands 
_struct_sheet.details 
AA1 ? 4 ? 
AA2 ? 3 ? 
AA3 ? 2 ? 
# 
loop_
_struct_sheet_order.sheet_id 
_struct_sheet_order.range_id_1 
_struct_sheet_order.range_id_2 
_struct_sheet_order.offset 
_struct_sheet_order.sense 
AA1 1 2 ? anti-parallel 
AA1 2 3 ? parallel      
AA1 3 4 ? anti-parallel 
AA2 1 2 ? anti-parallel 
AA2 2 3 ? anti-parallel 
AA3 1 2 ? anti-parallel 
# 
loop_
_struct_sheet_range.sheet_id 
_struct_sheet_range.id 
_struct_sheet_range.beg_label_comp_id 
_struct_sheet_range.beg_label_asym_id 
_struct_sheet_range.beg_label_seq_id 
_struct_sheet_range.pdbx_beg_PDB_ins_code 
_struct_sheet_range.end_label_comp_id 
_struct_sheet_range.end_label_asym_id 
_struct_sheet_range.end_label_seq_id 
_struct_sheet_range.pdbx_end_PDB_ins_code 
_struct_sheet_range.beg_auth_comp_id 
_struct_sheet_range.beg_auth_asym_id 
_struct_sheet_range.beg_auth_seq_id 
_struct_sheet_range.end_auth_comp_id 
_struct_sheet_range.end_auth_asym_id 
_struct_sheet_range.end_auth_seq_id 
AA1 1 LYS A 66  ? GLY A 68  ? LYS A 63  GLY A 65  
AA1 2 ARG A 35  ? LEU A 43  ? ARG A 32  LEU A 40  
AA1 3 THR A 133 ? LEU A 145 ? THR A 130 LEU A 142 
AA1 4 CYS A 90  ? ASP A 103 ? CYS A 87  ASP A 100 
AA2 1 TRP A 62  ? ILE A 63  ? TRP A 59  ILE A 60  
AA2 2 GLN A 49  ? THR A 54  ? GLN A 46  THR A 51  
AA2 3 ARG A 157 ? SER A 161 ? ARG A 154 SER A 158 
AA3 1 PHE A 117 ? ASN A 119 ? PHE A 114 ASN A 116 
AA3 2 SER A 124 ? VAL A 126 ? SER A 121 VAL A 123 
# 
loop_
_pdbx_struct_sheet_hbond.sheet_id 
_pdbx_struct_sheet_hbond.range_id_1 
_pdbx_struct_sheet_hbond.range_id_2 
_pdbx_struct_sheet_hbond.range_1_label_atom_id 
_pdbx_struct_sheet_hbond.range_1_label_comp_id 
_pdbx_struct_sheet_hbond.range_1_label_asym_id 
_pdbx_struct_sheet_hbond.range_1_label_seq_id 
_pdbx_struct_sheet_hbond.range_1_PDB_ins_code 
_pdbx_struct_sheet_hbond.range_1_auth_atom_id 
_pdbx_struct_sheet_hbond.range_1_auth_comp_id 
_pdbx_struct_sheet_hbond.range_1_auth_asym_id 
_pdbx_struct_sheet_hbond.range_1_auth_seq_id 
_pdbx_struct_sheet_hbond.range_2_label_atom_id 
_pdbx_struct_sheet_hbond.range_2_label_comp_id 
_pdbx_struct_sheet_hbond.range_2_label_asym_id 
_pdbx_struct_sheet_hbond.range_2_label_seq_id 
_pdbx_struct_sheet_hbond.range_2_PDB_ins_code 
_pdbx_struct_sheet_hbond.range_2_auth_atom_id 
_pdbx_struct_sheet_hbond.range_2_auth_comp_id 
_pdbx_struct_sheet_hbond.range_2_auth_asym_id 
_pdbx_struct_sheet_hbond.range_2_auth_seq_id 
AA1 1 2 O GLY A 67  ? O GLY A 64  N ALA A 38  ? N ALA A 35  
AA1 2 3 N LEU A 43  ? N LEU A 40  O LEU A 140 ? O LEU A 137 
AA1 3 4 O PHE A 135 ? O PHE A 132 N VAL A 101 ? N VAL A 98  
AA2 1 2 O ILE A 63  ? O ILE A 60  N ILE A 53  ? N ILE A 50  
AA2 2 3 N MET A 52  ? N MET A 49  O LYS A 158 ? O LYS A 155 
AA3 1 2 N GLU A 118 ? N GLU A 115 O GLU A 125 ? O GLU A 122 
# 
_struct_site.id                   AC1 
_struct_site.pdbx_evidence_code   Software 
_struct_site.pdbx_auth_asym_id    A 
_struct_site.pdbx_auth_comp_id    IHP 
_struct_site.pdbx_auth_seq_id     201 
_struct_site.pdbx_auth_ins_code   ? 
_struct_site.pdbx_num_residues    16 
_struct_site.details              'binding site for residue IHP A 201' 
# 
loop_
_struct_site_gen.id 
_struct_site_gen.site_id 
_struct_site_gen.pdbx_num_res 
_struct_site_gen.label_comp_id 
_struct_site_gen.label_asym_id 
_struct_site_gen.label_seq_id 
_struct_site_gen.pdbx_auth_ins_code 
_struct_site_gen.auth_comp_id 
_struct_site_gen.auth_asym_id 
_struct_site_gen.auth_seq_id 
_struct_site_gen.label_atom_id 
_struct_site_gen.label_alt_id 
_struct_site_gen.symmetry 
_struct_site_gen.details 
1  AC1 16 ARG A 35  ? ARG A 32  . ? 1_555 ? 
2  AC1 16 SER A 55  ? SER A 52  . ? 1_555 ? 
3  AC1 16 SER A 56  ? SER A 53  . ? 1_555 ? 
4  AC1 16 ILE A 63  ? ILE A 60  . ? 1_555 ? 
5  AC1 16 LYS A 66  ? LYS A 63  . ? 1_555 ? 
6  AC1 16 ARG A 105 ? ARG A 102 . ? 1_555 ? 
7  AC1 16 ARG A 132 ? ARG A 129 . ? 1_555 ? 
8  AC1 16 ARG A 155 ? ARG A 152 . ? 1_555 ? 
9  AC1 16 ARG A 174 ? ARG A 171 . ? 1_555 ? 
10 AC1 16 HOH C .   ? HOH A 301 . ? 1_555 ? 
11 AC1 16 HOH C .   ? HOH A 302 . ? 1_555 ? 
12 AC1 16 HOH C .   ? HOH A 303 . ? 1_555 ? 
13 AC1 16 HOH C .   ? HOH A 314 . ? 1_555 ? 
14 AC1 16 HOH C .   ? HOH A 321 . ? 1_555 ? 
15 AC1 16 HOH C .   ? HOH A 334 . ? 1_555 ? 
16 AC1 16 HOH C .   ? HOH A 340 . ? 1_555 ? 
# 
loop_
_pdbx_validate_torsion.id 
_pdbx_validate_torsion.PDB_model_num 
_pdbx_validate_torsion.auth_comp_id 
_pdbx_validate_torsion.auth_asym_id 
_pdbx_validate_torsion.auth_seq_id 
_pdbx_validate_torsion.PDB_ins_code 
_pdbx_validate_torsion.label_alt_id 
_pdbx_validate_torsion.phi 
_pdbx_validate_torsion.psi 
1 1 GLU A 21  ? ? -102.26 48.33  
2 1 SER A 117 ? ? -142.87 59.49  
3 1 ARG A 118 ? ? 74.34   -60.96 
4 1 LYS A 125 ? ? -35.94  131.49 
# 
loop_
_pdbx_struct_special_symmetry.id 
_pdbx_struct_special_symmetry.PDB_model_num 
_pdbx_struct_special_symmetry.auth_asym_id 
_pdbx_struct_special_symmetry.auth_comp_id 
_pdbx_struct_special_symmetry.auth_seq_id 
_pdbx_struct_special_symmetry.PDB_ins_code 
_pdbx_struct_special_symmetry.label_asym_id 
_pdbx_struct_special_symmetry.label_comp_id 
_pdbx_struct_special_symmetry.label_seq_id 
1 1 A HOH 370 ? C HOH . 
2 1 A HOH 376 ? C HOH . 
# 
_pdbx_entry_details.entry_id                 7AUI 
_pdbx_entry_details.nonpolymer_details       ? 
_pdbx_entry_details.sequence_details         ? 
_pdbx_entry_details.compound_details         ? 
_pdbx_entry_details.source_details           ? 
_pdbx_entry_details.has_ligand_of_interest   Y 
# 
loop_
_pdbx_unobs_or_zero_occ_residues.id 
_pdbx_unobs_or_zero_occ_residues.PDB_model_num 
_pdbx_unobs_or_zero_occ_residues.polymer_flag 
_pdbx_unobs_or_zero_occ_residues.occupancy_flag 
_pdbx_unobs_or_zero_occ_residues.auth_asym_id 
_pdbx_unobs_or_zero_occ_residues.auth_comp_id 
_pdbx_unobs_or_zero_occ_residues.auth_seq_id 
_pdbx_unobs_or_zero_occ_residues.PDB_ins_code 
_pdbx_unobs_or_zero_occ_residues.label_asym_id 
_pdbx_unobs_or_zero_occ_residues.label_comp_id 
_pdbx_unobs_or_zero_occ_residues.label_seq_id 
1  1 Y 1 A GLY -2  ? A GLY 1   
2  1 Y 1 A GLY -1  ? A GLY 2   
3  1 Y 1 A SER 0   ? A SER 3   
4  1 Y 1 A MET 1   ? A MET 4   
5  1 Y 1 A GLY 2   ? A GLY 5   
6  1 Y 1 A LYS 3   ? A LYS 6   
7  1 Y 1 A THR 4   ? A THR 7   
8  1 Y 1 A ALA 5   ? A ALA 8   
9  1 Y 1 A ASP 6   ? A ASP 9   
10 1 Y 1 A ASN 7   ? A ASN 10  
11 1 Y 1 A HIS 8   ? A HIS 11  
12 1 Y 1 A GLY 9   ? A GLY 12  
13 1 Y 1 A PRO 10  ? A PRO 13  
14 1 Y 1 A VAL 11  ? A VAL 14  
15 1 Y 1 A ARG 12  ? A ARG 15  
16 1 Y 1 A SER 13  ? A SER 16  
17 1 Y 1 A GLU 14  ? A GLU 17  
18 1 Y 1 A THR 15  ? A THR 18  
19 1 Y 1 A ALA 16  ? A ALA 19  
20 1 Y 1 A ARG 17  ? A ARG 20  
21 1 Y 1 A GLU 18  ? A GLU 21  
22 1 Y 1 A GLY 19  ? A GLY 22  
23 1 Y 1 A LYS 105 ? A LYS 108 
24 1 Y 1 A ASP 106 ? A ASP 109 
25 1 Y 1 A TRP 107 ? A TRP 110 
26 1 Y 1 A ASN 108 ? A ASN 111 
27 1 Y 1 A LYS 109 ? A LYS 112 
28 1 Y 1 A ASP 110 ? A ASP 113 
29 1 Y 1 A ILE 111 ? A ILE 114 
30 1 Y 1 A LYS 112 ? A LYS 115 
31 1 Y 1 A ASP 187 ? A ASP 190 
32 1 Y 1 A LYS 188 ? A LYS 191 
# 
loop_
_chem_comp_atom.comp_id 
_chem_comp_atom.atom_id 
_chem_comp_atom.type_symbol 
_chem_comp_atom.pdbx_aromatic_flag 
_chem_comp_atom.pdbx_stereo_config 
_chem_comp_atom.pdbx_ordinal 
ALA N    N N N 1   
ALA CA   C N S 2   
ALA C    C N N 3   
ALA O    O N N 4   
ALA CB   C N N 5   
ALA OXT  O N N 6   
ALA H    H N N 7   
ALA H2   H N N 8   
ALA HA   H N N 9   
ALA HB1  H N N 10  
ALA HB2  H N N 11  
ALA HB3  H N N 12  
ALA HXT  H N N 13  
ARG N    N N N 14  
ARG CA   C N S 15  
ARG C    C N N 16  
ARG O    O N N 17  
ARG CB   C N N 18  
ARG CG   C N N 19  
ARG CD   C N N 20  
ARG NE   N N N 21  
ARG CZ   C N N 22  
ARG NH1  N N N 23  
ARG NH2  N N N 24  
ARG OXT  O N N 25  
ARG H    H N N 26  
ARG H2   H N N 27  
ARG HA   H N N 28  
ARG HB2  H N N 29  
ARG HB3  H N N 30  
ARG HG2  H N N 31  
ARG HG3  H N N 32  
ARG HD2  H N N 33  
ARG HD3  H N N 34  
ARG HE   H N N 35  
ARG HH11 H N N 36  
ARG HH12 H N N 37  
ARG HH21 H N N 38  
ARG HH22 H N N 39  
ARG HXT  H N N 40  
ASN N    N N N 41  
ASN CA   C N S 42  
ASN C    C N N 43  
ASN O    O N N 44  
ASN CB   C N N 45  
ASN CG   C N N 46  
ASN OD1  O N N 47  
ASN ND2  N N N 48  
ASN OXT  O N N 49  
ASN H    H N N 50  
ASN H2   H N N 51  
ASN HA   H N N 52  
ASN HB2  H N N 53  
ASN HB3  H N N 54  
ASN HD21 H N N 55  
ASN HD22 H N N 56  
ASN HXT  H N N 57  
ASP N    N N N 58  
ASP CA   C N S 59  
ASP C    C N N 60  
ASP O    O N N 61  
ASP CB   C N N 62  
ASP CG   C N N 63  
ASP OD1  O N N 64  
ASP OD2  O N N 65  
ASP OXT  O N N 66  
ASP H    H N N 67  
ASP H2   H N N 68  
ASP HA   H N N 69  
ASP HB2  H N N 70  
ASP HB3  H N N 71  
ASP HD2  H N N 72  
ASP HXT  H N N 73  
CYS N    N N N 74  
CYS CA   C N R 75  
CYS C    C N N 76  
CYS O    O N N 77  
CYS CB   C N N 78  
CYS SG   S N N 79  
CYS OXT  O N N 80  
CYS H    H N N 81  
CYS H2   H N N 82  
CYS HA   H N N 83  
CYS HB2  H N N 84  
CYS HB3  H N N 85  
CYS HG   H N N 86  
CYS HXT  H N N 87  
GLN N    N N N 88  
GLN CA   C N S 89  
GLN C    C N N 90  
GLN O    O N N 91  
GLN CB   C N N 92  
GLN CG   C N N 93  
GLN CD   C N N 94  
GLN OE1  O N N 95  
GLN NE2  N N N 96  
GLN OXT  O N N 97  
GLN H    H N N 98  
GLN H2   H N N 99  
GLN HA   H N N 100 
GLN HB2  H N N 101 
GLN HB3  H N N 102 
GLN HG2  H N N 103 
GLN HG3  H N N 104 
GLN HE21 H N N 105 
GLN HE22 H N N 106 
GLN HXT  H N N 107 
GLU N    N N N 108 
GLU CA   C N S 109 
GLU C    C N N 110 
GLU O    O N N 111 
GLU CB   C N N 112 
GLU CG   C N N 113 
GLU CD   C N N 114 
GLU OE1  O N N 115 
GLU OE2  O N N 116 
GLU OXT  O N N 117 
GLU H    H N N 118 
GLU H2   H N N 119 
GLU HA   H N N 120 
GLU HB2  H N N 121 
GLU HB3  H N N 122 
GLU HG2  H N N 123 
GLU HG3  H N N 124 
GLU HE2  H N N 125 
GLU HXT  H N N 126 
GLY N    N N N 127 
GLY CA   C N N 128 
GLY C    C N N 129 
GLY O    O N N 130 
GLY OXT  O N N 131 
GLY H    H N N 132 
GLY H2   H N N 133 
GLY HA2  H N N 134 
GLY HA3  H N N 135 
GLY HXT  H N N 136 
HIS N    N N N 137 
HIS CA   C N S 138 
HIS C    C N N 139 
HIS O    O N N 140 
HIS CB   C N N 141 
HIS CG   C Y N 142 
HIS ND1  N Y N 143 
HIS CD2  C Y N 144 
HIS CE1  C Y N 145 
HIS NE2  N Y N 146 
HIS OXT  O N N 147 
HIS H    H N N 148 
HIS H2   H N N 149 
HIS HA   H N N 150 
HIS HB2  H N N 151 
HIS HB3  H N N 152 
HIS HD1  H N N 153 
HIS HD2  H N N 154 
HIS HE1  H N N 155 
HIS HE2  H N N 156 
HIS HXT  H N N 157 
HOH O    O N N 158 
HOH H1   H N N 159 
HOH H2   H N N 160 
IHP C1   C N N 161 
IHP C2   C N N 162 
IHP C3   C N N 163 
IHP C4   C N N 164 
IHP C5   C N N 165 
IHP C6   C N N 166 
IHP O11  O N N 167 
IHP P1   P N N 168 
IHP O21  O N N 169 
IHP O31  O N N 170 
IHP O41  O N N 171 
IHP O12  O N N 172 
IHP P2   P N N 173 
IHP O22  O N N 174 
IHP O32  O N N 175 
IHP O42  O N N 176 
IHP O13  O N N 177 
IHP P3   P N N 178 
IHP O23  O N N 179 
IHP O33  O N N 180 
IHP O43  O N N 181 
IHP O14  O N N 182 
IHP P4   P N N 183 
IHP O24  O N N 184 
IHP O34  O N N 185 
IHP O44  O N N 186 
IHP O15  O N N 187 
IHP P5   P N N 188 
IHP O25  O N N 189 
IHP O35  O N N 190 
IHP O45  O N N 191 
IHP O16  O N N 192 
IHP P6   P N N 193 
IHP O26  O N N 194 
IHP O36  O N N 195 
IHP O46  O N N 196 
IHP H1   H N N 197 
IHP H2   H N N 198 
IHP H3   H N N 199 
IHP H4   H N N 200 
IHP H5   H N N 201 
IHP H6   H N N 202 
IHP H31  H N N 203 
IHP H41  H N N 204 
IHP H32  H N N 205 
IHP H42  H N N 206 
IHP H33  H N N 207 
IHP H43  H N N 208 
IHP H34  H N N 209 
IHP H44  H N N 210 
IHP H35  H N N 211 
IHP H45  H N N 212 
IHP H36  H N N 213 
IHP H46  H N N 214 
ILE N    N N N 215 
ILE CA   C N S 216 
ILE C    C N N 217 
ILE O    O N N 218 
ILE CB   C N S 219 
ILE CG1  C N N 220 
ILE CG2  C N N 221 
ILE CD1  C N N 222 
ILE OXT  O N N 223 
ILE H    H N N 224 
ILE H2   H N N 225 
ILE HA   H N N 226 
ILE HB   H N N 227 
ILE HG12 H N N 228 
ILE HG13 H N N 229 
ILE HG21 H N N 230 
ILE HG22 H N N 231 
ILE HG23 H N N 232 
ILE HD11 H N N 233 
ILE HD12 H N N 234 
ILE HD13 H N N 235 
ILE HXT  H N N 236 
LEU N    N N N 237 
LEU CA   C N S 238 
LEU C    C N N 239 
LEU O    O N N 240 
LEU CB   C N N 241 
LEU CG   C N N 242 
LEU CD1  C N N 243 
LEU CD2  C N N 244 
LEU OXT  O N N 245 
LEU H    H N N 246 
LEU H2   H N N 247 
LEU HA   H N N 248 
LEU HB2  H N N 249 
LEU HB3  H N N 250 
LEU HG   H N N 251 
LEU HD11 H N N 252 
LEU HD12 H N N 253 
LEU HD13 H N N 254 
LEU HD21 H N N 255 
LEU HD22 H N N 256 
LEU HD23 H N N 257 
LEU HXT  H N N 258 
LYS N    N N N 259 
LYS CA   C N S 260 
LYS C    C N N 261 
LYS O    O N N 262 
LYS CB   C N N 263 
LYS CG   C N N 264 
LYS CD   C N N 265 
LYS CE   C N N 266 
LYS NZ   N N N 267 
LYS OXT  O N N 268 
LYS H    H N N 269 
LYS H2   H N N 270 
LYS HA   H N N 271 
LYS HB2  H N N 272 
LYS HB3  H N N 273 
LYS HG2  H N N 274 
LYS HG3  H N N 275 
LYS HD2  H N N 276 
LYS HD3  H N N 277 
LYS HE2  H N N 278 
LYS HE3  H N N 279 
LYS HZ1  H N N 280 
LYS HZ2  H N N 281 
LYS HZ3  H N N 282 
LYS HXT  H N N 283 
MET N    N N N 284 
MET CA   C N S 285 
MET C    C N N 286 
MET O    O N N 287 
MET CB   C N N 288 
MET CG   C N N 289 
MET SD   S N N 290 
MET CE   C N N 291 
MET OXT  O N N 292 
MET H    H N N 293 
MET H2   H N N 294 
MET HA   H N N 295 
MET HB2  H N N 296 
MET HB3  H N N 297 
MET HG2  H N N 298 
MET HG3  H N N 299 
MET HE1  H N N 300 
MET HE2  H N N 301 
MET HE3  H N N 302 
MET HXT  H N N 303 
PHE N    N N N 304 
PHE CA   C N S 305 
PHE C    C N N 306 
PHE O    O N N 307 
PHE CB   C N N 308 
PHE CG   C Y N 309 
PHE CD1  C Y N 310 
PHE CD2  C Y N 311 
PHE CE1  C Y N 312 
PHE CE2  C Y N 313 
PHE CZ   C Y N 314 
PHE OXT  O N N 315 
PHE H    H N N 316 
PHE H2   H N N 317 
PHE HA   H N N 318 
PHE HB2  H N N 319 
PHE HB3  H N N 320 
PHE HD1  H N N 321 
PHE HD2  H N N 322 
PHE HE1  H N N 323 
PHE HE2  H N N 324 
PHE HZ   H N N 325 
PHE HXT  H N N 326 
PRO N    N N N 327 
PRO CA   C N S 328 
PRO C    C N N 329 
PRO O    O N N 330 
PRO CB   C N N 331 
PRO CG   C N N 332 
PRO CD   C N N 333 
PRO OXT  O N N 334 
PRO H    H N N 335 
PRO HA   H N N 336 
PRO HB2  H N N 337 
PRO HB3  H N N 338 
PRO HG2  H N N 339 
PRO HG3  H N N 340 
PRO HD2  H N N 341 
PRO HD3  H N N 342 
PRO HXT  H N N 343 
SER N    N N N 344 
SER CA   C N S 345 
SER C    C N N 346 
SER O    O N N 347 
SER CB   C N N 348 
SER OG   O N N 349 
SER OXT  O N N 350 
SER H    H N N 351 
SER H2   H N N 352 
SER HA   H N N 353 
SER HB2  H N N 354 
SER HB3  H N N 355 
SER HG   H N N 356 
SER HXT  H N N 357 
THR N    N N N 358 
THR CA   C N S 359 
THR C    C N N 360 
THR O    O N N 361 
THR CB   C N R 362 
THR OG1  O N N 363 
THR CG2  C N N 364 
THR OXT  O N N 365 
THR H    H N N 366 
THR H2   H N N 367 
THR HA   H N N 368 
THR HB   H N N 369 
THR HG1  H N N 370 
THR HG21 H N N 371 
THR HG22 H N N 372 
THR HG23 H N N 373 
THR HXT  H N N 374 
TRP N    N N N 375 
TRP CA   C N S 376 
TRP C    C N N 377 
TRP O    O N N 378 
TRP CB   C N N 379 
TRP CG   C Y N 380 
TRP CD1  C Y N 381 
TRP CD2  C Y N 382 
TRP NE1  N Y N 383 
TRP CE2  C Y N 384 
TRP CE3  C Y N 385 
TRP CZ2  C Y N 386 
TRP CZ3  C Y N 387 
TRP CH2  C Y N 388 
TRP OXT  O N N 389 
TRP H    H N N 390 
TRP H2   H N N 391 
TRP HA   H N N 392 
TRP HB2  H N N 393 
TRP HB3  H N N 394 
TRP HD1  H N N 395 
TRP HE1  H N N 396 
TRP HE3  H N N 397 
TRP HZ2  H N N 398 
TRP HZ3  H N N 399 
TRP HH2  H N N 400 
TRP HXT  H N N 401 
TYR N    N N N 402 
TYR CA   C N S 403 
TYR C    C N N 404 
TYR O    O N N 405 
TYR CB   C N N 406 
TYR CG   C Y N 407 
TYR CD1  C Y N 408 
TYR CD2  C Y N 409 
TYR CE1  C Y N 410 
TYR CE2  C Y N 411 
TYR CZ   C Y N 412 
TYR OH   O N N 413 
TYR OXT  O N N 414 
TYR H    H N N 415 
TYR H2   H N N 416 
TYR HA   H N N 417 
TYR HB2  H N N 418 
TYR HB3  H N N 419 
TYR HD1  H N N 420 
TYR HD2  H N N 421 
TYR HE1  H N N 422 
TYR HE2  H N N 423 
TYR HH   H N N 424 
TYR HXT  H N N 425 
VAL N    N N N 426 
VAL CA   C N S 427 
VAL C    C N N 428 
VAL O    O N N 429 
VAL CB   C N N 430 
VAL CG1  C N N 431 
VAL CG2  C N N 432 
VAL OXT  O N N 433 
VAL H    H N N 434 
VAL H2   H N N 435 
VAL HA   H N N 436 
VAL HB   H N N 437 
VAL HG11 H N N 438 
VAL HG12 H N N 439 
VAL HG13 H N N 440 
VAL HG21 H N N 441 
VAL HG22 H N N 442 
VAL HG23 H N N 443 
VAL HXT  H N N 444 
# 
loop_
_chem_comp_bond.comp_id 
_chem_comp_bond.atom_id_1 
_chem_comp_bond.atom_id_2 
_chem_comp_bond.value_order 
_chem_comp_bond.pdbx_aromatic_flag 
_chem_comp_bond.pdbx_stereo_config 
_chem_comp_bond.pdbx_ordinal 
ALA N   CA   sing N N 1   
ALA N   H    sing N N 2   
ALA N   H2   sing N N 3   
ALA CA  C    sing N N 4   
ALA CA  CB   sing N N 5   
ALA CA  HA   sing N N 6   
ALA C   O    doub N N 7   
ALA C   OXT  sing N N 8   
ALA CB  HB1  sing N N 9   
ALA CB  HB2  sing N N 10  
ALA CB  HB3  sing N N 11  
ALA OXT HXT  sing N N 12  
ARG N   CA   sing N N 13  
ARG N   H    sing N N 14  
ARG N   H2   sing N N 15  
ARG CA  C    sing N N 16  
ARG CA  CB   sing N N 17  
ARG CA  HA   sing N N 18  
ARG C   O    doub N N 19  
ARG C   OXT  sing N N 20  
ARG CB  CG   sing N N 21  
ARG CB  HB2  sing N N 22  
ARG CB  HB3  sing N N 23  
ARG CG  CD   sing N N 24  
ARG CG  HG2  sing N N 25  
ARG CG  HG3  sing N N 26  
ARG CD  NE   sing N N 27  
ARG CD  HD2  sing N N 28  
ARG CD  HD3  sing N N 29  
ARG NE  CZ   sing N N 30  
ARG NE  HE   sing N N 31  
ARG CZ  NH1  sing N N 32  
ARG CZ  NH2  doub N N 33  
ARG NH1 HH11 sing N N 34  
ARG NH1 HH12 sing N N 35  
ARG NH2 HH21 sing N N 36  
ARG NH2 HH22 sing N N 37  
ARG OXT HXT  sing N N 38  
ASN N   CA   sing N N 39  
ASN N   H    sing N N 40  
ASN N   H2   sing N N 41  
ASN CA  C    sing N N 42  
ASN CA  CB   sing N N 43  
ASN CA  HA   sing N N 44  
ASN C   O    doub N N 45  
ASN C   OXT  sing N N 46  
ASN CB  CG   sing N N 47  
ASN CB  HB2  sing N N 48  
ASN CB  HB3  sing N N 49  
ASN CG  OD1  doub N N 50  
ASN CG  ND2  sing N N 51  
ASN ND2 HD21 sing N N 52  
ASN ND2 HD22 sing N N 53  
ASN OXT HXT  sing N N 54  
ASP N   CA   sing N N 55  
ASP N   H    sing N N 56  
ASP N   H2   sing N N 57  
ASP CA  C    sing N N 58  
ASP CA  CB   sing N N 59  
ASP CA  HA   sing N N 60  
ASP C   O    doub N N 61  
ASP C   OXT  sing N N 62  
ASP CB  CG   sing N N 63  
ASP CB  HB2  sing N N 64  
ASP CB  HB3  sing N N 65  
ASP CG  OD1  doub N N 66  
ASP CG  OD2  sing N N 67  
ASP OD2 HD2  sing N N 68  
ASP OXT HXT  sing N N 69  
CYS N   CA   sing N N 70  
CYS N   H    sing N N 71  
CYS N   H2   sing N N 72  
CYS CA  C    sing N N 73  
CYS CA  CB   sing N N 74  
CYS CA  HA   sing N N 75  
CYS C   O    doub N N 76  
CYS C   OXT  sing N N 77  
CYS CB  SG   sing N N 78  
CYS CB  HB2  sing N N 79  
CYS CB  HB3  sing N N 80  
CYS SG  HG   sing N N 81  
CYS OXT HXT  sing N N 82  
GLN N   CA   sing N N 83  
GLN N   H    sing N N 84  
GLN N   H2   sing N N 85  
GLN CA  C    sing N N 86  
GLN CA  CB   sing N N 87  
GLN CA  HA   sing N N 88  
GLN C   O    doub N N 89  
GLN C   OXT  sing N N 90  
GLN CB  CG   sing N N 91  
GLN CB  HB2  sing N N 92  
GLN CB  HB3  sing N N 93  
GLN CG  CD   sing N N 94  
GLN CG  HG2  sing N N 95  
GLN CG  HG3  sing N N 96  
GLN CD  OE1  doub N N 97  
GLN CD  NE2  sing N N 98  
GLN NE2 HE21 sing N N 99  
GLN NE2 HE22 sing N N 100 
GLN OXT HXT  sing N N 101 
GLU N   CA   sing N N 102 
GLU N   H    sing N N 103 
GLU N   H2   sing N N 104 
GLU CA  C    sing N N 105 
GLU CA  CB   sing N N 106 
GLU CA  HA   sing N N 107 
GLU C   O    doub N N 108 
GLU C   OXT  sing N N 109 
GLU CB  CG   sing N N 110 
GLU CB  HB2  sing N N 111 
GLU CB  HB3  sing N N 112 
GLU CG  CD   sing N N 113 
GLU CG  HG2  sing N N 114 
GLU CG  HG3  sing N N 115 
GLU CD  OE1  doub N N 116 
GLU CD  OE2  sing N N 117 
GLU OE2 HE2  sing N N 118 
GLU OXT HXT  sing N N 119 
GLY N   CA   sing N N 120 
GLY N   H    sing N N 121 
GLY N   H2   sing N N 122 
GLY CA  C    sing N N 123 
GLY CA  HA2  sing N N 124 
GLY CA  HA3  sing N N 125 
GLY C   O    doub N N 126 
GLY C   OXT  sing N N 127 
GLY OXT HXT  sing N N 128 
HIS N   CA   sing N N 129 
HIS N   H    sing N N 130 
HIS N   H2   sing N N 131 
HIS CA  C    sing N N 132 
HIS CA  CB   sing N N 133 
HIS CA  HA   sing N N 134 
HIS C   O    doub N N 135 
HIS C   OXT  sing N N 136 
HIS CB  CG   sing N N 137 
HIS CB  HB2  sing N N 138 
HIS CB  HB3  sing N N 139 
HIS CG  ND1  sing Y N 140 
HIS CG  CD2  doub Y N 141 
HIS ND1 CE1  doub Y N 142 
HIS ND1 HD1  sing N N 143 
HIS CD2 NE2  sing Y N 144 
HIS CD2 HD2  sing N N 145 
HIS CE1 NE2  sing Y N 146 
HIS CE1 HE1  sing N N 147 
HIS NE2 HE2  sing N N 148 
HIS OXT HXT  sing N N 149 
HOH O   H1   sing N N 150 
HOH O   H2   sing N N 151 
IHP C1  C2   sing N N 152 
IHP C1  C6   sing N N 153 
IHP C1  O11  sing N N 154 
IHP C1  H1   sing N N 155 
IHP C2  C3   sing N N 156 
IHP C2  O12  sing N N 157 
IHP C2  H2   sing N N 158 
IHP C3  C4   sing N N 159 
IHP C3  O13  sing N N 160 
IHP C3  H3   sing N N 161 
IHP C4  C5   sing N N 162 
IHP C4  O14  sing N N 163 
IHP C4  H4   sing N N 164 
IHP C5  C6   sing N N 165 
IHP C5  O15  sing N N 166 
IHP C5  H5   sing N N 167 
IHP C6  O16  sing N N 168 
IHP C6  H6   sing N N 169 
IHP O11 P1   sing N N 170 
IHP P1  O21  doub N N 171 
IHP P1  O31  sing N N 172 
IHP P1  O41  sing N N 173 
IHP O31 H31  sing N N 174 
IHP O41 H41  sing N N 175 
IHP O12 P2   sing N N 176 
IHP P2  O22  doub N N 177 
IHP P2  O32  sing N N 178 
IHP P2  O42  sing N N 179 
IHP O32 H32  sing N N 180 
IHP O42 H42  sing N N 181 
IHP O13 P3   sing N N 182 
IHP P3  O23  doub N N 183 
IHP P3  O33  sing N N 184 
IHP P3  O43  sing N N 185 
IHP O33 H33  sing N N 186 
IHP O43 H43  sing N N 187 
IHP O14 P4   sing N N 188 
IHP P4  O24  doub N N 189 
IHP P4  O34  sing N N 190 
IHP P4  O44  sing N N 191 
IHP O34 H34  sing N N 192 
IHP O44 H44  sing N N 193 
IHP O15 P5   sing N N 194 
IHP P5  O25  doub N N 195 
IHP P5  O35  sing N N 196 
IHP P5  O45  sing N N 197 
IHP O35 H35  sing N N 198 
IHP O45 H45  sing N N 199 
IHP O16 P6   sing N N 200 
IHP P6  O26  doub N N 201 
IHP P6  O36  sing N N 202 
IHP P6  O46  sing N N 203 
IHP O36 H36  sing N N 204 
IHP O46 H46  sing N N 205 
ILE N   CA   sing N N 206 
ILE N   H    sing N N 207 
ILE N   H2   sing N N 208 
ILE CA  C    sing N N 209 
ILE CA  CB   sing N N 210 
ILE CA  HA   sing N N 211 
ILE C   O    doub N N 212 
ILE C   OXT  sing N N 213 
ILE CB  CG1  sing N N 214 
ILE CB  CG2  sing N N 215 
ILE CB  HB   sing N N 216 
ILE CG1 CD1  sing N N 217 
ILE CG1 HG12 sing N N 218 
ILE CG1 HG13 sing N N 219 
ILE CG2 HG21 sing N N 220 
ILE CG2 HG22 sing N N 221 
ILE CG2 HG23 sing N N 222 
ILE CD1 HD11 sing N N 223 
ILE CD1 HD12 sing N N 224 
ILE CD1 HD13 sing N N 225 
ILE OXT HXT  sing N N 226 
LEU N   CA   sing N N 227 
LEU N   H    sing N N 228 
LEU N   H2   sing N N 229 
LEU CA  C    sing N N 230 
LEU CA  CB   sing N N 231 
LEU CA  HA   sing N N 232 
LEU C   O    doub N N 233 
LEU C   OXT  sing N N 234 
LEU CB  CG   sing N N 235 
LEU CB  HB2  sing N N 236 
LEU CB  HB3  sing N N 237 
LEU CG  CD1  sing N N 238 
LEU CG  CD2  sing N N 239 
LEU CG  HG   sing N N 240 
LEU CD1 HD11 sing N N 241 
LEU CD1 HD12 sing N N 242 
LEU CD1 HD13 sing N N 243 
LEU CD2 HD21 sing N N 244 
LEU CD2 HD22 sing N N 245 
LEU CD2 HD23 sing N N 246 
LEU OXT HXT  sing N N 247 
LYS N   CA   sing N N 248 
LYS N   H    sing N N 249 
LYS N   H2   sing N N 250 
LYS CA  C    sing N N 251 
LYS CA  CB   sing N N 252 
LYS CA  HA   sing N N 253 
LYS C   O    doub N N 254 
LYS C   OXT  sing N N 255 
LYS CB  CG   sing N N 256 
LYS CB  HB2  sing N N 257 
LYS CB  HB3  sing N N 258 
LYS CG  CD   sing N N 259 
LYS CG  HG2  sing N N 260 
LYS CG  HG3  sing N N 261 
LYS CD  CE   sing N N 262 
LYS CD  HD2  sing N N 263 
LYS CD  HD3  sing N N 264 
LYS CE  NZ   sing N N 265 
LYS CE  HE2  sing N N 266 
LYS CE  HE3  sing N N 267 
LYS NZ  HZ1  sing N N 268 
LYS NZ  HZ2  sing N N 269 
LYS NZ  HZ3  sing N N 270 
LYS OXT HXT  sing N N 271 
MET N   CA   sing N N 272 
MET N   H    sing N N 273 
MET N   H2   sing N N 274 
MET CA  C    sing N N 275 
MET CA  CB   sing N N 276 
MET CA  HA   sing N N 277 
MET C   O    doub N N 278 
MET C   OXT  sing N N 279 
MET CB  CG   sing N N 280 
MET CB  HB2  sing N N 281 
MET CB  HB3  sing N N 282 
MET CG  SD   sing N N 283 
MET CG  HG2  sing N N 284 
MET CG  HG3  sing N N 285 
MET SD  CE   sing N N 286 
MET CE  HE1  sing N N 287 
MET CE  HE2  sing N N 288 
MET CE  HE3  sing N N 289 
MET OXT HXT  sing N N 290 
PHE N   CA   sing N N 291 
PHE N   H    sing N N 292 
PHE N   H2   sing N N 293 
PHE CA  C    sing N N 294 
PHE CA  CB   sing N N 295 
PHE CA  HA   sing N N 296 
PHE C   O    doub N N 297 
PHE C   OXT  sing N N 298 
PHE CB  CG   sing N N 299 
PHE CB  HB2  sing N N 300 
PHE CB  HB3  sing N N 301 
PHE CG  CD1  doub Y N 302 
PHE CG  CD2  sing Y N 303 
PHE CD1 CE1  sing Y N 304 
PHE CD1 HD1  sing N N 305 
PHE CD2 CE2  doub Y N 306 
PHE CD2 HD2  sing N N 307 
PHE CE1 CZ   doub Y N 308 
PHE CE1 HE1  sing N N 309 
PHE CE2 CZ   sing Y N 310 
PHE CE2 HE2  sing N N 311 
PHE CZ  HZ   sing N N 312 
PHE OXT HXT  sing N N 313 
PRO N   CA   sing N N 314 
PRO N   CD   sing N N 315 
PRO N   H    sing N N 316 
PRO CA  C    sing N N 317 
PRO CA  CB   sing N N 318 
PRO CA  HA   sing N N 319 
PRO C   O    doub N N 320 
PRO C   OXT  sing N N 321 
PRO CB  CG   sing N N 322 
PRO CB  HB2  sing N N 323 
PRO CB  HB3  sing N N 324 
PRO CG  CD   sing N N 325 
PRO CG  HG2  sing N N 326 
PRO CG  HG3  sing N N 327 
PRO CD  HD2  sing N N 328 
PRO CD  HD3  sing N N 329 
PRO OXT HXT  sing N N 330 
SER N   CA   sing N N 331 
SER N   H    sing N N 332 
SER N   H2   sing N N 333 
SER CA  C    sing N N 334 
SER CA  CB   sing N N 335 
SER CA  HA   sing N N 336 
SER C   O    doub N N 337 
SER C   OXT  sing N N 338 
SER CB  OG   sing N N 339 
SER CB  HB2  sing N N 340 
SER CB  HB3  sing N N 341 
SER OG  HG   sing N N 342 
SER OXT HXT  sing N N 343 
THR N   CA   sing N N 344 
THR N   H    sing N N 345 
THR N   H2   sing N N 346 
THR CA  C    sing N N 347 
THR CA  CB   sing N N 348 
THR CA  HA   sing N N 349 
THR C   O    doub N N 350 
THR C   OXT  sing N N 351 
THR CB  OG1  sing N N 352 
THR CB  CG2  sing N N 353 
THR CB  HB   sing N N 354 
THR OG1 HG1  sing N N 355 
THR CG2 HG21 sing N N 356 
THR CG2 HG22 sing N N 357 
THR CG2 HG23 sing N N 358 
THR OXT HXT  sing N N 359 
TRP N   CA   sing N N 360 
TRP N   H    sing N N 361 
TRP N   H2   sing N N 362 
TRP CA  C    sing N N 363 
TRP CA  CB   sing N N 364 
TRP CA  HA   sing N N 365 
TRP C   O    doub N N 366 
TRP C   OXT  sing N N 367 
TRP CB  CG   sing N N 368 
TRP CB  HB2  sing N N 369 
TRP CB  HB3  sing N N 370 
TRP CG  CD1  doub Y N 371 
TRP CG  CD2  sing Y N 372 
TRP CD1 NE1  sing Y N 373 
TRP CD1 HD1  sing N N 374 
TRP CD2 CE2  doub Y N 375 
TRP CD2 CE3  sing Y N 376 
TRP NE1 CE2  sing Y N 377 
TRP NE1 HE1  sing N N 378 
TRP CE2 CZ2  sing Y N 379 
TRP CE3 CZ3  doub Y N 380 
TRP CE3 HE3  sing N N 381 
TRP CZ2 CH2  doub Y N 382 
TRP CZ2 HZ2  sing N N 383 
TRP CZ3 CH2  sing Y N 384 
TRP CZ3 HZ3  sing N N 385 
TRP CH2 HH2  sing N N 386 
TRP OXT HXT  sing N N 387 
TYR N   CA   sing N N 388 
TYR N   H    sing N N 389 
TYR N   H2   sing N N 390 
TYR CA  C    sing N N 391 
TYR CA  CB   sing N N 392 
TYR CA  HA   sing N N 393 
TYR C   O    doub N N 394 
TYR C   OXT  sing N N 395 
TYR CB  CG   sing N N 396 
TYR CB  HB2  sing N N 397 
TYR CB  HB3  sing N N 398 
TYR CG  CD1  doub Y N 399 
TYR CG  CD2  sing Y N 400 
TYR CD1 CE1  sing Y N 401 
TYR CD1 HD1  sing N N 402 
TYR CD2 CE2  doub Y N 403 
TYR CD2 HD2  sing N N 404 
TYR CE1 CZ   doub Y N 405 
TYR CE1 HE1  sing N N 406 
TYR CE2 CZ   sing Y N 407 
TYR CE2 HE2  sing N N 408 
TYR CZ  OH   sing N N 409 
TYR OH  HH   sing N N 410 
TYR OXT HXT  sing N N 411 
VAL N   CA   sing N N 412 
VAL N   H    sing N N 413 
VAL N   H2   sing N N 414 
VAL CA  C    sing N N 415 
VAL CA  CB   sing N N 416 
VAL CA  HA   sing N N 417 
VAL C   O    doub N N 418 
VAL C   OXT  sing N N 419 
VAL CB  CG1  sing N N 420 
VAL CB  CG2  sing N N 421 
VAL CB  HB   sing N N 422 
VAL CG1 HG11 sing N N 423 
VAL CG1 HG12 sing N N 424 
VAL CG1 HG13 sing N N 425 
VAL CG2 HG21 sing N N 426 
VAL CG2 HG22 sing N N 427 
VAL CG2 HG23 sing N N 428 
VAL OXT HXT  sing N N 429 
# 
_pdbx_audit_support.funding_organization   'Spanish Ministry of Economy and Competitiveness' 
_pdbx_audit_support.country                Spain 
_pdbx_audit_support.grant_number           BFU2017-89913-P 
_pdbx_audit_support.ordinal                1 
# 
_pdbx_entity_instance_feature.ordinal        1 
_pdbx_entity_instance_feature.comp_id        IHP 
_pdbx_entity_instance_feature.asym_id        ? 
_pdbx_entity_instance_feature.seq_num        ? 
_pdbx_entity_instance_feature.auth_comp_id   IHP 
_pdbx_entity_instance_feature.auth_asym_id   ? 
_pdbx_entity_instance_feature.auth_seq_num   ? 
_pdbx_entity_instance_feature.feature_type   'SUBJECT OF INVESTIGATION' 
_pdbx_entity_instance_feature.details        ? 
# 
_pdbx_initial_refinement_model.id               1 
_pdbx_initial_refinement_model.entity_id_list   ? 
_pdbx_initial_refinement_model.type             'experimental model' 
_pdbx_initial_refinement_model.source_name      PDB 
_pdbx_initial_refinement_model.accession_code   2FVV 
_pdbx_initial_refinement_model.details          ? 
# 
_atom_sites.entry_id                    7AUI 
_atom_sites.Cartn_transf_matrix[1][1]   ? 
_atom_sites.Cartn_transf_matrix[1][2]   ? 
_atom_sites.Cartn_transf_matrix[1][3]   ? 
_atom_sites.Cartn_transf_matrix[2][1]   ? 
_atom_sites.Cartn_transf_matrix[2][2]   ? 
_atom_sites.Cartn_transf_matrix[2][3]   ? 
_atom_sites.Cartn_transf_matrix[3][1]   ? 
_atom_sites.Cartn_transf_matrix[3][2]   ? 
_atom_sites.Cartn_transf_matrix[3][3]   ? 
_atom_sites.Cartn_transf_vector[1]      ? 
_atom_sites.Cartn_transf_vector[2]      ? 
_atom_sites.Cartn_transf_vector[3]      ? 
_atom_sites.fract_transf_matrix[1][1]   -0.00964597 
_atom_sites.fract_transf_matrix[1][2]   0.00922674 
_atom_sites.fract_transf_matrix[1][3]   0.01308517 
_atom_sites.fract_transf_matrix[2][1]   0.00548612 
_atom_sites.fract_transf_matrix[2][2]   0.01703976 
_atom_sites.fract_transf_matrix[2][3]   0.00537960 
_atom_sites.fract_transf_matrix[3][1]   -0.00593858 
_atom_sites.fract_transf_matrix[3][2]   0.00423738 
_atom_sites.fract_transf_matrix[3][3]   -0.00736563 
_atom_sites.fract_transf_vector[1]      0.053246 
_atom_sites.fract_transf_vector[2]      -0.401882 
_atom_sites.fract_transf_vector[3]      -0.030039 
_atom_sites.solution_primary            ? 
_atom_sites.solution_secondary          ? 
_atom_sites.solution_hydrogens          ? 
_atom_sites.special_details             ? 
# 
loop_
_atom_type.symbol 
C 
N 
O 
P 
S 
# 
loop_
_atom_site.group_PDB 
_atom_site.id 
_atom_site.type_symbol 
_atom_site.label_atom_id 
_atom_site.label_alt_id 
_atom_site.label_comp_id 
_atom_site.label_asym_id 
_atom_site.label_entity_id 
_atom_site.label_seq_id 
_atom_site.pdbx_PDB_ins_code 
_atom_site.Cartn_x 
_atom_site.Cartn_y 
_atom_site.Cartn_z 
_atom_site.occupancy 
_atom_site.B_iso_or_equiv 
_atom_site.pdbx_formal_charge 
_atom_site.auth_seq_id 
_atom_site.auth_comp_id 
_atom_site.auth_asym_id 
_atom_site.auth_atom_id 
_atom_site.pdbx_PDB_model_num 
ATOM   1    N N   . ARG A 1 23  ? 10.053  16.509  -4.912  1.00 96.65  ? 20  ARG A N   1 
ATOM   2    C CA  . ARG A 1 23  ? 11.228  17.046  -4.145  1.00 98.34  ? 20  ARG A CA  1 
ATOM   3    C C   . ARG A 1 23  ? 12.135  15.888  -3.712  1.00 93.80  ? 20  ARG A C   1 
ATOM   4    O O   . ARG A 1 23  ? 11.745  14.723  -3.910  1.00 94.31  ? 20  ARG A O   1 
ATOM   5    C CB  . ARG A 1 23  ? 10.765  17.860  -2.932  1.00 100.45 ? 20  ARG A CB  1 
ATOM   6    C CG  . ARG A 1 23  ? 10.790  19.365  -3.158  1.00 104.01 ? 20  ARG A CG  1 
ATOM   7    C CD  . ARG A 1 23  ? 10.156  20.147  -2.022  1.00 105.96 ? 20  ARG A CD  1 
ATOM   8    N NE  . ARG A 1 23  ? 9.653   21.435  -2.484  1.00 107.45 ? 20  ARG A NE  1 
ATOM   9    C CZ  . ARG A 1 23  ? 8.774   22.197  -1.837  1.00 109.84 ? 20  ARG A CZ  1 
ATOM   10   N NH1 . ARG A 1 23  ? 8.278   21.815  -0.670  1.00 112.21 ? 20  ARG A NH1 1 
ATOM   11   N NH2 . ARG A 1 23  ? 8.386   23.344  -2.365  1.00 111.29 ? 20  ARG A NH2 1 
ATOM   12   N N   . GLU A 1 24  ? 13.306  16.211  -3.152  1.00 93.19  ? 21  GLU A N   1 
ATOM   13   C CA  . GLU A 1 24  ? 14.211  15.238  -2.481  1.00 87.83  ? 21  GLU A CA  1 
ATOM   14   C C   . GLU A 1 24  ? 14.046  15.391  -0.961  1.00 82.49  ? 21  GLU A C   1 
ATOM   15   O O   . GLU A 1 24  ? 15.063  15.470  -0.235  1.00 77.98  ? 21  GLU A O   1 
ATOM   16   C CB  . GLU A 1 24  ? 15.651  15.393  -2.981  1.00 89.78  ? 21  GLU A CB  1 
ATOM   17   C CG  . GLU A 1 24  ? 15.943  14.579  -4.237  1.00 95.66  ? 21  GLU A CG  1 
ATOM   18   C CD  . GLU A 1 24  ? 15.864  13.065  -4.081  1.00 98.79  ? 21  GLU A CD  1 
ATOM   19   O OE1 . GLU A 1 24  ? 16.877  12.450  -3.687  1.00 96.28  ? 21  GLU A OE1 1 
ATOM   20   O OE2 . GLU A 1 24  ? 14.783  12.496  -4.353  1.00 93.29  ? 21  GLU A OE2 1 
ATOM   21   N N   . ASN A 1 25  ? 12.791  15.411  -0.505  1.00 75.76  ? 22  ASN A N   1 
ATOM   22   C CA  . ASN A 1 25  ? 12.408  15.123  0.902   1.00 75.66  ? 22  ASN A CA  1 
ATOM   23   C C   . ASN A 1 25  ? 12.296  13.603  1.099   1.00 67.48  ? 22  ASN A C   1 
ATOM   24   O O   . ASN A 1 25  ? 12.033  13.190  2.238   1.00 70.88  ? 22  ASN A O   1 
ATOM   25   C CB  . ASN A 1 25  ? 11.094  15.810  1.285   1.00 75.02  ? 22  ASN A CB  1 
ATOM   26   C CG  . ASN A 1 25  ? 11.203  17.316  1.270   1.00 81.07  ? 22  ASN A CG  1 
ATOM   27   O OD1 . ASN A 1 25  ? 12.129  17.876  1.853   1.00 89.04  ? 22  ASN A OD1 1 
ATOM   28   N ND2 . ASN A 1 25  ? 10.267  17.977  0.608   1.00 83.47  ? 22  ASN A ND2 1 
ATOM   29   N N   . GLN A 1 26  ? 12.497  12.809  0.041   1.00 59.30  ? 23  GLN A N   1 
ATOM   30   C CA  . GLN A 1 26  ? 12.269  11.338  0.034   1.00 56.93  ? 23  GLN A CA  1 
ATOM   31   C C   . GLN A 1 26  ? 13.341  10.651  0.886   1.00 48.94  ? 23  GLN A C   1 
ATOM   32   O O   . GLN A 1 26  ? 14.474  11.133  0.896   1.00 48.38  ? 23  GLN A O   1 
ATOM   33   C CB  . GLN A 1 26  ? 12.315  10.781  -1.390  1.00 63.39  ? 23  GLN A CB  1 
ATOM   34   C CG  . GLN A 1 26  ? 11.687  11.701  -2.430  1.00 71.77  ? 23  GLN A CG  1 
ATOM   35   C CD  . GLN A 1 26  ? 11.362  10.994  -3.725  1.00 74.26  ? 23  GLN A CD  1 
ATOM   36   O OE1 . GLN A 1 26  ? 10.601  10.030  -3.756  1.00 80.55  ? 23  GLN A OE1 1 
ATOM   37   N NE2 . GLN A 1 26  ? 11.927  11.487  -4.815  1.00 69.39  ? 23  GLN A NE2 1 
ATOM   38   N N   . VAL A 1 27  ? 12.999  9.540   1.542   1.00 45.07  ? 24  VAL A N   1 
ATOM   39   C CA  . VAL A 1 27  ? 13.946  8.748   2.385   1.00 42.86  ? 24  VAL A CA  1 
ATOM   40   C C   . VAL A 1 27  ? 14.135  7.369   1.740   1.00 39.23  ? 24  VAL A C   1 
ATOM   41   O O   . VAL A 1 27  ? 13.139  6.784   1.280   1.00 35.56  ? 24  VAL A O   1 
ATOM   42   C CB  . VAL A 1 27  ? 13.471  8.627   3.847   1.00 43.44  ? 24  VAL A CB  1 
ATOM   43   C CG1 . VAL A 1 27  ? 14.524  7.972   4.726   1.00 43.33  ? 24  VAL A CG1 1 
ATOM   44   C CG2 . VAL A 1 27  ? 13.081  9.983   4.421   1.00 46.88  ? 24  VAL A CG2 1 
ATOM   45   N N   . TYR A 1 28  ? 15.376  6.885   1.749   1.00 39.14  ? 25  TYR A N   1 
ATOM   46   C CA  . TYR A 1 28  ? 15.831  5.645   1.076   1.00 39.11  ? 25  TYR A CA  1 
ATOM   47   C C   . TYR A 1 28  ? 16.520  4.781   2.117   1.00 38.25  ? 25  TYR A C   1 
ATOM   48   O O   . TYR A 1 28  ? 17.132  5.333   3.042   1.00 39.04  ? 25  TYR A O   1 
ATOM   49   C CB  . TYR A 1 28  ? 16.769  5.957   -0.093  1.00 41.69  ? 25  TYR A CB  1 
ATOM   50   C CG  . TYR A 1 28  ? 16.109  6.760   -1.180  1.00 44.94  ? 25  TYR A CG  1 
ATOM   51   C CD1 . TYR A 1 28  ? 15.381  6.139   -2.180  1.00 45.34  ? 25  TYR A CD1 1 
ATOM   52   C CD2 . TYR A 1 28  ? 16.167  8.146   -1.181  1.00 49.62  ? 25  TYR A CD2 1 
ATOM   53   C CE1 . TYR A 1 28  ? 14.734  6.868   -3.165  1.00 48.21  ? 25  TYR A CE1 1 
ATOM   54   C CE2 . TYR A 1 28  ? 15.529  8.891   -2.160  1.00 48.27  ? 25  TYR A CE2 1 
ATOM   55   C CZ  . TYR A 1 28  ? 14.809  8.250   -3.154  1.00 51.15  ? 25  TYR A CZ  1 
ATOM   56   O OH  . TYR A 1 28  ? 14.164  8.970   -4.118  1.00 52.69  ? 25  TYR A OH  1 
ATOM   57   N N   . SER A 1 29  ? 16.375  3.465   1.984   1.00 37.42  ? 26  SER A N   1 
ATOM   58   C CA  . SER A 1 29  ? 17.093  2.479   2.819   1.00 36.52  ? 26  SER A CA  1 
ATOM   59   C C   . SER A 1 29  ? 18.575  2.762   2.647   1.00 40.74  ? 26  SER A C   1 
ATOM   60   O O   . SER A 1 29  ? 19.065  2.804   1.517   1.00 41.47  ? 26  SER A O   1 
ATOM   61   C CB  . SER A 1 29  ? 16.752  1.058   2.429   1.00 36.12  ? 26  SER A CB  1 
ATOM   62   O OG  . SER A 1 29  ? 17.728  0.167   2.937   1.00 36.85  ? 26  SER A OG  1 
ATOM   63   N N   . PRO A 1 30  ? 19.327  2.956   3.747   1.00 40.89  ? 27  PRO A N   1 
ATOM   64   C CA  . PRO A 1 30  ? 20.773  3.122   3.648   1.00 38.85  ? 27  PRO A CA  1 
ATOM   65   C C   . PRO A 1 30  ? 21.492  1.846   3.185   1.00 40.49  ? 27  PRO A C   1 
ATOM   66   O O   . PRO A 1 30  ? 22.641  1.949   2.848   1.00 41.79  ? 27  PRO A O   1 
ATOM   67   C CB  . PRO A 1 30  ? 21.191  3.485   5.074   1.00 37.49  ? 27  PRO A CB  1 
ATOM   68   C CG  . PRO A 1 30  ? 20.111  2.869   5.947   1.00 38.10  ? 27  PRO A CG  1 
ATOM   69   C CD  . PRO A 1 30  ? 18.841  2.995   5.138   1.00 39.57  ? 27  PRO A CD  1 
ATOM   70   N N   . VAL A 1 31  ? 20.813  0.692   3.189   1.00 41.19  ? 28  VAL A N   1 
ATOM   71   C CA  . VAL A 1 31  ? 21.414  -0.620  2.815   1.00 40.43  ? 28  VAL A CA  1 
ATOM   72   C C   . VAL A 1 31  ? 21.133  -0.884  1.335   1.00 44.11  ? 28  VAL A C   1 
ATOM   73   O O   . VAL A 1 31  ? 22.096  -1.065  0.592   1.00 43.69  ? 28  VAL A O   1 
ATOM   74   C CB  . VAL A 1 31  ? 20.887  -1.765  3.700   1.00 41.15  ? 28  VAL A CB  1 
ATOM   75   C CG1 . VAL A 1 31  ? 21.381  -3.133  3.237   1.00 41.23  ? 28  VAL A CG1 1 
ATOM   76   C CG2 . VAL A 1 31  ? 21.238  -1.553  5.162   1.00 40.10  ? 28  VAL A CG2 1 
ATOM   77   N N   . THR A 1 32  ? 19.856  -0.929  0.935   1.00 44.33  ? 29  THR A N   1 
ATOM   78   C CA  . THR A 1 32  ? 19.422  -1.397  -0.407  1.00 42.73  ? 29  THR A CA  1 
ATOM   79   C C   . THR A 1 32  ? 19.212  -0.228  -1.372  1.00 42.99  ? 29  THR A C   1 
ATOM   80   O O   . THR A 1 32  ? 19.109  -0.512  -2.563  1.00 40.81  ? 29  THR A O   1 
ATOM   81   C CB  . THR A 1 32  ? 18.110  -2.180  -0.335  1.00 42.18  ? 29  THR A CB  1 
ATOM   82   O OG1 . THR A 1 32  ? 17.089  -1.261  0.069   1.00 40.30  ? 29  THR A OG1 1 
ATOM   83   C CG2 . THR A 1 32  ? 18.195  -3.356  0.611   1.00 42.98  ? 29  THR A CG2 1 
ATOM   84   N N   . GLY A 1 33  ? 19.075  1.007   -0.873  1.00 39.58  ? 30  GLY A N   1 
ATOM   85   C CA  . GLY A 1 33  ? 18.704  2.187   -1.682  1.00 39.25  ? 30  GLY A CA  1 
ATOM   86   C C   . GLY A 1 33  ? 17.226  2.217   -2.055  1.00 39.77  ? 30  GLY A C   1 
ATOM   87   O O   . GLY A 1 33  ? 16.812  3.146   -2.776  1.00 37.83  ? 30  GLY A O   1 
ATOM   88   N N   . ALA A 1 34  ? 16.426  1.259   -1.574  1.00 37.73  ? 31  ALA A N   1 
ATOM   89   C CA  . ALA A 1 34  ? 14.974  1.228   -1.823  1.00 36.51  ? 31  ALA A CA  1 
ATOM   90   C C   . ALA A 1 34  ? 14.368  2.492   -1.201  1.00 36.61  ? 31  ALA A C   1 
ATOM   91   O O   . ALA A 1 34  ? 14.836  2.957   -0.151  1.00 36.30  ? 31  ALA A O   1 
ATOM   92   C CB  . ALA A 1 34  ? 14.344  -0.031  -1.279  1.00 38.26  ? 31  ALA A CB  1 
ATOM   93   N N   . ARG A 1 35  ? 13.376  3.036   -1.879  1.00 37.00  ? 32  ARG A N   1 
ATOM   94   C CA  . ARG A 1 35  ? 12.537  4.155   -1.412  1.00 39.33  ? 32  ARG A CA  1 
ATOM   95   C C   . ARG A 1 35  ? 11.705  3.675   -0.228  1.00 38.44  ? 32  ARG A C   1 
ATOM   96   O O   . ARG A 1 35  ? 11.099  2.586   -0.340  1.00 34.60  ? 32  ARG A O   1 
ATOM   97   C CB  . ARG A 1 35  ? 11.659  4.554   -2.593  1.00 44.40  ? 32  ARG A CB  1 
ATOM   98   C CG  . ARG A 1 35  ? 10.973  5.895   -2.451  1.00 49.04  ? 32  ARG A CG  1 
ATOM   99   C CD  . ARG A 1 35  ? 10.407  6.219   -3.814  1.00 54.88  ? 32  ARG A CD  1 
ATOM   100  N NE  . ARG A 1 35  ? 9.420   7.262   -3.642  1.00 63.48  ? 32  ARG A NE  1 
ATOM   101  C CZ  . ARG A 1 35  ? 8.109   7.113   -3.791  1.00 67.04  ? 32  ARG A CZ  1 
ATOM   102  N NH1 . ARG A 1 35  ? 7.593   5.952   -4.163  1.00 65.85  ? 32  ARG A NH1 1 
ATOM   103  N NH2 . ARG A 1 35  ? 7.320   8.153   -3.588  1.00 67.83  ? 32  ARG A NH2 1 
ATOM   104  N N   . LEU A 1 36  ? 11.659  4.438   0.868   1.00 35.62  ? 33  LEU A N   1 
ATOM   105  C CA  . LEU A 1 36  ? 10.861  4.008   2.041   1.00 35.33  ? 33  LEU A CA  1 
ATOM   106  C C   . LEU A 1 36  ? 9.458   4.588   1.890   1.00 36.41  ? 33  LEU A C   1 
ATOM   107  O O   . LEU A 1 36  ? 9.321   5.814   1.703   1.00 37.45  ? 33  LEU A O   1 
ATOM   108  C CB  . LEU A 1 36  ? 11.553  4.428   3.335   1.00 34.92  ? 33  LEU A CB  1 
ATOM   109  C CG  . LEU A 1 36  ? 12.976  3.914   3.492   1.00 35.57  ? 33  LEU A CG  1 
ATOM   110  C CD1 . LEU A 1 36  ? 13.530  4.299   4.854   1.00 36.42  ? 33  LEU A CD1 1 
ATOM   111  C CD2 . LEU A 1 36  ? 13.042  2.405   3.293   1.00 35.15  ? 33  LEU A CD2 1 
ATOM   112  N N   . VAL A 1 37  ? 8.460   3.709   1.952   1.00 32.87  ? 34  VAL A N   1 
ATOM   113  C CA  . VAL A 1 37  ? 7.027   4.035   1.734   1.00 34.39  ? 34  VAL A CA  1 
ATOM   114  C C   . VAL A 1 37  ? 6.253   3.429   2.898   1.00 35.82  ? 34  VAL A C   1 
ATOM   115  O O   . VAL A 1 37  ? 6.636   2.345   3.391   1.00 32.19  ? 34  VAL A O   1 
ATOM   116  C CB  . VAL A 1 37  ? 6.519   3.535   0.366   1.00 34.00  ? 34  VAL A CB  1 
ATOM   117  C CG1 . VAL A 1 37  ? 5.003   3.561   0.255   1.00 33.95  ? 34  VAL A CG1 1 
ATOM   118  C CG2 . VAL A 1 37  ? 7.129   4.321   -0.783  1.00 34.36  ? 34  VAL A CG2 1 
ATOM   119  N N   . ALA A 1 38  ? 5.253   4.159   3.373   1.00 32.38  ? 35  ALA A N   1 
ATOM   120  C CA  . ALA A 1 38  ? 4.329   3.684   4.410   1.00 32.80  ? 35  ALA A CA  1 
ATOM   121  C C   . ALA A 1 38  ? 2.929   3.785   3.842   1.00 31.21  ? 35  ALA A C   1 
ATOM   122  O O   . ALA A 1 38  ? 2.673   4.704   3.030   1.00 34.22  ? 35  ALA A O   1 
ATOM   123  C CB  . ALA A 1 38  ? 4.485   4.486   5.676   1.00 35.45  ? 35  ALA A CB  1 
ATOM   124  N N   . GLY A 1 39  ? 2.065   2.866   4.234   1.00 34.33  ? 36  GLY A N   1 
ATOM   125  C CA  . GLY A 1 39  ? 0.658   2.907   3.822   1.00 35.23  ? 36  GLY A CA  1 
ATOM   126  C C   . GLY A 1 39  ? -0.226  2.184   4.803   1.00 34.99  ? 36  GLY A C   1 
ATOM   127  O O   . GLY A 1 39  ? 0.290   1.644   5.805   1.00 33.15  ? 36  GLY A O   1 
ATOM   128  N N   . CYS A 1 40  ? -1.514  2.155   4.488   1.00 32.18  ? 37  CYS A N   1 
ATOM   129  C CA  . CYS A 1 40  ? -2.589  1.641   5.358   1.00 35.01  ? 37  CYS A CA  1 
ATOM   130  C C   . CYS A 1 40  ? -3.437  0.650   4.580   1.00 32.99  ? 37  CYS A C   1 
ATOM   131  O O   . CYS A 1 40  ? -3.848  0.956   3.446   1.00 35.25  ? 37  CYS A O   1 
ATOM   132  C CB  . CYS A 1 40  ? -3.486  2.756   5.884   1.00 38.34  ? 37  CYS A CB  1 
ATOM   133  S SG  . CYS A 1 40  ? -2.747  3.662   7.269   1.00 43.41  ? 37  CYS A SG  1 
ATOM   134  N N   . ILE A 1 41  ? -3.719  -0.464  5.229   1.00 32.81  ? 38  ILE A N   1 
ATOM   135  C CA  . ILE A 1 41  ? -4.892  -1.312  4.937   1.00 32.63  ? 38  ILE A CA  1 
ATOM   136  C C   . ILE A 1 41  ? -6.030  -0.790  5.818   1.00 33.20  ? 38  ILE A C   1 
ATOM   137  O O   . ILE A 1 41  ? -6.070  -1.117  7.017   1.00 32.99  ? 38  ILE A O   1 
ATOM   138  C CB  . ILE A 1 41  ? -4.525  -2.788  5.152   1.00 33.77  ? 38  ILE A CB  1 
ATOM   139  C CG1 . ILE A 1 41  ? -3.319  -3.176  4.286   1.00 37.25  ? 38  ILE A CG1 1 
ATOM   140  C CG2 . ILE A 1 41  ? -5.720  -3.693  4.917   1.00 34.10  ? 38  ILE A CG2 1 
ATOM   141  C CD1 . ILE A 1 41  ? -3.527  -3.032  2.793   1.00 36.41  ? 38  ILE A CD1 1 
ATOM   142  N N   . CYS A 1 42  ? -6.919  0.011   5.229   1.00 32.67  ? 39  CYS A N   1 
ATOM   143  C CA  . CYS A 1 42  ? -8.061  0.645   5.939   1.00 32.80  ? 39  CYS A CA  1 
ATOM   144  C C   . CYS A 1 42  ? -9.280  -0.269  5.865   1.00 31.69  ? 39  CYS A C   1 
ATOM   145  O O   . CYS A 1 42  ? -9.840  -0.399  4.772   1.00 34.72  ? 39  CYS A O   1 
ATOM   146  C CB  . CYS A 1 42  ? -8.380  2.015   5.356   1.00 33.51  ? 39  CYS A CB  1 
ATOM   147  S SG  . CYS A 1 42  ? -6.921  3.046   5.087   1.00 37.58  ? 39  CYS A SG  1 
ATOM   148  N N   . LEU A 1 43  ? -9.683  -0.839  7.000   1.00 31.25  ? 40  LEU A N   1 
ATOM   149  C CA  . LEU A 1 43  ? -10.818 -1.777  7.112   1.00 36.01  ? 40  LEU A CA  1 
ATOM   150  C C   . LEU A 1 43  ? -12.000 -1.096  7.797   1.00 37.02  ? 40  LEU A C   1 
ATOM   151  O O   . LEU A 1 43  ? -11.801 -0.292  8.719   1.00 36.05  ? 40  LEU A O   1 
ATOM   152  C CB  . LEU A 1 43  ? -10.411 -3.019  7.908   1.00 35.98  ? 40  LEU A CB  1 
ATOM   153  C CG  . LEU A 1 43  ? -9.190  -3.767  7.388   1.00 35.57  ? 40  LEU A CG  1 
ATOM   154  C CD1 . LEU A 1 43  ? -9.011  -5.063  8.166   1.00 36.52  ? 40  LEU A CD1 1 
ATOM   155  C CD2 . LEU A 1 43  ? -9.318  -4.032  5.893   1.00 37.45  ? 40  LEU A CD2 1 
ATOM   156  N N   . THR A 1 44  ? -13.191 -1.462  7.346   1.00 39.53  ? 41  THR A N   1 
ATOM   157  C CA  . THR A 1 44  ? -14.475 -1.129  7.995   1.00 39.52  ? 41  THR A CA  1 
ATOM   158  C C   . THR A 1 44  ? -14.423 -1.736  9.384   1.00 39.56  ? 41  THR A C   1 
ATOM   159  O O   . THR A 1 44  ? -13.710 -2.716  9.616   1.00 40.00  ? 41  THR A O   1 
ATOM   160  C CB  . THR A 1 44  ? -15.648 -1.569  7.110   1.00 43.37  ? 41  THR A CB  1 
ATOM   161  O OG1 . THR A 1 44  ? -15.593 -2.983  6.900   1.00 43.96  ? 41  THR A OG1 1 
ATOM   162  C CG2 . THR A 1 44  ? -15.649 -0.857  5.774   1.00 43.49  ? 41  THR A CG2 1 
ATOM   163  N N   . PRO A 1 45  ? -15.124 -1.143  10.373  1.00 44.99  ? 42  PRO A N   1 
ATOM   164  C CA  . PRO A 1 45  ? -15.152 -1.703  11.721  1.00 42.91  ? 42  PRO A CA  1 
ATOM   165  C C   . PRO A 1 45  ? -15.497 -3.198  11.751  1.00 46.22  ? 42  PRO A C   1 
ATOM   166  O O   . PRO A 1 45  ? -14.899 -3.911  12.543  1.00 50.26  ? 42  PRO A O   1 
ATOM   167  C CB  . PRO A 1 45  ? -16.223 -0.859  12.431  1.00 43.55  ? 42  PRO A CB  1 
ATOM   168  C CG  . PRO A 1 45  ? -16.165 0.477   11.711  1.00 44.43  ? 42  PRO A CG  1 
ATOM   169  C CD  . PRO A 1 45  ? -15.874 0.122   10.267  1.00 45.94  ? 42  PRO A CD  1 
ATOM   170  N N   . ASP A 1 46  ? -16.413 -3.646  10.889  1.00 47.92  ? 43  ASP A N   1 
ATOM   171  C CA  . ASP A 1 46  ? -16.890 -5.059  10.854  1.00 50.80  ? 43  ASP A CA  1 
ATOM   172  C C   . ASP A 1 46  ? -15.886 -5.947  10.100  1.00 47.42  ? 43  ASP A C   1 
ATOM   173  O O   . ASP A 1 46  ? -16.089 -7.177  10.092  1.00 45.82  ? 43  ASP A O   1 
ATOM   174  C CB  . ASP A 1 46  ? -18.296 -5.158  10.256  1.00 51.93  ? 43  ASP A CB  1 
ATOM   175  C CG  . ASP A 1 46  ? -18.361 -4.911  8.760   1.00 55.28  ? 43  ASP A CG  1 
ATOM   176  O OD1 . ASP A 1 46  ? -17.287 -4.779  8.134   1.00 57.53  ? 43  ASP A OD1 1 
ATOM   177  O OD2 . ASP A 1 46  ? -19.484 -4.840  8.232   1.00 60.62  ? 43  ASP A OD2 1 
ATOM   178  N N   . LYS A 1 47  ? -14.888 -5.337  9.447   1.00 48.55  ? 44  LYS A N   1 
ATOM   179  C CA  . LYS A 1 47  ? -13.681 -5.978  8.853   1.00 45.17  ? 44  LYS A CA  1 
ATOM   180  C C   . LYS A 1 47  ? -14.019 -6.735  7.563   1.00 47.00  ? 44  LYS A C   1 
ATOM   181  O O   . LYS A 1 47  ? -13.173 -7.531  7.125   1.00 43.58  ? 44  LYS A O   1 
ATOM   182  C CB  . LYS A 1 47  ? -13.009 -6.909  9.869   1.00 49.98  ? 44  LYS A CB  1 
ATOM   183  C CG  . LYS A 1 47  ? -12.104 -6.199  10.860  1.00 50.76  ? 44  LYS A CG  1 
ATOM   184  C CD  . LYS A 1 47  ? -11.937 -6.927  12.162  1.00 54.00  ? 44  LYS A CD  1 
ATOM   185  C CE  . LYS A 1 47  ? -11.215 -6.085  13.195  1.00 58.05  ? 44  LYS A CE  1 
ATOM   186  N NZ  . LYS A 1 47  ? -12.011 -4.901  13.604  1.00 58.89  ? 44  LYS A NZ  1 
ATOM   187  N N   . LYS A 1 48  ? -15.167 -6.455  6.939   1.00 46.02  ? 45  LYS A N   1 
ATOM   188  C CA  . LYS A 1 48  ? -15.615 -7.156  5.709   1.00 48.11  ? 45  LYS A CA  1 
ATOM   189  C C   . LYS A 1 48  ? -15.076 -6.433  4.476   1.00 44.55  ? 45  LYS A C   1 
ATOM   190  O O   . LYS A 1 48  ? -14.984 -7.077  3.429   1.00 42.65  ? 45  LYS A O   1 
ATOM   191  C CB  . LYS A 1 48  ? -17.140 -7.290  5.680   1.00 52.87  ? 45  LYS A CB  1 
ATOM   192  C CG  . LYS A 1 48  ? -17.709 -7.999  6.899   1.00 58.45  ? 45  LYS A CG  1 
ATOM   193  C CD  . LYS A 1 48  ? -19.034 -8.683  6.681   1.00 64.59  ? 45  LYS A CD  1 
ATOM   194  C CE  . LYS A 1 48  ? -19.539 -9.329  7.955   1.00 68.07  ? 45  LYS A CE  1 
ATOM   195  N NZ  . LYS A 1 48  ? -20.981 -9.664  7.871   1.00 71.42  ? 45  LYS A NZ  1 
ATOM   196  N N   . GLN A 1 49  ? -14.707 -5.155  4.587   1.00 39.38  ? 46  GLN A N   1 
ATOM   197  C CA  . GLN A 1 49  ? -14.291 -4.365  3.406   1.00 38.09  ? 46  GLN A CA  1 
ATOM   198  C C   . GLN A 1 49  ? -13.010 -3.581  3.691   1.00 36.30  ? 46  GLN A C   1 
ATOM   199  O O   . GLN A 1 49  ? -12.788 -3.192  4.853   1.00 38.18  ? 46  GLN A O   1 
ATOM   200  C CB  . GLN A 1 49  ? -15.444 -3.459  2.980   1.00 41.70  ? 46  GLN A CB  1 
ATOM   201  C CG  . GLN A 1 49  ? -16.647 -4.223  2.444   1.00 44.99  ? 46  GLN A CG  1 
ATOM   202  C CD  . GLN A 1 49  ? -17.649 -3.256  1.864   1.00 49.97  ? 46  GLN A CD  1 
ATOM   203  O OE1 . GLN A 1 49  ? -18.182 -2.408  2.568   1.00 52.40  ? 46  GLN A OE1 1 
ATOM   204  N NE2 . GLN A 1 49  ? -17.876 -3.352  0.566   1.00 56.18  ? 46  GLN A NE2 1 
ATOM   205  N N   . VAL A 1 50  ? -12.234 -3.356  2.633   1.00 35.46  ? 47  VAL A N   1 
ATOM   206  C CA  . VAL A 1 50  ? -10.972 -2.569  2.611   1.00 34.72  ? 47  VAL A CA  1 
ATOM   207  C C   . VAL A 1 50  ? -11.187 -1.411  1.651   1.00 37.42  ? 47  VAL A C   1 
ATOM   208  O O   . VAL A 1 50  ? -11.825 -1.618  0.595   1.00 35.14  ? 47  VAL A O   1 
ATOM   209  C CB  . VAL A 1 50  ? -9.732  -3.389  2.193   1.00 35.77  ? 47  VAL A CB  1 
ATOM   210  C CG1 . VAL A 1 50  ? -9.908  -4.130  0.871   1.00 34.94  ? 47  VAL A CG1 1 
ATOM   211  C CG2 . VAL A 1 50  ? -8.491  -2.523  2.137   1.00 34.59  ? 47  VAL A CG2 1 
ATOM   212  N N   . LEU A 1 51  ? -10.644 -0.248  2.009   1.00 35.33  ? 48  LEU A N   1 
ATOM   213  C CA  . LEU A 1 51  ? -10.711 0.974   1.181   1.00 36.08  ? 48  LEU A CA  1 
ATOM   214  C C   . LEU A 1 51  ? -9.622  0.922   0.120   1.00 35.33  ? 48  LEU A C   1 
ATOM   215  O O   . LEU A 1 51  ? -8.432  0.802   0.473   1.00 34.17  ? 48  LEU A O   1 
ATOM   216  C CB  . LEU A 1 51  ? -10.530 2.206   2.072   1.00 38.47  ? 48  LEU A CB  1 
ATOM   217  C CG  . LEU A 1 51  ? -10.803 3.540   1.383   1.00 41.69  ? 48  LEU A CG  1 
ATOM   218  C CD1 . LEU A 1 51  ? -12.282 3.670   1.061   1.00 42.03  ? 48  LEU A CD1 1 
ATOM   219  C CD2 . LEU A 1 51  ? -10.333 4.700   2.250   1.00 41.61  ? 48  LEU A CD2 1 
ATOM   220  N N   . MET A 1 52  ? -9.998  1.106   -1.138  1.00 31.40  ? 49  MET A N   1 
ATOM   221  C CA  . MET A 1 52  ? -9.017  1.160   -2.239  1.00 31.96  ? 49  MET A CA  1 
ATOM   222  C C   . MET A 1 52  ? -9.173  2.486   -2.964  1.00 31.75  ? 49  MET A C   1 
ATOM   223  O O   . MET A 1 52  ? -10.260 3.061   -2.891  1.00 33.96  ? 49  MET A O   1 
ATOM   224  C CB  . MET A 1 52  ? -9.238  -0.026  -3.185  1.00 35.77  ? 49  MET A CB  1 
ATOM   225  C CG  . MET A 1 52  ? -9.194  -1.356  -2.461  1.00 37.74  ? 49  MET A CG  1 
ATOM   226  S SD  . MET A 1 52  ? -9.012  -2.794  -3.588  1.00 37.38  ? 49  MET A SD  1 
ATOM   227  C CE  . MET A 1 52  ? -7.300  -2.601  -4.047  1.00 31.62  ? 49  MET A CE  1 
ATOM   228  N N   . ILE A 1 53  ? -8.095  2.952   -3.581  1.00 33.55  ? 50  ILE A N   1 
ATOM   229  C CA  . ILE A 1 53  ? -8.027  4.188   -4.399  1.00 36.60  ? 50  ILE A CA  1 
ATOM   230  C C   . ILE A 1 53  ? -7.500  3.810   -5.779  1.00 39.84  ? 50  ILE A C   1 
ATOM   231  O O   . ILE A 1 53  ? -6.763  2.803   -5.883  1.00 38.25  ? 50  ILE A O   1 
ATOM   232  C CB  . ILE A 1 53  ? -7.119  5.246   -3.748  1.00 38.22  ? 50  ILE A CB  1 
ATOM   233  C CG1 . ILE A 1 53  ? -5.701  4.712   -3.517  1.00 41.81  ? 50  ILE A CG1 1 
ATOM   234  C CG2 . ILE A 1 53  ? -7.755  5.741   -2.461  1.00 36.91  ? 50  ILE A CG2 1 
ATOM   235  C CD1 . ILE A 1 53  ? -4.654  5.766   -3.329  1.00 42.56  ? 50  ILE A CD1 1 
ATOM   236  N N   . THR A 1 54  ? -7.822  4.626   -6.775  1.00 37.44  ? 51  THR A N   1 
ATOM   237  C CA  . THR A 1 54  ? -7.318  4.486   -8.155  1.00 40.34  ? 51  THR A CA  1 
ATOM   238  C C   . THR A 1 54  ? -5.909  5.064   -8.193  1.00 40.87  ? 51  THR A C   1 
ATOM   239  O O   . THR A 1 54  ? -5.643  6.056   -7.480  1.00 41.88  ? 51  THR A O   1 
ATOM   240  C CB  . THR A 1 54  ? -8.302  5.105   -9.153  1.00 42.83  ? 51  THR A CB  1 
ATOM   241  O OG1 . THR A 1 54  ? -8.391  6.506   -8.877  1.00 40.70  ? 51  THR A OG1 1 
ATOM   242  C CG2 . THR A 1 54  ? -9.669  4.467   -9.062  1.00 44.26  ? 51  THR A CG2 1 
ATOM   243  N N   . SER A 1 55  ? -5.015  4.410   -8.934  1.00 43.34  ? 52  SER A N   1 
ATOM   244  C CA  . SER A 1 55  ? -3.659  4.912   -9.259  1.00 43.89  ? 52  SER A CA  1 
ATOM   245  C C   . SER A 1 55  ? -3.809  6.235   -10.007 1.00 48.62  ? 52  SER A C   1 
ATOM   246  O O   . SER A 1 55  ? -4.808  6.384   -10.758 1.00 48.83  ? 52  SER A O   1 
ATOM   247  C CB  . SER A 1 55  ? -2.875  3.896   -10.068 1.00 48.16  ? 52  SER A CB  1 
ATOM   248  O OG  . SER A 1 55  ? -1.628  4.435   -10.500 1.00 47.45  ? 52  SER A OG  1 
ATOM   249  N N   . SER A 1 56  ? -2.884  7.167   -9.781  1.00 55.54  ? 53  SER A N   1 
ATOM   250  C CA  . SER A 1 56  ? -2.864  8.493   -10.447 1.00 65.36  ? 53  SER A CA  1 
ATOM   251  C C   . SER A 1 56  ? -2.477  8.289   -11.917 1.00 68.57  ? 53  SER A C   1 
ATOM   252  O O   . SER A 1 56  ? -3.258  8.729   -12.793 1.00 67.00  ? 53  SER A O   1 
ATOM   253  C CB  . SER A 1 56  ? -1.948  9.460   -9.739  1.00 65.48  ? 53  SER A CB  1 
ATOM   254  O OG  . SER A 1 56  ? -0.590  9.196   -10.055 1.00 71.69  ? 53  SER A OG  1 
ATOM   255  N N   . ALA A 1 57  ? -1.353  7.598   -12.165 1.00 74.16  ? 54  ALA A N   1 
ATOM   256  C CA  . ALA A 1 57  ? -0.813  7.297   -13.515 1.00 78.55  ? 54  ALA A CA  1 
ATOM   257  C C   . ALA A 1 57  ? -1.857  6.534   -14.343 1.00 82.28  ? 54  ALA A C   1 
ATOM   258  O O   . ALA A 1 57  ? -2.356  7.115   -15.330 1.00 86.59  ? 54  ALA A O   1 
ATOM   259  C CB  . ALA A 1 57  ? 0.482   6.526   -13.427 1.00 75.54  ? 54  ALA A CB  1 
ATOM   260  N N   . HIS A 1 58  ? -2.177  5.289   -13.966 1.00 85.51  ? 55  HIS A N   1 
ATOM   261  C CA  . HIS A 1 58  ? -3.172  4.433   -14.673 1.00 85.75  ? 55  HIS A CA  1 
ATOM   262  C C   . HIS A 1 58  ? -4.490  4.410   -13.888 1.00 80.04  ? 55  HIS A C   1 
ATOM   263  O O   . HIS A 1 58  ? -4.588  3.671   -12.897 1.00 83.03  ? 55  HIS A O   1 
ATOM   264  C CB  . HIS A 1 58  ? -2.587  3.047   -14.980 1.00 91.75  ? 55  HIS A CB  1 
ATOM   265  C CG  . HIS A 1 58  ? -1.753  3.020   -16.223 1.00 99.88  ? 55  HIS A CG  1 
ATOM   266  N ND1 . HIS A 1 58  ? -2.014  3.840   -17.310 1.00 100.63 ? 55  HIS A ND1 1 
ATOM   267  C CD2 . HIS A 1 58  ? -0.681  2.272   -16.566 1.00 100.49 ? 55  HIS A CD2 1 
ATOM   268  C CE1 . HIS A 1 58  ? -1.131  3.607   -18.260 1.00 103.10 ? 55  HIS A CE1 1 
ATOM   269  N NE2 . HIS A 1 58  ? -0.302  2.647   -17.829 1.00 101.85 ? 55  HIS A NE2 1 
ATOM   270  N N   . LYS A 1 59  ? -5.479  5.159   -14.379 1.00 77.49  ? 56  LYS A N   1 
ATOM   271  C CA  . LYS A 1 59  ? -6.726  5.554   -13.670 1.00 76.50  ? 56  LYS A CA  1 
ATOM   272  C C   . LYS A 1 59  ? -7.681  4.368   -13.490 1.00 69.21  ? 56  LYS A C   1 
ATOM   273  O O   . LYS A 1 59  ? -8.699  4.562   -12.801 1.00 66.54  ? 56  LYS A O   1 
ATOM   274  C CB  . LYS A 1 59  ? -7.414  6.682   -14.450 1.00 83.93  ? 56  LYS A CB  1 
ATOM   275  C CG  . LYS A 1 59  ? -6.571  7.940   -14.622 1.00 87.93  ? 56  LYS A CG  1 
ATOM   276  C CD  . LYS A 1 59  ? -7.268  9.056   -15.369 1.00 90.24  ? 56  LYS A CD  1 
ATOM   277  C CE  . LYS A 1 59  ? -6.602  10.400  -15.155 1.00 90.96  ? 56  LYS A CE  1 
ATOM   278  N NZ  . LYS A 1 59  ? -7.375  11.502  -15.774 1.00 94.67  ? 56  LYS A NZ  1 
ATOM   279  N N   . LYS A 1 60  ? -7.393  3.198   -14.079 1.00 70.88  ? 57  LYS A N   1 
ATOM   280  C CA  . LYS A 1 60  ? -8.255  1.985   -13.966 1.00 67.60  ? 57  LYS A CA  1 
ATOM   281  C C   . LYS A 1 60  ? -7.644  0.957   -12.999 1.00 61.97  ? 57  LYS A C   1 
ATOM   282  O O   . LYS A 1 60  ? -8.314  -0.062  -12.748 1.00 59.47  ? 57  LYS A O   1 
ATOM   283  C CB  . LYS A 1 60  ? -8.501  1.365   -15.346 1.00 73.28  ? 57  LYS A CB  1 
ATOM   284  C CG  . LYS A 1 60  ? -9.762  1.852   -16.050 1.00 78.95  ? 57  LYS A CG  1 
ATOM   285  C CD  . LYS A 1 60  ? -11.053 1.495   -15.326 1.00 80.72  ? 57  LYS A CD  1 
ATOM   286  C CE  . LYS A 1 60  ? -12.307 1.850   -16.100 1.00 82.81  ? 57  LYS A CE  1 
ATOM   287  N NZ  . LYS A 1 60  ? -12.385 1.134   -17.397 1.00 85.58  ? 57  LYS A NZ  1 
ATOM   288  N N   . ARG A 1 61  ? -6.444  1.208   -12.467 1.00 57.28  ? 58  ARG A N   1 
ATOM   289  C CA  . ARG A 1 61  ? -5.795  0.337   -11.445 1.00 57.58  ? 58  ARG A CA  1 
ATOM   290  C C   . ARG A 1 61  ? -6.253  0.772   -10.046 1.00 52.24  ? 58  ARG A C   1 
ATOM   291  O O   . ARG A 1 61  ? -6.127  1.974   -9.741  1.00 46.49  ? 58  ARG A O   1 
ATOM   292  C CB  . ARG A 1 61  ? -4.266  0.410   -11.529 1.00 61.34  ? 58  ARG A CB  1 
ATOM   293  C CG  . ARG A 1 61  ? -3.689  0.223   -12.925 1.00 74.03  ? 58  ARG A CG  1 
ATOM   294  C CD  . ARG A 1 61  ? -4.054  -1.095  -13.591 1.00 78.00  ? 58  ARG A CD  1 
ATOM   295  N NE  . ARG A 1 61  ? -3.141  -1.407  -14.688 1.00 82.45  ? 58  ARG A NE  1 
ATOM   296  C CZ  . ARG A 1 61  ? -3.354  -2.321  -15.633 1.00 84.11  ? 58  ARG A CZ  1 
ATOM   297  N NH1 . ARG A 1 61  ? -4.467  -3.040  -15.638 1.00 86.47  ? 58  ARG A NH1 1 
ATOM   298  N NH2 . ARG A 1 61  ? -2.447  -2.508  -16.577 1.00 80.64  ? 58  ARG A NH2 1 
ATOM   299  N N   . TRP A 1 62  ? -6.760  -0.172  -9.248  1.00 45.38  ? 59  TRP A N   1 
ATOM   300  C CA  . TRP A 1 62  ? -7.121  0.003   -7.820  1.00 42.60  ? 59  TRP A CA  1 
ATOM   301  C C   . TRP A 1 62  ? -5.987  -0.505  -6.924  1.00 46.18  ? 59  TRP A C   1 
ATOM   302  O O   . TRP A 1 62  ? -5.584  -1.697  -7.060  1.00 43.46  ? 59  TRP A O   1 
ATOM   303  C CB  . TRP A 1 62  ? -8.430  -0.707  -7.506  1.00 43.81  ? 59  TRP A CB  1 
ATOM   304  C CG  . TRP A 1 62  ? -9.608  -0.075  -8.173  1.00 46.01  ? 59  TRP A CG  1 
ATOM   305  C CD1 . TRP A 1 62  ? -10.098 -0.356  -9.417  1.00 47.76  ? 59  TRP A CD1 1 
ATOM   306  C CD2 . TRP A 1 62  ? -10.452 0.949   -7.622  1.00 44.28  ? 59  TRP A CD2 1 
ATOM   307  N NE1 . TRP A 1 62  ? -11.185 0.429   -9.685  1.00 48.49  ? 59  TRP A NE1 1 
ATOM   308  C CE2 . TRP A 1 62  ? -11.439 1.228   -8.595  1.00 49.72  ? 59  TRP A CE2 1 
ATOM   309  C CE3 . TRP A 1 62  ? -10.478 1.652   -6.410  1.00 43.02  ? 59  TRP A CE3 1 
ATOM   310  C CZ2 . TRP A 1 62  ? -12.433 2.186   -8.386  1.00 49.17  ? 59  TRP A CZ2 1 
ATOM   311  C CZ3 . TRP A 1 62  ? -11.465 2.592   -6.205  1.00 41.71  ? 59  TRP A CZ3 1 
ATOM   312  C CH2 . TRP A 1 62  ? -12.427 2.859   -7.181  1.00 44.17  ? 59  TRP A CH2 1 
ATOM   313  N N   . ILE A 1 63  ? -5.482  0.376   -6.058  1.00 40.47  ? 60  ILE A N   1 
ATOM   314  C CA  . ILE A 1 63  ? -4.370  0.100   -5.105  1.00 38.01  ? 60  ILE A CA  1 
ATOM   315  C C   . ILE A 1 63  ? -4.827  0.568   -3.715  1.00 33.49  ? 60  ILE A C   1 
ATOM   316  O O   . ILE A 1 63  ? -6.034  0.758   -3.521  1.00 30.98  ? 60  ILE A O   1 
ATOM   317  C CB  . ILE A 1 63  ? -3.068  0.763   -5.597  1.00 39.12  ? 60  ILE A CB  1 
ATOM   318  C CG1 . ILE A 1 63  ? -3.278  2.244   -5.895  1.00 42.88  ? 60  ILE A CG1 1 
ATOM   319  C CG2 . ILE A 1 63  ? -2.503  0.045   -6.816  1.00 42.17  ? 60  ILE A CG2 1 
ATOM   320  C CD1 . ILE A 1 63  ? -2.050  3.063   -5.738  1.00 40.17  ? 60  ILE A CD1 1 
ATOM   321  N N   . VAL A 1 64  ? -3.924  0.623   -2.740  1.00 35.11  ? 61  VAL A N   1 
ATOM   322  C CA  . VAL A 1 64  ? -4.250  1.071   -1.354  1.00 32.58  ? 61  VAL A CA  1 
ATOM   323  C C   . VAL A 1 64  ? -3.454  2.340   -1.090  1.00 31.85  ? 61  VAL A C   1 
ATOM   324  O O   . VAL A 1 64  ? -2.463  2.612   -1.765  1.00 34.64  ? 61  VAL A O   1 
ATOM   325  C CB  . VAL A 1 64  ? -3.991  -0.020  -0.298  1.00 33.93  ? 61  VAL A CB  1 
ATOM   326  C CG1 . VAL A 1 64  ? -4.941  -1.191  -0.463  1.00 33.92  ? 61  VAL A CG1 1 
ATOM   327  C CG2 . VAL A 1 64  ? -2.547  -0.489  -0.278  1.00 36.83  ? 61  VAL A CG2 1 
ATOM   328  N N   . PRO A 1 65  ? -3.892  3.187   -0.136  1.00 32.78  ? 62  PRO A N   1 
ATOM   329  C CA  . PRO A 1 65  ? -3.163  4.413   0.166   1.00 31.94  ? 62  PRO A CA  1 
ATOM   330  C C   . PRO A 1 65  ? -1.757  4.122   0.706   1.00 31.45  ? 62  PRO A C   1 
ATOM   331  O O   . PRO A 1 65  ? -1.610  3.263   1.568   1.00 32.88  ? 62  PRO A O   1 
ATOM   332  C CB  . PRO A 1 65  ? -4.028  5.119   1.230   1.00 34.38  ? 62  PRO A CB  1 
ATOM   333  C CG  . PRO A 1 65  ? -5.363  4.412   1.197   1.00 33.74  ? 62  PRO A CG  1 
ATOM   334  C CD  . PRO A 1 65  ? -5.071  2.998   0.716   1.00 31.85  ? 62  PRO A CD  1 
ATOM   335  N N   . LYS A 1 66  ? -0.771  4.875   0.224   1.00 31.15  ? 63  LYS A N   1 
ATOM   336  C CA  . LYS A 1 66  ? 0.661   4.689   0.530   1.00 35.79  ? 63  LYS A CA  1 
ATOM   337  C C   . LYS A 1 66  ? 1.420   5.874   -0.053  1.00 36.12  ? 63  LYS A C   1 
ATOM   338  O O   . LYS A 1 66  ? 0.911   6.453   -1.016  1.00 42.08  ? 63  LYS A O   1 
ATOM   339  C CB  . LYS A 1 66  ? 1.185   3.416   -0.141  1.00 40.39  ? 63  LYS A CB  1 
ATOM   340  C CG  . LYS A 1 66  ? 0.940   3.398   -1.638  1.00 40.07  ? 63  LYS A CG  1 
ATOM   341  C CD  . LYS A 1 66  ? 1.296   2.129   -2.355  1.00 40.81  ? 63  LYS A CD  1 
ATOM   342  C CE  . LYS A 1 66  ? 0.965   2.248   -3.824  1.00 39.27  ? 63  LYS A CE  1 
ATOM   343  N NZ  . LYS A 1 66  ? 1.661   3.405   -4.456  1.00 42.47  ? 63  LYS A NZ  1 
ATOM   344  N N   . GLY A 1 67  ? 2.612   6.161   0.456   1.00 33.58  ? 64  GLY A N   1 
ATOM   345  C CA  . GLY A 1 67  ? 3.475   7.191   -0.127  1.00 35.09  ? 64  GLY A CA  1 
ATOM   346  C C   . GLY A 1 67  ? 4.800   7.306   0.575   1.00 34.04  ? 64  GLY A C   1 
ATOM   347  O O   . GLY A 1 67  ? 5.005   6.669   1.630   1.00 33.81  ? 64  GLY A O   1 
ATOM   348  N N   . GLY A 1 68  ? 5.698   8.068   -0.037  1.00 34.67  ? 65  GLY A N   1 
ATOM   349  C CA  . GLY A 1 68  ? 7.079   8.213   0.430   1.00 35.98  ? 65  GLY A CA  1 
ATOM   350  C C   . GLY A 1 68  ? 7.095   8.841   1.810   1.00 38.29  ? 65  GLY A C   1 
ATOM   351  O O   . GLY A 1 68  ? 6.354   9.818   2.025   1.00 35.94  ? 65  GLY A O   1 
ATOM   352  N N   . VAL A 1 69  ? 7.882   8.268   2.715   1.00 36.76  ? 66  VAL A N   1 
ATOM   353  C CA  . VAL A 1 69  ? 8.297   8.914   3.987   1.00 38.50  ? 66  VAL A CA  1 
ATOM   354  C C   . VAL A 1 69  ? 9.087   10.172  3.605   1.00 39.63  ? 66  VAL A C   1 
ATOM   355  O O   . VAL A 1 69  ? 9.876   10.106  2.623   1.00 39.45  ? 66  VAL A O   1 
ATOM   356  C CB  . VAL A 1 69  ? 9.119   7.957   4.861   1.00 36.84  ? 66  VAL A CB  1 
ATOM   357  C CG1 . VAL A 1 69  ? 9.518   8.597   6.183   1.00 36.42  ? 66  VAL A CG1 1 
ATOM   358  C CG2 . VAL A 1 69  ? 8.376   6.649   5.103   1.00 38.37  ? 66  VAL A CG2 1 
ATOM   359  N N   . GLU A 1 70  ? 8.857   11.275  4.321   1.00 39.81  ? 67  GLU A N   1 
ATOM   360  C CA  . GLU A 1 70  ? 9.597   12.554  4.132   1.00 42.92  ? 67  GLU A CA  1 
ATOM   361  C C   . GLU A 1 70  ? 10.597  12.730  5.279   1.00 43.56  ? 67  GLU A C   1 
ATOM   362  O O   . GLU A 1 70  ? 10.366  12.150  6.337   1.00 42.91  ? 67  GLU A O   1 
ATOM   363  C CB  . GLU A 1 70  ? 8.584   13.681  3.966   1.00 46.93  ? 67  GLU A CB  1 
ATOM   364  C CG  . GLU A 1 70  ? 7.835   13.563  2.653   1.00 49.19  ? 67  GLU A CG  1 
ATOM   365  C CD  . GLU A 1 70  ? 6.650   14.494  2.485   1.00 58.45  ? 67  GLU A CD  1 
ATOM   366  O OE1 . GLU A 1 70  ? 6.265   15.148  3.476   1.00 64.11  ? 67  GLU A OE1 1 
ATOM   367  O OE2 . GLU A 1 70  ? 6.120   14.567  1.357   1.00 63.77  ? 67  GLU A OE2 1 
ATOM   368  N N   . LYS A 1 71  ? 11.675  13.495  5.058   1.00 47.75  ? 68  LYS A N   1 
ATOM   369  C CA  . LYS A 1 71  ? 12.850  13.612  5.971   1.00 54.14  ? 68  LYS A CA  1 
ATOM   370  C C   . LYS A 1 71  ? 12.422  14.050  7.375   1.00 53.04  ? 68  LYS A C   1 
ATOM   371  O O   . LYS A 1 71  ? 13.157  13.737  8.324   1.00 54.23  ? 68  LYS A O   1 
ATOM   372  C CB  . LYS A 1 71  ? 13.875  14.653  5.496   1.00 57.96  ? 68  LYS A CB  1 
ATOM   373  C CG  . LYS A 1 71  ? 14.331  14.557  4.047   1.00 64.59  ? 68  LYS A CG  1 
ATOM   374  C CD  . LYS A 1 71  ? 15.659  13.857  3.822   1.00 69.39  ? 68  LYS A CD  1 
ATOM   375  C CE  . LYS A 1 71  ? 16.147  14.043  2.399   1.00 72.75  ? 68  LYS A CE  1 
ATOM   376  N NZ  . LYS A 1 71  ? 17.281  13.146  2.078   1.00 76.33  ? 68  LYS A NZ  1 
ATOM   377  N N   . ASP A 1 72  ? 11.322  14.795  7.496   1.00 52.87  ? 69  ASP A N   1 
ATOM   378  C CA  . ASP A 1 72  ? 10.882  15.405  8.780   1.00 63.14  ? 69  ASP A CA  1 
ATOM   379  C C   . ASP A 1 72  ? 10.129  14.388  9.651   1.00 62.80  ? 69  ASP A C   1 
ATOM   380  O O   . ASP A 1 72  ? 10.101  14.585  10.882  1.00 65.58  ? 69  ASP A O   1 
ATOM   381  C CB  . ASP A 1 72  ? 10.025  16.649  8.520   1.00 68.67  ? 69  ASP A CB  1 
ATOM   382  C CG  . ASP A 1 72  ? 10.809  17.830  7.964   1.00 79.39  ? 69  ASP A CG  1 
ATOM   383  O OD1 . ASP A 1 72  ? 12.056  17.850  8.127   1.00 81.21  ? 69  ASP A OD1 1 
ATOM   384  O OD2 . ASP A 1 72  ? 10.170  18.729  7.372   1.00 88.69  ? 69  ASP A OD2 1 
ATOM   385  N N   . GLU A 1 73  ? 9.553   13.337  9.058   1.00 53.13  ? 70  GLU A N   1 
ATOM   386  C CA  . GLU A 1 73  ? 8.531   12.482  9.720   1.00 49.25  ? 70  GLU A CA  1 
ATOM   387  C C   . GLU A 1 73  ? 9.212   11.581  10.744  1.00 45.94  ? 70  GLU A C   1 
ATOM   388  O O   . GLU A 1 73  ? 10.216  10.941  10.451  1.00 47.52  ? 70  GLU A O   1 
ATOM   389  C CB  . GLU A 1 73  ? 7.732   11.724  8.660   1.00 49.24  ? 70  GLU A CB  1 
ATOM   390  C CG  . GLU A 1 73  ? 6.971   12.661  7.741   1.00 49.30  ? 70  GLU A CG  1 
ATOM   391  C CD  . GLU A 1 73  ? 5.966   12.014  6.802   1.00 49.82  ? 70  GLU A CD  1 
ATOM   392  O OE1 . GLU A 1 73  ? 6.404   11.227  5.908   1.00 42.26  ? 70  GLU A OE1 1 
ATOM   393  O OE2 . GLU A 1 73  ? 4.750   12.321  6.944   1.00 44.87  ? 70  GLU A OE2 1 
ATOM   394  N N   . PRO A 1 74  ? 8.703   11.522  11.994  1.00 47.10  ? 71  PRO A N   1 
ATOM   395  C CA  . PRO A 1 74  ? 9.384   10.796  13.065  1.00 47.08  ? 71  PRO A CA  1 
ATOM   396  C C   . PRO A 1 74  ? 9.140   9.281   13.077  1.00 42.63  ? 71  PRO A C   1 
ATOM   397  O O   . PRO A 1 74  ? 9.826   8.590   13.794  1.00 45.12  ? 71  PRO A O   1 
ATOM   398  C CB  . PRO A 1 74  ? 8.754   11.389  14.333  1.00 47.02  ? 71  PRO A CB  1 
ATOM   399  C CG  . PRO A 1 74  ? 7.351   11.761  13.911  1.00 47.24  ? 71  PRO A CG  1 
ATOM   400  C CD  . PRO A 1 74  ? 7.464   12.169  12.453  1.00 47.58  ? 71  PRO A CD  1 
ATOM   401  N N   . ASN A 1 75  ? 8.136   8.804   12.348  1.00 38.64  ? 72  ASN A N   1 
ATOM   402  C CA  . ASN A 1 75  ? 7.782   7.364   12.364  1.00 37.77  ? 72  ASN A CA  1 
ATOM   403  C C   . ASN A 1 75  ? 6.964   7.029   11.113  1.00 35.86  ? 72  ASN A C   1 
ATOM   404  O O   . ASN A 1 75  ? 6.495   7.958   10.399  1.00 35.51  ? 72  ASN A O   1 
ATOM   405  C CB  . ASN A 1 75  ? 7.078   6.960   13.662  1.00 39.36  ? 72  ASN A CB  1 
ATOM   406  C CG  . ASN A 1 75  ? 5.899   7.850   14.002  1.00 41.60  ? 72  ASN A CG  1 
ATOM   407  O OD1 . ASN A 1 75  ? 5.063   8.119   13.150  1.00 39.10  ? 72  ASN A OD1 1 
ATOM   408  N ND2 . ASN A 1 75  ? 5.830   8.324   15.240  1.00 41.76  ? 72  ASN A ND2 1 
ATOM   409  N N   . TYR A 1 76  ? 6.816   5.737   10.832  1.00 34.47  ? 73  TYR A N   1 
ATOM   410  C CA  . TYR A 1 76  ? 6.093   5.269   9.622   1.00 31.78  ? 73  TYR A CA  1 
ATOM   411  C C   . TYR A 1 76  ? 4.597   5.542   9.778   1.00 30.76  ? 73  TYR A C   1 
ATOM   412  O O   . TYR A 1 76  ? 3.953   5.826   8.755   1.00 32.20  ? 73  TYR A O   1 
ATOM   413  C CB  . TYR A 1 76  ? 6.422   3.806   9.328   1.00 31.90  ? 73  TYR A CB  1 
ATOM   414  C CG  . TYR A 1 76  ? 7.835   3.580   8.850   1.00 32.29  ? 73  TYR A CG  1 
ATOM   415  C CD1 . TYR A 1 76  ? 8.218   3.937   7.565   1.00 32.38  ? 73  TYR A CD1 1 
ATOM   416  C CD2 . TYR A 1 76  ? 8.788   2.989   9.671   1.00 33.65  ? 73  TYR A CD2 1 
ATOM   417  C CE1 . TYR A 1 76  ? 9.505   3.705   7.105   1.00 32.95  ? 73  TYR A CE1 1 
ATOM   418  C CE2 . TYR A 1 76  ? 10.082  2.748   9.224   1.00 34.49  ? 73  TYR A CE2 1 
ATOM   419  C CZ  . TYR A 1 76  ? 10.442  3.117   7.938   1.00 34.44  ? 73  TYR A CZ  1 
ATOM   420  O OH  . TYR A 1 76  ? 11.714  2.895   7.492   1.00 38.23  ? 73  TYR A OH  1 
ATOM   421  N N   . GLU A 1 77  ? 4.052   5.422   10.993  1.00 31.74  ? 74  GLU A N   1 
ATOM   422  C CA  . GLU A 1 77  ? 2.615   5.675   11.273  1.00 33.21  ? 74  GLU A CA  1 
ATOM   423  C C   . GLU A 1 77  ? 2.239   7.086   10.808  1.00 31.88  ? 74  GLU A C   1 
ATOM   424  O O   . GLU A 1 77  ? 1.146   7.229   10.217  1.00 31.28  ? 74  GLU A O   1 
ATOM   425  C CB  . GLU A 1 77  ? 2.277   5.478   12.755  1.00 35.51  ? 74  GLU A CB  1 
ATOM   426  C CG  . GLU A 1 77  ? 2.407   4.043   13.218  1.00 37.44  ? 74  GLU A CG  1 
ATOM   427  C CD  . GLU A 1 77  ? 3.729   3.674   13.880  1.00 44.24  ? 74  GLU A CD  1 
ATOM   428  O OE1 . GLU A 1 77  ? 4.809   4.242   13.493  1.00 41.47  ? 74  GLU A OE1 1 
ATOM   429  O OE2 . GLU A 1 77  ? 3.682   2.795   14.771  1.00 44.83  ? 74  GLU A OE2 1 
ATOM   430  N N   . THR A 1 78  ? 3.102   8.081   11.028  1.00 30.14  ? 75  THR A N   1 
ATOM   431  C CA  . THR A 1 78  ? 2.847   9.485   10.593  1.00 32.82  ? 75  THR A CA  1 
ATOM   432  C C   . THR A 1 78  ? 2.667   9.503   9.078   1.00 33.02  ? 75  THR A C   1 
ATOM   433  O O   . THR A 1 78  ? 1.653   10.005  8.624   1.00 31.66  ? 75  THR A O   1 
ATOM   434  C CB  . THR A 1 78  ? 3.972   10.449  11.004  1.00 35.97  ? 75  THR A CB  1 
ATOM   435  O OG1 . THR A 1 78  ? 4.131   10.364  12.420  1.00 38.52  ? 75  THR A OG1 1 
ATOM   436  C CG2 . THR A 1 78  ? 3.696   11.883  10.617  1.00 36.67  ? 75  THR A CG2 1 
ATOM   437  N N   . THR A 1 79  ? 3.623   8.955   8.329   1.00 32.01  ? 76  THR A N   1 
ATOM   438  C CA  . THR A 1 79  ? 3.515   8.876   6.854   1.00 32.39  ? 76  THR A CA  1 
ATOM   439  C C   . THR A 1 79  ? 2.223   8.173   6.456   1.00 29.18  ? 76  THR A C   1 
ATOM   440  O O   . THR A 1 79  ? 1.518   8.704   5.580   1.00 33.21  ? 76  THR A O   1 
ATOM   441  C CB  . THR A 1 79  ? 4.694   8.132   6.235   1.00 33.14  ? 76  THR A CB  1 
ATOM   442  O OG1 . THR A 1 79  ? 5.876   8.786   6.673   1.00 35.34  ? 76  THR A OG1 1 
ATOM   443  C CG2 . THR A 1 79  ? 4.624   8.125   4.723   1.00 35.01  ? 76  THR A CG2 1 
ATOM   444  N N   . ALA A 1 80  ? 1.920   7.020   7.063   1.00 30.51  ? 77  ALA A N   1 
ATOM   445  C CA  . ALA A 1 80  ? 0.766   6.176   6.676   1.00 31.39  ? 77  ALA A CA  1 
ATOM   446  C C   . ALA A 1 80  ? -0.529  6.976   6.840   1.00 34.22  ? 77  ALA A C   1 
ATOM   447  O O   . ALA A 1 80  ? -1.377  6.956   5.916   1.00 34.14  ? 77  ALA A O   1 
ATOM   448  C CB  . ALA A 1 80  ? 0.734   4.892   7.469   1.00 31.15  ? 77  ALA A CB  1 
ATOM   449  N N   . GLN A 1 81  ? -0.699  7.660   7.972   1.00 34.83  ? 78  GLN A N   1 
ATOM   450  C CA  . GLN A 1 81  ? -1.958  8.405   8.243   1.00 33.00  ? 78  GLN A CA  1 
ATOM   451  C C   . GLN A 1 81  ? -2.007  9.661   7.380   1.00 31.34  ? 78  GLN A C   1 
ATOM   452  O O   . GLN A 1 81  ? -3.123  9.994   6.922   1.00 35.28  ? 78  GLN A O   1 
ATOM   453  C CB  . GLN A 1 81  ? -2.134  8.620   9.738   1.00 36.95  ? 78  GLN A CB  1 
ATOM   454  C CG  . GLN A 1 81  ? -2.680  7.346   10.357  1.00 41.82  ? 78  GLN A CG  1 
ATOM   455  C CD  . GLN A 1 81  ? -2.868  7.401   11.847  1.00 42.24  ? 78  GLN A CD  1 
ATOM   456  O OE1 . GLN A 1 81  ? -3.985  7.282   12.342  1.00 48.44  ? 78  GLN A OE1 1 
ATOM   457  N NE2 . GLN A 1 81  ? -1.766  7.555   12.563  1.00 49.21  ? 78  GLN A NE2 1 
ATOM   458  N N   . ARG A 1 82  ? -0.862  10.297  7.128   1.00 31.94  ? 79  ARG A N   1 
ATOM   459  C CA  . ARG A 1 82  ? -0.796  11.477  6.228   1.00 33.46  ? 79  ARG A CA  1 
ATOM   460  C C   . ARG A 1 82  ? -1.234  11.058  4.818   1.00 36.04  ? 79  ARG A C   1 
ATOM   461  O O   . ARG A 1 82  ? -1.991  11.809  4.184   1.00 34.00  ? 79  ARG A O   1 
ATOM   462  C CB  . ARG A 1 82  ? 0.601   12.096  6.213   1.00 35.10  ? 79  ARG A CB  1 
ATOM   463  C CG  . ARG A 1 82  ? 0.768   13.143  5.123   1.00 38.93  ? 79  ARG A CG  1 
ATOM   464  C CD  . ARG A 1 82  ? 2.103   13.842  5.115   1.00 41.11  ? 79  ARG A CD  1 
ATOM   465  N NE  . ARG A 1 82  ? 3.246   12.958  4.889   1.00 44.03  ? 79  ARG A NE  1 
ATOM   466  C CZ  . ARG A 1 82  ? 3.609   12.455  3.708   1.00 43.50  ? 79  ARG A CZ  1 
ATOM   467  N NH1 . ARG A 1 82  ? 2.893   12.694  2.620   1.00 43.13  ? 79  ARG A NH1 1 
ATOM   468  N NH2 . ARG A 1 82  ? 4.692   11.702  3.626   1.00 43.16  ? 79  ARG A NH2 1 
ATOM   469  N N   . GLU A 1 83  ? -0.785  9.897   4.328   1.00 37.62  ? 80  GLU A N   1 
ATOM   470  C CA  . GLU A 1 83  ? -1.068  9.462   2.934   1.00 35.49  ? 80  GLU A CA  1 
ATOM   471  C C   . GLU A 1 83  ? -2.518  8.999   2.836   1.00 34.42  ? 80  GLU A C   1 
ATOM   472  O O   . GLU A 1 83  ? -3.152  9.281   1.804   1.00 35.88  ? 80  GLU A O   1 
ATOM   473  C CB  . GLU A 1 83  ? -0.056  8.403   2.486   1.00 36.27  ? 80  GLU A CB  1 
ATOM   474  C CG  . GLU A 1 83  ? 1.322   8.973   2.212   1.00 39.18  ? 80  GLU A CG  1 
ATOM   475  C CD  . GLU A 1 83  ? 1.425   9.940   1.043   1.00 43.44  ? 80  GLU A CD  1 
ATOM   476  O OE1 . GLU A 1 83  ? 2.530   10.476  0.800   1.00 47.61  ? 80  GLU A OE1 1 
ATOM   477  O OE2 . GLU A 1 83  ? 0.413   10.148  0.371   1.00 53.26  ? 80  GLU A OE2 1 
ATOM   478  N N   . THR A 1 84  ? -3.038  8.347   3.875   1.00 33.47  ? 81  THR A N   1 
ATOM   479  C CA  . THR A 1 84  ? -4.433  7.851   3.938   1.00 34.52  ? 81  THR A CA  1 
ATOM   480  C C   . THR A 1 84  ? -5.408  9.037   3.865   1.00 37.83  ? 81  THR A C   1 
ATOM   481  O O   . THR A 1 84  ? -6.502  8.892   3.248   1.00 33.10  ? 81  THR A O   1 
ATOM   482  C CB  . THR A 1 84  ? -4.603  6.989   5.188   1.00 38.33  ? 81  THR A CB  1 
ATOM   483  O OG1 . THR A 1 84  ? -3.772  5.845   4.992   1.00 43.20  ? 81  THR A OG1 1 
ATOM   484  C CG2 . THR A 1 84  ? -6.024  6.552   5.451   1.00 41.80  ? 81  THR A CG2 1 
ATOM   485  N N   . TRP A 1 85  ? -5.045  10.168  4.480   1.00 33.44  ? 82  TRP A N   1 
ATOM   486  C CA  . TRP A 1 85  ? -5.882  11.394  4.409   1.00 33.92  ? 82  TRP A CA  1 
ATOM   487  C C   . TRP A 1 85  ? -5.735  12.032  3.021   1.00 31.36  ? 82  TRP A C   1 
ATOM   488  O O   . TRP A 1 85  ? -6.766  12.277  2.400   1.00 36.69  ? 82  TRP A O   1 
ATOM   489  C CB  . TRP A 1 85  ? -5.549  12.375  5.540   1.00 33.38  ? 82  TRP A CB  1 
ATOM   490  C CG  . TRP A 1 85  ? -6.153  13.708  5.240   1.00 34.27  ? 82  TRP A CG  1 
ATOM   491  C CD1 . TRP A 1 85  ? -5.514  14.834  4.812   1.00 34.16  ? 82  TRP A CD1 1 
ATOM   492  C CD2 . TRP A 1 85  ? -7.557  13.976  5.157   1.00 32.48  ? 82  TRP A CD2 1 
ATOM   493  N NE1 . TRP A 1 85  ? -6.434  15.806  4.520   1.00 35.40  ? 82  TRP A NE1 1 
ATOM   494  C CE2 . TRP A 1 85  ? -7.692  15.311  4.730   1.00 32.29  ? 82  TRP A CE2 1 
ATOM   495  C CE3 . TRP A 1 85  ? -8.705  13.235  5.451   1.00 36.35  ? 82  TRP A CE3 1 
ATOM   496  C CZ2 . TRP A 1 85  ? -8.938  15.914  4.581   1.00 34.16  ? 82  TRP A CZ2 1 
ATOM   497  C CZ3 . TRP A 1 85  ? -9.935  13.829  5.299   1.00 36.34  ? 82  TRP A CZ3 1 
ATOM   498  C CH2 . TRP A 1 85  ? -10.045 15.154  4.873   1.00 36.31  ? 82  TRP A CH2 1 
ATOM   499  N N   . GLU A 1 86  ? -4.502  12.257  2.560   1.00 32.86  ? 83  GLU A N   1 
ATOM   500  C CA  . GLU A 1 86  ? -4.181  12.988  1.302   1.00 37.48  ? 83  GLU A CA  1 
ATOM   501  C C   . GLU A 1 86  ? -4.776  12.251  0.093   1.00 41.02  ? 83  GLU A C   1 
ATOM   502  O O   . GLU A 1 86  ? -5.314  12.950  -0.787  1.00 37.51  ? 83  GLU A O   1 
ATOM   503  C CB  . GLU A 1 86  ? -2.674  13.131  1.075   1.00 38.98  ? 83  GLU A CB  1 
ATOM   504  C CG  . GLU A 1 86  ? -2.015  14.232  1.886   1.00 49.07  ? 83  GLU A CG  1 
ATOM   505  C CD  . GLU A 1 86  ? -0.519  14.369  1.654   1.00 55.85  ? 83  GLU A CD  1 
ATOM   506  O OE1 . GLU A 1 86  ? -0.028  13.801  0.654   1.00 60.36  ? 83  GLU A OE1 1 
ATOM   507  O OE2 . GLU A 1 86  ? 0.158   15.043  2.466   1.00 61.99  ? 83  GLU A OE2 1 
ATOM   508  N N   . GLU A 1 87  ? -4.693  10.909  0.062   1.00 38.17  ? 84  GLU A N   1 
ATOM   509  C CA  . GLU A 1 87  ? -5.001  10.087  -1.147  1.00 38.39  ? 84  GLU A CA  1 
ATOM   510  C C   . GLU A 1 87  ? -6.440  9.576   -1.112  1.00 37.22  ? 84  GLU A C   1 
ATOM   511  O O   . GLU A 1 87  ? -6.996  9.359   -2.213  1.00 37.83  ? 84  GLU A O   1 
ATOM   512  C CB  . GLU A 1 87  ? -4.011  8.927   -1.290  1.00 35.70  ? 84  GLU A CB  1 
ATOM   513  C CG  . GLU A 1 87  ? -2.589  9.383   -1.558  1.00 35.96  ? 84  GLU A CG  1 
ATOM   514  C CD  . GLU A 1 87  ? -1.594  8.252   -1.788  1.00 40.17  ? 84  GLU A CD  1 
ATOM   515  O OE1 . GLU A 1 87  ? -0.428  8.543   -2.096  1.00 46.29  ? 84  GLU A OE1 1 
ATOM   516  O OE2 . GLU A 1 87  ? -1.996  7.083   -1.663  1.00 39.68  ? 84  GLU A OE2 1 
ATOM   517  N N   . ALA A 1 88  ? -7.040  9.403   0.069   1.00 34.55  ? 85  ALA A N   1 
ATOM   518  C CA  . ALA A 1 88  ? -8.332  8.697   0.220   1.00 34.77  ? 85  ALA A CA  1 
ATOM   519  C C   . ALA A 1 88  ? -9.327  9.447   1.110   1.00 32.27  ? 85  ALA A C   1 
ATOM   520  O O   . ALA A 1 88  ? -10.432 8.928   1.277   1.00 32.22  ? 85  ALA A O   1 
ATOM   521  C CB  . ALA A 1 88  ? -8.097  7.305   0.762   1.00 36.36  ? 85  ALA A CB  1 
ATOM   522  N N   . GLY A 1 89  ? -8.973  10.588  1.701   1.00 35.88  ? 86  GLY A N   1 
ATOM   523  C CA  . GLY A 1 89  ? -9.918  11.313  2.576   1.00 32.11  ? 86  GLY A CA  1 
ATOM   524  C C   . GLY A 1 89  ? -10.411 10.425  3.694   1.00 31.86  ? 86  GLY A C   1 
ATOM   525  O O   . GLY A 1 89  ? -11.595 10.463  4.016   1.00 35.57  ? 86  GLY A O   1 
ATOM   526  N N   . CYS A 1 90  ? -9.521  9.603   4.245   1.00 33.61  ? 87  CYS A N   1 
ATOM   527  C CA  . CYS A 1 90  ? -9.853  8.574   5.251   1.00 33.88  ? 87  CYS A CA  1 
ATOM   528  C C   . CYS A 1 90  ? -9.154  8.941   6.561   1.00 32.65  ? 87  CYS A C   1 
ATOM   529  O O   . CYS A 1 90  ? -7.964  9.275   6.536   1.00 34.07  ? 87  CYS A O   1 
ATOM   530  C CB  . CYS A 1 90  ? -9.437  7.177   4.799   1.00 36.53  ? 87  CYS A CB  1 
ATOM   531  S SG  . CYS A 1 90  ? -9.770  5.911   6.046   1.00 40.67  ? 87  CYS A SG  1 
ATOM   532  N N   . ILE A 1 91  ? -9.907  8.906   7.647   1.00 31.29  ? 88  ILE A N   1 
ATOM   533  C CA  . ILE A 1 91  ? -9.409  9.138   9.031   1.00 35.03  ? 88  ILE A CA  1 
ATOM   534  C C   . ILE A 1 91  ? -9.728  7.876   9.809   1.00 34.41  ? 88  ILE A C   1 
ATOM   535  O O   . ILE A 1 91  ? -10.848 7.387   9.678   1.00 36.77  ? 88  ILE A O   1 
ATOM   536  C CB  . ILE A 1 91  ? -10.089 10.371  9.676   1.00 37.58  ? 88  ILE A CB  1 
ATOM   537  C CG1 . ILE A 1 91  ? -9.866  11.639  8.855   1.00 39.84  ? 88  ILE A CG1 1 
ATOM   538  C CG2 . ILE A 1 91  ? -9.643  10.542  11.118  1.00 40.15  ? 88  ILE A CG2 1 
ATOM   539  C CD1 . ILE A 1 91  ? -8.429  12.092  8.790   1.00 43.69  ? 88  ILE A CD1 1 
ATOM   540  N N   . GLY A 1 92  ? -8.782  7.384   10.597  1.00 36.78  ? 89  GLY A N   1 
ATOM   541  C CA  . GLY A 1 92  ? -9.084  6.315   11.557  1.00 37.12  ? 89  GLY A CA  1 
ATOM   542  C C   . GLY A 1 92  ? -7.955  6.053   12.520  1.00 34.36  ? 89  GLY A C   1 
ATOM   543  O O   . GLY A 1 92  ? -7.030  6.872   12.636  1.00 38.17  ? 89  GLY A O   1 
ATOM   544  N N   . LYS A 1 93  ? -8.064  4.917   13.183  1.00 35.07  ? 90  LYS A N   1 
ATOM   545  C CA  . LYS A 1 93  ? -7.175  4.460   14.267  1.00 37.54  ? 90  LYS A CA  1 
ATOM   546  C C   . LYS A 1 93  ? -6.294  3.344   13.708  1.00 34.65  ? 90  LYS A C   1 
ATOM   547  O O   . LYS A 1 93  ? -6.855  2.366   13.176  1.00 31.70  ? 90  LYS A O   1 
ATOM   548  C CB  . LYS A 1 93  ? -8.051  3.961   15.419  1.00 40.81  ? 90  LYS A CB  1 
ATOM   549  C CG  . LYS A 1 93  ? -7.291  3.603   16.682  1.00 50.53  ? 90  LYS A CG  1 
ATOM   550  C CD  . LYS A 1 93  ? -8.174  3.475   17.899  1.00 57.22  ? 90  LYS A CD  1 
ATOM   551  C CE  . LYS A 1 93  ? -9.282  2.460   17.726  1.00 63.16  ? 90  LYS A CE  1 
ATOM   552  N NZ  . LYS A 1 93  ? -9.990  2.209   19.007  1.00 71.26  ? 90  LYS A NZ  1 
ATOM   553  N N   . ILE A 1 94  ? -4.979  3.463   13.856  1.00 35.26  ? 91  ILE A N   1 
ATOM   554  C CA  . ILE A 1 94  ? -4.051  2.319   13.615  1.00 37.43  ? 91  ILE A CA  1 
ATOM   555  C C   . ILE A 1 94  ? -4.293  1.257   14.701  1.00 39.04  ? 91  ILE A C   1 
ATOM   556  O O   . ILE A 1 94  ? -4.259  1.587   15.904  1.00 36.47  ? 91  ILE A O   1 
ATOM   557  C CB  . ILE A 1 94  ? -2.600  2.807   13.508  1.00 37.41  ? 91  ILE A CB  1 
ATOM   558  C CG1 . ILE A 1 94  ? -2.469  3.706   12.274  1.00 38.69  ? 91  ILE A CG1 1 
ATOM   559  C CG2 . ILE A 1 94  ? -1.636  1.621   13.491  1.00 37.46  ? 91  ILE A CG2 1 
ATOM   560  C CD1 . ILE A 1 94  ? -1.086  4.219   12.001  1.00 42.18  ? 91  ILE A CD1 1 
ATOM   561  N N   . VAL A 1 95  ? -4.610  0.033   14.287  1.00 35.42  ? 92  VAL A N   1 
ATOM   562  C CA  . VAL A 1 95  ? -4.929  -1.088  15.215  1.00 38.10  ? 92  VAL A CA  1 
ATOM   563  C C   . VAL A 1 95  ? -3.899  -2.211  15.071  1.00 36.54  ? 92  VAL A C   1 
ATOM   564  O O   . VAL A 1 95  ? -3.901  -3.047  15.949  1.00 35.06  ? 92  VAL A O   1 
ATOM   565  C CB  . VAL A 1 95  ? -6.366  -1.616  15.016  1.00 40.79  ? 92  VAL A CB  1 
ATOM   566  C CG1 . VAL A 1 95  ? -7.396  -0.536  15.311  1.00 40.25  ? 92  VAL A CG1 1 
ATOM   567  C CG2 . VAL A 1 95  ? -6.585  -2.196  13.622  1.00 42.19  ? 92  VAL A CG2 1 
ATOM   568  N N   . ALA A 1 96  ? -3.049  -2.240  14.034  1.00 35.17  ? 93  ALA A N   1 
ATOM   569  C CA  . ALA A 1 96  ? -2.030  -3.308  13.875  1.00 35.96  ? 93  ALA A CA  1 
ATOM   570  C C   . ALA A 1 96  ? -0.873  -2.830  13.005  1.00 35.13  ? 93  ALA A C   1 
ATOM   571  O O   . ALA A 1 96  ? -1.098  -2.029  12.085  1.00 34.45  ? 93  ALA A O   1 
ATOM   572  C CB  . ALA A 1 96  ? -2.654  -4.571  13.319  1.00 36.89  ? 93  ALA A CB  1 
ATOM   573  N N   . ASN A 1 97  ? 0.333   -3.291  13.338  1.00 31.62  ? 94  ASN A N   1 
ATOM   574  C CA  . ASN A 1 97  ? 1.547   -3.167  12.506  1.00 33.96  ? 94  ASN A CA  1 
ATOM   575  C C   . ASN A 1 97  ? 1.587   -4.414  11.619  1.00 34.77  ? 94  ASN A C   1 
ATOM   576  O O   . ASN A 1 97  ? 1.687   -5.511  12.165  1.00 34.39  ? 94  ASN A O   1 
ATOM   577  C CB  . ASN A 1 97  ? 2.788   -3.004  13.381  1.00 38.01  ? 94  ASN A CB  1 
ATOM   578  C CG  . ASN A 1 97  ? 4.081   -2.814  12.618  1.00 40.12  ? 94  ASN A CG  1 
ATOM   579  O OD1 . ASN A 1 97  ? 4.139   -2.965  11.397  1.00 44.66  ? 94  ASN A OD1 1 
ATOM   580  N ND2 . ASN A 1 97  ? 5.125   -2.459  13.344  1.00 43.30  ? 94  ASN A ND2 1 
ATOM   581  N N   . LEU A 1 98  ? 1.485   -4.245  10.305  1.00 32.46  ? 95  LEU A N   1 
ATOM   582  C CA  . LEU A 1 98  ? 1.448   -5.373  9.343   1.00 31.98  ? 95  LEU A CA  1 
ATOM   583  C C   . LEU A 1 98  ? 2.860   -5.640  8.818   1.00 33.00  ? 95  LEU A C   1 
ATOM   584  O O   . LEU A 1 98  ? 2.994   -6.491  7.920   1.00 35.32  ? 95  LEU A O   1 
ATOM   585  C CB  . LEU A 1 98  ? 0.489   -5.043  8.193   1.00 31.98  ? 95  LEU A CB  1 
ATOM   586  C CG  . LEU A 1 98  ? -0.949  -4.743  8.597   1.00 30.96  ? 95  LEU A CG  1 
ATOM   587  C CD1 . LEU A 1 98  ? -1.798  -4.483  7.374   1.00 33.20  ? 95  LEU A CD1 1 
ATOM   588  C CD2 . LEU A 1 98  ? -1.546  -5.854  9.435   1.00 33.82  ? 95  LEU A CD2 1 
ATOM   589  N N   . GLY A 1 99  ? 3.871   -4.939  9.332   1.00 32.40  ? 96  GLY A N   1 
ATOM   590  C CA  . GLY A 1 99  ? 5.272   -5.207  8.983   1.00 34.16  ? 96  GLY A CA  1 
ATOM   591  C C   . GLY A 1 99  ? 5.606   -4.670  7.609   1.00 35.78  ? 96  GLY A C   1 
ATOM   592  O O   . GLY A 1 99  ? 4.918   -3.711  7.156   1.00 35.18  ? 96  GLY A O   1 
ATOM   593  N N   . THR A 1 100 ? 6.612   -5.263  6.954   1.00 35.34  ? 97  THR A N   1 
ATOM   594  C CA  . THR A 1 100 ? 7.177   -4.772  5.669   1.00 33.71  ? 97  THR A CA  1 
ATOM   595  C C   . THR A 1 100 ? 6.900   -5.756  4.517   1.00 35.37  ? 97  THR A C   1 
ATOM   596  O O   . THR A 1 100 ? 6.805   -6.980  4.740   1.00 29.43  ? 97  THR A O   1 
ATOM   597  C CB  . THR A 1 100 ? 8.681   -4.471  5.750   1.00 35.90  ? 97  THR A CB  1 
ATOM   598  O OG1 . THR A 1 100 ? 9.374   -5.687  6.024   1.00 35.71  ? 97  THR A OG1 1 
ATOM   599  C CG2 . THR A 1 100 ? 9.031   -3.457  6.822   1.00 37.89  ? 97  THR A CG2 1 
ATOM   600  N N   . VAL A 1 101 ? 6.753   -5.191  3.322   1.00 36.38  ? 98  VAL A N   1 
ATOM   601  C CA  . VAL A 1 101 ? 6.767   -5.910  2.018   1.00 38.43  ? 98  VAL A CA  1 
ATOM   602  C C   . VAL A 1 101 ? 7.648   -5.092  1.077   1.00 39.24  ? 98  VAL A C   1 
ATOM   603  O O   . VAL A 1 101 ? 7.898   -3.906  1.375   1.00 37.21  ? 98  VAL A O   1 
ATOM   604  C CB  . VAL A 1 101 ? 5.347   -6.121  1.463   1.00 37.59  ? 98  VAL A CB  1 
ATOM   605  C CG1 . VAL A 1 101 ? 4.540   -7.057  2.345   1.00 38.10  ? 98  VAL A CG1 1 
ATOM   606  C CG2 . VAL A 1 101 ? 4.602   -4.799  1.270   1.00 37.44  ? 98  VAL A CG2 1 
ATOM   607  N N   . GLU A 1 102 ? 8.135   -5.713  0.006   1.00 40.97  ? 99  GLU A N   1 
ATOM   608  C CA  . GLU A 1 102 ? 9.075   -5.080  -0.948  1.00 43.34  ? 99  GLU A CA  1 
ATOM   609  C C   . GLU A 1 102 ? 8.453   -5.107  -2.338  1.00 42.24  ? 99  GLU A C   1 
ATOM   610  O O   . GLU A 1 102 ? 7.860   -6.140  -2.686  1.00 40.96  ? 99  GLU A O   1 
ATOM   611  C CB  . GLU A 1 102 ? 10.408  -5.812  -0.948  1.00 47.88  ? 99  GLU A CB  1 
ATOM   612  C CG  . GLU A 1 102 ? 11.177  -5.658  0.347   1.00 55.16  ? 99  GLU A CG  1 
ATOM   613  C CD  . GLU A 1 102 ? 12.442  -6.495  0.381   1.00 58.55  ? 99  GLU A CD  1 
ATOM   614  O OE1 . GLU A 1 102 ? 12.493  -7.495  -0.359  1.00 63.49  ? 99  GLU A OE1 1 
ATOM   615  O OE2 . GLU A 1 102 ? 13.371  -6.140  1.129   1.00 71.89  ? 99  GLU A OE2 1 
ATOM   616  N N   . ASP A 1 103 ? 8.549   -4.004  -3.072  1.00 42.64  ? 100 ASP A N   1 
ATOM   617  C CA  . ASP A 1 103 ? 8.307   -3.990  -4.534  1.00 44.33  ? 100 ASP A CA  1 
ATOM   618  C C   . ASP A 1 103 ? 9.536   -4.635  -5.168  1.00 44.31  ? 100 ASP A C   1 
ATOM   619  O O   . ASP A 1 103 ? 10.577  -3.972  -5.229  1.00 39.08  ? 100 ASP A O   1 
ATOM   620  C CB  . ASP A 1 103 ? 8.085   -2.587  -5.098  1.00 46.83  ? 100 ASP A CB  1 
ATOM   621  C CG  . ASP A 1 103 ? 7.709   -2.583  -6.573  1.00 49.71  ? 100 ASP A CG  1 
ATOM   622  O OD1 . ASP A 1 103 ? 7.665   -3.684  -7.178  1.00 48.96  ? 100 ASP A OD1 1 
ATOM   623  O OD2 . ASP A 1 103 ? 7.455   -1.482  -7.107  1.00 46.42  ? 100 ASP A OD2 1 
ATOM   624  N N   . MET A 1 104 ? 9.419   -5.894  -5.580  1.00 48.39  ? 101 MET A N   1 
ATOM   625  C CA  . MET A 1 104 ? 10.547  -6.656  -6.173  1.00 55.82  ? 101 MET A CA  1 
ATOM   626  C C   . MET A 1 104 ? 10.451  -6.633  -7.709  1.00 60.78  ? 101 MET A C   1 
ATOM   627  O O   . MET A 1 104 ? 11.105  -7.477  -8.349  1.00 55.53  ? 101 MET A O   1 
ATOM   628  C CB  . MET A 1 104 ? 10.563  -8.098  -5.649  1.00 59.57  ? 101 MET A CB  1 
ATOM   629  C CG  . MET A 1 104 ? 11.171  -8.223  -4.260  1.00 61.66  ? 101 MET A CG  1 
ATOM   630  S SD  . MET A 1 104 ? 12.791  -7.419  -4.171  1.00 65.42  ? 101 MET A SD  1 
ATOM   631  C CE  . MET A 1 104 ? 13.814  -8.638  -4.997  1.00 75.05  ? 101 MET A CE  1 
ATOM   632  N N   . ARG A 1 105 ? 9.696   -5.692  -8.291  1.00 59.11  ? 102 ARG A N   1 
ATOM   633  C CA  . ARG A 1 105 ? 9.658   -5.511  -9.769  1.00 62.51  ? 102 ARG A CA  1 
ATOM   634  C C   . ARG A 1 105 ? 11.071  -5.189  -10.237 1.00 68.07  ? 102 ARG A C   1 
ATOM   635  O O   . ARG A 1 105 ? 11.767  -4.404  -9.595  1.00 63.95  ? 102 ARG A O   1 
ATOM   636  C CB  . ARG A 1 105 ? 8.689   -4.417  -10.221 1.00 58.54  ? 102 ARG A CB  1 
ATOM   637  C CG  . ARG A 1 105 ? 7.239   -4.872  -10.286 1.00 60.66  ? 102 ARG A CG  1 
ATOM   638  C CD  . ARG A 1 105 ? 6.304   -3.745  -10.665 1.00 61.48  ? 102 ARG A CD  1 
ATOM   639  N NE  . ARG A 1 105 ? 6.334   -2.665  -9.688  1.00 62.59  ? 102 ARG A NE  1 
ATOM   640  C CZ  . ARG A 1 105 ? 5.577   -1.571  -9.741  1.00 69.27  ? 102 ARG A CZ  1 
ATOM   641  N NH1 . ARG A 1 105 ? 4.711   -1.401  -10.730 1.00 69.74  ? 102 ARG A NH1 1 
ATOM   642  N NH2 . ARG A 1 105 ? 5.683   -0.647  -8.801  1.00 65.74  ? 102 ARG A NH2 1 
ATOM   643  N N   . PRO A 1 106 ? 11.538  -5.817  -11.343 1.00 78.37  ? 103 PRO A N   1 
ATOM   644  C CA  . PRO A 1 106 ? 12.874  -5.547  -11.873 1.00 78.95  ? 103 PRO A CA  1 
ATOM   645  C C   . PRO A 1 106 ? 12.963  -4.123  -12.418 1.00 80.71  ? 103 PRO A C   1 
ATOM   646  O O   . PRO A 1 106 ? 11.948  -3.549  -12.807 1.00 83.20  ? 103 PRO A O   1 
ATOM   647  C CB  . PRO A 1 106 ? 13.063  -6.609  -12.975 1.00 80.71  ? 103 PRO A CB  1 
ATOM   648  C CG  . PRO A 1 106 ? 11.657  -7.024  -13.375 1.00 77.90  ? 103 PRO A CG  1 
ATOM   649  C CD  . PRO A 1 106 ? 10.808  -6.825  -12.136 1.00 79.25  ? 103 PRO A CD  1 
ATOM   650  N N   . PRO A 1 107 ? 14.160  -3.490  -12.427 1.00 84.82  ? 104 PRO A N   1 
ATOM   651  C CA  . PRO A 1 107 ? 14.334  -2.193  -13.089 1.00 87.96  ? 104 PRO A CA  1 
ATOM   652  C C   . PRO A 1 107 ? 14.097  -2.268  -14.608 1.00 84.45  ? 104 PRO A C   1 
ATOM   653  O O   . PRO A 1 107 ? 13.257  -1.524  -15.086 1.00 79.28  ? 104 PRO A O   1 
ATOM   654  C CB  . PRO A 1 107 ? 15.795  -1.812  -12.786 1.00 86.54  ? 104 PRO A CB  1 
ATOM   655  C CG  . PRO A 1 107 ? 16.166  -2.656  -11.580 1.00 86.50  ? 104 PRO A CG  1 
ATOM   656  C CD  . PRO A 1 107 ? 15.385  -3.944  -11.751 1.00 83.87  ? 104 PRO A CD  1 
ATOM   657  N N   . GLN A 1 116 ? 18.284  -12.049 -17.868 1.00 76.15  ? 113 GLN A N   1 
ATOM   658  C CA  . GLN A 1 116 ? 16.944  -11.605 -17.388 1.00 77.13  ? 113 GLN A CA  1 
ATOM   659  C C   . GLN A 1 116 ? 16.394  -12.578 -16.332 1.00 78.96  ? 113 GLN A C   1 
ATOM   660  O O   . GLN A 1 116 ? 15.696  -12.097 -15.414 1.00 79.04  ? 113 GLN A O   1 
ATOM   661  C CB  . GLN A 1 116 ? 15.963  -11.470 -18.557 1.00 80.19  ? 113 GLN A CB  1 
ATOM   662  C CG  . GLN A 1 116 ? 16.344  -10.397 -19.574 1.00 83.99  ? 113 GLN A CG  1 
ATOM   663  C CD  . GLN A 1 116 ? 15.327  -10.253 -20.684 1.00 88.08  ? 113 GLN A CD  1 
ATOM   664  O OE1 . GLN A 1 116 ? 14.118  -10.343 -20.467 1.00 80.10  ? 113 GLN A OE1 1 
ATOM   665  N NE2 . GLN A 1 116 ? 15.811  -10.021 -21.896 1.00 83.43  ? 113 GLN A NE2 1 
ATOM   666  N N   . PHE A 1 117 ? 16.675  -13.885 -16.465 1.00 79.20  ? 114 PHE A N   1 
ATOM   667  C CA  . PHE A 1 117 ? 16.190  -14.976 -15.571 1.00 79.37  ? 114 PHE A CA  1 
ATOM   668  C C   . PHE A 1 117 ? 17.343  -15.916 -15.190 1.00 82.16  ? 114 PHE A C   1 
ATOM   669  O O   . PHE A 1 117 ? 18.391  -15.904 -15.863 1.00 80.11  ? 114 PHE A O   1 
ATOM   670  C CB  . PHE A 1 117 ? 15.067  -15.772 -16.245 1.00 73.16  ? 114 PHE A CB  1 
ATOM   671  C CG  . PHE A 1 117 ? 13.839  -14.963 -16.577 1.00 68.04  ? 114 PHE A CG  1 
ATOM   672  C CD1 . PHE A 1 117 ? 13.712  -14.337 -17.809 1.00 63.86  ? 114 PHE A CD1 1 
ATOM   673  C CD2 . PHE A 1 117 ? 12.815  -14.817 -15.654 1.00 64.27  ? 114 PHE A CD2 1 
ATOM   674  C CE1 . PHE A 1 117 ? 12.587  -13.584 -18.108 1.00 62.67  ? 114 PHE A CE1 1 
ATOM   675  C CE2 . PHE A 1 117 ? 11.696  -14.056 -15.952 1.00 62.31  ? 114 PHE A CE2 1 
ATOM   676  C CZ  . PHE A 1 117 ? 11.583  -13.440 -17.176 1.00 62.05  ? 114 PHE A CZ  1 
ATOM   677  N N   . GLU A 1 118 ? 17.140  -16.708 -14.133 1.00 85.80  ? 115 GLU A N   1 
ATOM   678  C CA  . GLU A 1 118 ? 18.135  -17.678 -13.599 1.00 92.05  ? 115 GLU A CA  1 
ATOM   679  C C   . GLU A 1 118 ? 17.404  -18.961 -13.190 1.00 91.02  ? 115 GLU A C   1 
ATOM   680  O O   . GLU A 1 118 ? 16.787  -18.969 -12.108 1.00 87.38  ? 115 GLU A O   1 
ATOM   681  C CB  . GLU A 1 118 ? 18.907  -17.082 -12.418 1.00 95.10  ? 115 GLU A CB  1 
ATOM   682  C CG  . GLU A 1 118 ? 19.850  -15.952 -12.804 1.00 99.07  ? 115 GLU A CG  1 
ATOM   683  C CD  . GLU A 1 118 ? 20.770  -15.462 -11.695 1.00 101.57 ? 115 GLU A CD  1 
ATOM   684  O OE1 . GLU A 1 118 ? 20.782  -14.240 -11.428 1.00 100.50 ? 115 GLU A OE1 1 
ATOM   685  O OE2 . GLU A 1 118 ? 21.486  -16.298 -11.106 1.00 103.92 ? 115 GLU A OE2 1 
ATOM   686  N N   . ASN A 1 119 ? 17.457  -19.987 -14.044 1.00 96.05  ? 116 ASN A N   1 
ATOM   687  C CA  . ASN A 1 119 ? 16.912  -21.342 -13.765 1.00 99.97  ? 116 ASN A CA  1 
ATOM   688  C C   . ASN A 1 119 ? 17.813  -22.017 -12.726 1.00 102.26 ? 116 ASN A C   1 
ATOM   689  O O   . ASN A 1 119 ? 19.024  -21.716 -12.718 1.00 100.73 ? 116 ASN A O   1 
ATOM   690  C CB  . ASN A 1 119 ? 16.783  -22.176 -15.042 1.00 97.45  ? 116 ASN A CB  1 
ATOM   691  C CG  . ASN A 1 119 ? 15.759  -21.614 -16.006 1.00 96.35  ? 116 ASN A CG  1 
ATOM   692  O OD1 . ASN A 1 119 ? 15.625  -20.397 -16.135 1.00 88.58  ? 116 ASN A OD1 1 
ATOM   693  N ND2 . ASN A 1 119 ? 15.033  -22.491 -16.683 1.00 86.39  ? 116 ASN A ND2 1 
ATOM   694  N N   . SER A 1 120 ? 17.237  -22.873 -11.875 1.00 106.53 ? 117 SER A N   1 
ATOM   695  C CA  . SER A 1 120 ? 17.943  -23.624 -10.803 1.00 107.16 ? 117 SER A CA  1 
ATOM   696  C C   . SER A 1 120 ? 17.350  -25.035 -10.670 1.00 108.66 ? 117 SER A C   1 
ATOM   697  O O   . SER A 1 120 ? 16.837  -25.366 -9.578  1.00 115.00 ? 117 SER A O   1 
ATOM   698  C CB  . SER A 1 120 ? 17.911  -22.865 -9.496  1.00 104.86 ? 117 SER A CB  1 
ATOM   699  O OG  . SER A 1 120 ? 16.581  -22.701 -9.027  1.00 103.58 ? 117 SER A OG  1 
ATOM   700  N N   . ARG A 1 121 ? 17.404  -25.814 -11.758 1.00 106.82 ? 118 ARG A N   1 
ATOM   701  C CA  . ARG A 1 121 ? 17.077  -27.268 -11.828 1.00 104.61 ? 118 ARG A CA  1 
ATOM   702  C C   . ARG A 1 121 ? 15.559  -27.496 -11.761 1.00 101.28 ? 118 ARG A C   1 
ATOM   703  O O   . ARG A 1 121 ? 15.024  -28.091 -12.715 1.00 101.13 ? 118 ARG A O   1 
ATOM   704  C CB  . ARG A 1 121 ? 17.783  -28.051 -10.715 1.00 107.11 ? 118 ARG A CB  1 
ATOM   705  C CG  . ARG A 1 121 ? 17.874  -29.549 -10.975 1.00 108.69 ? 118 ARG A CG  1 
ATOM   706  C CD  . ARG A 1 121 ? 17.410  -30.383 -9.794  1.00 111.29 ? 118 ARG A CD  1 
ATOM   707  N NE  . ARG A 1 121 ? 18.105  -30.052 -8.556  1.00 116.65 ? 118 ARG A NE  1 
ATOM   708  C CZ  . ARG A 1 121 ? 17.699  -30.390 -7.333  1.00 119.00 ? 118 ARG A CZ  1 
ATOM   709  N NH1 . ARG A 1 121 ? 16.581  -31.077 -7.157  1.00 117.78 ? 118 ARG A NH1 1 
ATOM   710  N NH2 . ARG A 1 121 ? 18.416  -30.033 -6.280  1.00 119.55 ? 118 ARG A NH2 1 
ATOM   711  N N   . LYS A 1 122 ? 14.896  -27.089 -10.671 1.00 98.18  ? 119 LYS A N   1 
ATOM   712  C CA  . LYS A 1 122 ? 13.445  -27.350 -10.440 1.00 97.72  ? 119 LYS A CA  1 
ATOM   713  C C   . LYS A 1 122 ? 12.721  -26.065 -10.016 1.00 91.30  ? 119 LYS A C   1 
ATOM   714  O O   . LYS A 1 122 ? 11.660  -26.177 -9.367  1.00 88.08  ? 119 LYS A O   1 
ATOM   715  C CB  . LYS A 1 122 ? 13.273  -28.469 -9.406  1.00 100.23 ? 119 LYS A CB  1 
ATOM   716  C CG  . LYS A 1 122 ? 13.665  -29.852 -9.907  1.00 103.18 ? 119 LYS A CG  1 
ATOM   717  C CD  . LYS A 1 122 ? 12.662  -30.456 -10.873 1.00 104.14 ? 119 LYS A CD  1 
ATOM   718  C CE  . LYS A 1 122 ? 13.306  -31.196 -12.028 1.00 101.95 ? 119 LYS A CE  1 
ATOM   719  N NZ  . LYS A 1 122 ? 12.316  -32.009 -12.775 1.00 98.68  ? 119 LYS A NZ  1 
ATOM   720  N N   . ASP A 1 123 ? 13.253  -24.896 -10.392 1.00 85.13  ? 120 ASP A N   1 
ATOM   721  C CA  . ASP A 1 123 ? 12.571  -23.584 -10.221 1.00 82.24  ? 120 ASP A CA  1 
ATOM   722  C C   . ASP A 1 123 ? 13.273  -22.528 -11.087 1.00 75.88  ? 120 ASP A C   1 
ATOM   723  O O   . ASP A 1 123 ? 14.456  -22.738 -11.433 1.00 70.55  ? 120 ASP A O   1 
ATOM   724  C CB  . ASP A 1 123 ? 12.489  -23.184 -8.743  1.00 81.38  ? 120 ASP A CB  1 
ATOM   725  C CG  . ASP A 1 123 ? 11.087  -22.801 -8.285  1.00 83.09  ? 120 ASP A CG  1 
ATOM   726  O OD1 . ASP A 1 123 ? 10.855  -21.594 -8.068  1.00 88.04  ? 120 ASP A OD1 1 
ATOM   727  O OD2 . ASP A 1 123 ? 10.239  -23.716 -8.130  1.00 71.27  ? 120 ASP A OD2 1 
ATOM   728  N N   . SER A 1 124 ? 12.552  -21.457 -11.447 1.00 67.84  ? 121 SER A N   1 
ATOM   729  C CA  . SER A 1 124 ? 13.063  -20.284 -12.208 1.00 61.17  ? 121 SER A CA  1 
ATOM   730  C C   . SER A 1 124 ? 12.841  -19.008 -11.388 1.00 60.37  ? 121 SER A C   1 
ATOM   731  O O   . SER A 1 124 ? 11.848  -18.942 -10.634 1.00 56.40  ? 121 SER A O   1 
ATOM   732  C CB  . SER A 1 124 ? 12.422  -20.190 -13.574 1.00 60.90  ? 121 SER A CB  1 
ATOM   733  O OG  . SER A 1 124 ? 12.963  -21.170 -14.457 1.00 56.73  ? 121 SER A OG  1 
ATOM   734  N N   . GLU A 1 125 ? 13.744  -18.038 -11.529 1.00 58.45  ? 122 GLU A N   1 
ATOM   735  C CA  . GLU A 1 125 ? 13.709  -16.743 -10.800 1.00 59.83  ? 122 GLU A CA  1 
ATOM   736  C C   . GLU A 1 125 ? 14.109  -15.621 -11.755 1.00 60.96  ? 122 GLU A C   1 
ATOM   737  O O   . GLU A 1 125 ? 14.807  -15.900 -12.754 1.00 61.70  ? 122 GLU A O   1 
ATOM   738  C CB  . GLU A 1 125 ? 14.675  -16.731 -9.609  1.00 60.36  ? 122 GLU A CB  1 
ATOM   739  C CG  . GLU A 1 125 ? 14.394  -17.794 -8.553  1.00 63.24  ? 122 GLU A CG  1 
ATOM   740  C CD  . GLU A 1 125 ? 13.034  -17.718 -7.875  1.00 65.72  ? 122 GLU A CD  1 
ATOM   741  O OE1 . GLU A 1 125 ? 12.431  -16.621 -7.871  1.00 73.91  ? 122 GLU A OE1 1 
ATOM   742  O OE2 . GLU A 1 125 ? 12.573  -18.760 -7.357  1.00 63.34  ? 122 GLU A OE2 1 
ATOM   743  N N   . VAL A 1 126 ? 13.693  -14.397 -11.434 1.00 60.51  ? 123 VAL A N   1 
ATOM   744  C CA  . VAL A 1 126 ? 14.240  -13.155 -12.053 1.00 61.73  ? 123 VAL A CA  1 
ATOM   745  C C   . VAL A 1 126 ? 15.684  -13.008 -11.558 1.00 59.03  ? 123 VAL A C   1 
ATOM   746  O O   . VAL A 1 126 ? 15.960  -13.432 -10.418 1.00 52.81  ? 123 VAL A O   1 
ATOM   747  C CB  . VAL A 1 126 ? 13.377  -11.927 -11.702 1.00 64.54  ? 123 VAL A CB  1 
ATOM   748  C CG1 . VAL A 1 126 ? 13.947  -10.638 -12.281 1.00 66.94  ? 123 VAL A CG1 1 
ATOM   749  C CG2 . VAL A 1 126 ? 11.932  -12.109 -12.145 1.00 63.71  ? 123 VAL A CG2 1 
ATOM   750  N N   . ALA A 1 127 ? 16.570  -12.442 -12.383 1.00 60.10  ? 124 ALA A N   1 
ATOM   751  C CA  . ALA A 1 127 ? 17.984  -12.167 -12.027 1.00 65.14  ? 124 ALA A CA  1 
ATOM   752  C C   . ALA A 1 127 ? 18.030  -11.228 -10.809 1.00 66.65  ? 124 ALA A C   1 
ATOM   753  O O   . ALA A 1 127 ? 17.232  -10.262 -10.783 1.00 63.63  ? 124 ALA A O   1 
ATOM   754  C CB  . ALA A 1 127 ? 18.718  -11.586 -13.217 1.00 63.39  ? 124 ALA A CB  1 
ATOM   755  N N   . LYS A 1 128 ? 18.899  -11.529 -9.832  1.00 65.36  ? 125 LYS A N   1 
ATOM   756  C CA  . LYS A 1 128 ? 19.140  -10.725 -8.599  1.00 66.97  ? 125 LYS A CA  1 
ATOM   757  C C   . LYS A 1 128 ? 19.037  -9.226  -8.892  1.00 63.13  ? 125 LYS A C   1 
ATOM   758  O O   . LYS A 1 128 ? 19.692  -8.763  -9.845  1.00 58.86  ? 125 LYS A O   1 
ATOM   759  C CB  . LYS A 1 128 ? 20.552  -10.958 -8.055  1.00 71.73  ? 125 LYS A CB  1 
ATOM   760  C CG  . LYS A 1 128 ? 20.745  -12.208 -7.212  1.00 78.11  ? 125 LYS A CG  1 
ATOM   761  C CD  . LYS A 1 128 ? 22.200  -12.448 -6.865  1.00 83.02  ? 125 LYS A CD  1 
ATOM   762  C CE  . LYS A 1 128 ? 22.469  -13.850 -6.360  1.00 86.01  ? 125 LYS A CE  1 
ATOM   763  N NZ  . LYS A 1 128 ? 23.917  -14.083 -6.141  1.00 87.79  ? 125 LYS A NZ  1 
ATOM   764  N N   . HIS A 1 129 ? 18.283  -8.493  -8.071  1.00 59.59  ? 126 HIS A N   1 
ATOM   765  C CA  . HIS A 1 129 ? 18.226  -7.004  -8.092  1.00 58.07  ? 126 HIS A CA  1 
ATOM   766  C C   . HIS A 1 129 ? 17.795  -6.501  -6.717  1.00 55.68  ? 126 HIS A C   1 
ATOM   767  O O   . HIS A 1 129 ? 17.158  -7.236  -5.962  1.00 50.53  ? 126 HIS A O   1 
ATOM   768  C CB  . HIS A 1 129 ? 17.295  -6.517  -9.210  1.00 59.81  ? 126 HIS A CB  1 
ATOM   769  C CG  . HIS A 1 129 ? 15.898  -7.025  -9.079  1.00 64.82  ? 126 HIS A CG  1 
ATOM   770  N ND1 . HIS A 1 129 ? 15.541  -8.310  -9.448  1.00 63.88  ? 126 HIS A ND1 1 
ATOM   771  C CD2 . HIS A 1 129 ? 14.775  -6.442  -8.603  1.00 67.48  ? 126 HIS A CD2 1 
ATOM   772  C CE1 . HIS A 1 129 ? 14.259  -8.493  -9.207  1.00 68.21  ? 126 HIS A CE1 1 
ATOM   773  N NE2 . HIS A 1 129 ? 13.764  -7.361  -8.694  1.00 68.38  ? 126 HIS A NE2 1 
ATOM   774  N N   . PRO A 1 130 ? 18.146  -5.251  -6.339  1.00 55.08  ? 127 PRO A N   1 
ATOM   775  C CA  . PRO A 1 130 ? 17.636  -4.654  -5.107  1.00 53.97  ? 127 PRO A CA  1 
ATOM   776  C C   . PRO A 1 130 ? 16.178  -4.247  -5.275  1.00 54.48  ? 127 PRO A C   1 
ATOM   777  O O   . PRO A 1 130 ? 15.729  -3.987  -6.392  1.00 51.70  ? 127 PRO A O   1 
ATOM   778  C CB  . PRO A 1 130 ? 18.533  -3.425  -4.884  1.00 55.14  ? 127 PRO A CB  1 
ATOM   779  C CG  . PRO A 1 130 ? 18.992  -3.052  -6.278  1.00 57.66  ? 127 PRO A CG  1 
ATOM   780  C CD  . PRO A 1 130 ? 19.074  -4.357  -7.050  1.00 57.95  ? 127 PRO A CD  1 
ATOM   781  N N   . PRO A 1 131 ? 15.399  -4.175  -4.172  1.00 50.25  ? 128 PRO A N   1 
ATOM   782  C CA  . PRO A 1 131 ? 14.013  -3.754  -4.255  1.00 48.51  ? 128 PRO A CA  1 
ATOM   783  C C   . PRO A 1 131 ? 13.966  -2.296  -4.725  1.00 44.00  ? 128 PRO A C   1 
ATOM   784  O O   . PRO A 1 131 ? 14.901  -1.541  -4.488  1.00 42.64  ? 128 PRO A O   1 
ATOM   785  C CB  . PRO A 1 131 ? 13.432  -3.925  -2.842  1.00 49.73  ? 128 PRO A CB  1 
ATOM   786  C CG  . PRO A 1 131 ? 14.514  -4.616  -2.036  1.00 51.77  ? 128 PRO A CG  1 
ATOM   787  C CD  . PRO A 1 131 ? 15.816  -4.417  -2.785  1.00 52.45  ? 128 PRO A CD  1 
ATOM   788  N N   . ARG A 1 132 ? 12.894  -1.973  -5.437  1.00 42.81  ? 129 ARG A N   1 
ATOM   789  C CA  . ARG A 1 132 ? 12.519  -0.597  -5.830  1.00 44.41  ? 129 ARG A CA  1 
ATOM   790  C C   . ARG A 1 132 ? 12.066  0.149   -4.565  1.00 40.83  ? 129 ARG A C   1 
ATOM   791  O O   . ARG A 1 132 ? 12.498  1.292   -4.359  1.00 38.88  ? 129 ARG A O   1 
ATOM   792  C CB  . ARG A 1 132 ? 11.409  -0.687  -6.880  1.00 47.90  ? 129 ARG A CB  1 
ATOM   793  C CG  . ARG A 1 132 ? 11.277  0.533   -7.769  1.00 57.30  ? 129 ARG A CG  1 
ATOM   794  C CD  . ARG A 1 132 ? 10.193  0.312   -8.805  1.00 61.31  ? 129 ARG A CD  1 
ATOM   795  N NE  . ARG A 1 132 ? 10.611  -0.504  -9.937  1.00 63.24  ? 129 ARG A NE  1 
ATOM   796  C CZ  . ARG A 1 132 ? 9.878   -0.708  -11.030 1.00 65.02  ? 129 ARG A CZ  1 
ATOM   797  N NH1 . ARG A 1 132 ? 8.675   -0.169  -11.145 1.00 63.93  ? 129 ARG A NH1 1 
ATOM   798  N NH2 . ARG A 1 132 ? 10.351  -1.459  -12.009 1.00 68.70  ? 129 ARG A NH2 1 
ATOM   799  N N   . THR A 1 133 ? 11.250  -0.504  -3.739  1.00 35.96  ? 130 THR A N   1 
ATOM   800  C CA  . THR A 1 133 ? 10.532  0.123   -2.600  1.00 36.38  ? 130 THR A CA  1 
ATOM   801  C C   . THR A 1 133 ? 10.426  -0.868  -1.448  1.00 36.06  ? 130 THR A C   1 
ATOM   802  O O   . THR A 1 133 ? 10.107  -2.046  -1.708  1.00 36.48  ? 130 THR A O   1 
ATOM   803  C CB  . THR A 1 133 ? 9.119   0.560   -3.007  1.00 38.05  ? 130 THR A CB  1 
ATOM   804  O OG1 . THR A 1 133 ? 9.217   1.390   -4.159  1.00 42.19  ? 130 THR A OG1 1 
ATOM   805  C CG2 . THR A 1 133 ? 8.366   1.291   -1.916  1.00 36.57  ? 130 THR A CG2 1 
ATOM   806  N N   . GLU A 1 134 ? 10.591  -0.369  -0.223  1.00 33.46  ? 131 GLU A N   1 
ATOM   807  C CA  . GLU A 1 134 ? 10.304  -1.082  1.039   1.00 35.41  ? 131 GLU A CA  1 
ATOM   808  C C   . GLU A 1 134 ? 9.056   -0.428  1.646   1.00 35.41  ? 131 GLU A C   1 
ATOM   809  O O   . GLU A 1 134 ? 9.120   0.780   1.920   1.00 35.52  ? 131 GLU A O   1 
ATOM   810  C CB  . GLU A 1 134 ? 11.582  -1.010  1.869   1.00 39.15  ? 131 GLU A CB  1 
ATOM   811  C CG  . GLU A 1 134 ? 11.491  -1.510  3.286   1.00 44.14  ? 131 GLU A CG  1 
ATOM   812  C CD  . GLU A 1 134 ? 12.772  -1.188  4.050   1.00 52.79  ? 131 GLU A CD  1 
ATOM   813  O OE1 . GLU A 1 134 ? 13.882  -1.563  3.539   1.00 48.83  ? 131 GLU A OE1 1 
ATOM   814  O OE2 . GLU A 1 134 ? 12.674  -0.498  5.120   1.00 49.73  ? 131 GLU A OE2 1 
ATOM   815  N N   . PHE A 1 135 ? 7.944   -1.165  1.753   1.00 31.92  ? 132 PHE A N   1 
ATOM   816  C CA  . PHE A 1 135 ? 6.654   -0.657  2.269   1.00 33.56  ? 132 PHE A CA  1 
ATOM   817  C C   . PHE A 1 135 ? 6.518   -1.034  3.744   1.00 36.08  ? 132 PHE A C   1 
ATOM   818  O O   . PHE A 1 135 ? 6.755   -2.201  4.062   1.00 35.37  ? 132 PHE A O   1 
ATOM   819  C CB  . PHE A 1 135 ? 5.464   -1.237  1.505   1.00 32.03  ? 132 PHE A CB  1 
ATOM   820  C CG  . PHE A 1 135 ? 5.422   -0.918  0.036   1.00 35.69  ? 132 PHE A CG  1 
ATOM   821  C CD1 . PHE A 1 135 ? 4.822   0.239   -0.425  1.00 35.90  ? 132 PHE A CD1 1 
ATOM   822  C CD2 . PHE A 1 135 ? 5.962   -1.791  -0.894  1.00 36.72  ? 132 PHE A CD2 1 
ATOM   823  C CE1 . PHE A 1 135 ? 4.774   0.535   -1.780  1.00 37.36  ? 132 PHE A CE1 1 
ATOM   824  C CE2 . PHE A 1 135 ? 5.914   -1.496  -2.248  1.00 37.70  ? 132 PHE A CE2 1 
ATOM   825  C CZ  . PHE A 1 135 ? 5.320   -0.337  -2.691  1.00 38.25  ? 132 PHE A CZ  1 
ATOM   826  N N   . HIS A 1 136 ? 6.165   -0.068  4.600   1.00 34.21  ? 133 HIS A N   1 
ATOM   827  C CA  . HIS A 1 136 ? 5.758   -0.287  6.010   1.00 30.37  ? 133 HIS A CA  1 
ATOM   828  C C   . HIS A 1 136 ? 4.253   -0.074  6.089   1.00 30.76  ? 133 HIS A C   1 
ATOM   829  O O   . HIS A 1 136 ? 3.800   1.081   5.949   1.00 29.98  ? 133 HIS A O   1 
ATOM   830  C CB  . HIS A 1 136 ? 6.544   0.621   6.967   1.00 31.50  ? 133 HIS A CB  1 
ATOM   831  C CG  . HIS A 1 136 ? 8.006   0.386   6.889   1.00 33.18  ? 133 HIS A CG  1 
ATOM   832  N ND1 . HIS A 1 136 ? 8.707   -0.154  7.933   1.00 33.05  ? 133 HIS A ND1 1 
ATOM   833  C CD2 . HIS A 1 136 ? 8.889   0.555   5.877   1.00 34.58  ? 133 HIS A CD2 1 
ATOM   834  C CE1 . HIS A 1 136 ? 9.970   -0.298  7.577   1.00 34.33  ? 133 HIS A CE1 1 
ATOM   835  N NE2 . HIS A 1 136 ? 10.103  0.121   6.322   1.00 35.77  ? 133 HIS A NE2 1 
ATOM   836  N N   . PHE A 1 137 ? 3.507   -1.150  6.301   1.00 28.49  ? 134 PHE A N   1 
ATOM   837  C CA  . PHE A 1 137 ? 2.026   -1.138  6.294   1.00 32.01  ? 134 PHE A CA  1 
ATOM   838  C C   . PHE A 1 137 ? 1.466   -1.273  7.705   1.00 31.38  ? 134 PHE A C   1 
ATOM   839  O O   . PHE A 1 137 ? 2.013   -2.046  8.530   1.00 32.47  ? 134 PHE A O   1 
ATOM   840  C CB  . PHE A 1 137 ? 1.457   -2.252  5.409   1.00 32.82  ? 134 PHE A CB  1 
ATOM   841  C CG  . PHE A 1 137 ? 1.244   -1.789  3.993   1.00 33.58  ? 134 PHE A CG  1 
ATOM   842  C CD1 . PHE A 1 137 ? 0.134   -1.037  3.658   1.00 35.35  ? 134 PHE A CD1 1 
ATOM   843  C CD2 . PHE A 1 137 ? 2.201   -2.030  3.019   1.00 33.93  ? 134 PHE A CD2 1 
ATOM   844  C CE1 . PHE A 1 137 ? -0.039  -0.569  2.365   1.00 36.81  ? 134 PHE A CE1 1 
ATOM   845  C CE2 . PHE A 1 137 ? 2.023   -1.566  1.725   1.00 34.06  ? 134 PHE A CE2 1 
ATOM   846  C CZ  . PHE A 1 137 ? 0.901   -0.850  1.398   1.00 35.71  ? 134 PHE A CZ  1 
ATOM   847  N N   . TYR A 1 138 ? 0.361   -0.565  7.925   1.00 29.60  ? 135 TYR A N   1 
ATOM   848  C CA  . TYR A 1 138 ? -0.448  -0.566  9.162   1.00 29.27  ? 135 TYR A CA  1 
ATOM   849  C C   . TYR A 1 138 ? -1.883  -0.878  8.783   1.00 29.19  ? 135 TYR A C   1 
ATOM   850  O O   . TYR A 1 138 ? -2.314  -0.466  7.705   1.00 31.72  ? 135 TYR A O   1 
ATOM   851  C CB  . TYR A 1 138 ? -0.337  0.786   9.875   1.00 31.85  ? 135 TYR A CB  1 
ATOM   852  C CG  . TYR A 1 138 ? 1.072   1.033   10.322  1.00 30.24  ? 135 TYR A CG  1 
ATOM   853  C CD1 . TYR A 1 138 ? 1.536   0.537   11.528  1.00 31.20  ? 135 TYR A CD1 1 
ATOM   854  C CD2 . TYR A 1 138 ? 1.966   1.674   9.493   1.00 31.32  ? 135 TYR A CD2 1 
ATOM   855  C CE1 . TYR A 1 138 ? 2.850   0.715   11.922  1.00 32.58  ? 135 TYR A CE1 1 
ATOM   856  C CE2 . TYR A 1 138 ? 3.285   1.852   9.864   1.00 33.59  ? 135 TYR A CE2 1 
ATOM   857  C CZ  . TYR A 1 138 ? 3.734   1.366   11.078  1.00 35.82  ? 135 TYR A CZ  1 
ATOM   858  O OH  . TYR A 1 138 ? 5.045   1.551   11.432  1.00 37.28  ? 135 TYR A OH  1 
ATOM   859  N N   . GLU A 1 139 ? -2.569  -1.602  9.653   1.00 30.20  ? 136 GLU A N   1 
ATOM   860  C CA  . GLU A 1 139 ? -4.030  -1.788  9.603   1.00 31.02  ? 136 GLU A CA  1 
ATOM   861  C C   . GLU A 1 139 ? -4.691  -0.619  10.339  1.00 34.71  ? 136 GLU A C   1 
ATOM   862  O O   . GLU A 1 139 ? -4.311  -0.333  11.489  1.00 33.23  ? 136 GLU A O   1 
ATOM   863  C CB  . GLU A 1 139 ? -4.424  -3.113  10.230  1.00 34.11  ? 136 GLU A CB  1 
ATOM   864  C CG  . GLU A 1 139 ? -5.859  -3.498  9.935   1.00 38.25  ? 136 GLU A CG  1 
ATOM   865  C CD  . GLU A 1 139 ? -6.287  -4.768  10.643  1.00 43.79  ? 136 GLU A CD  1 
ATOM   866  O OE1 . GLU A 1 139 ? -7.348  -4.743  11.341  1.00 44.09  ? 136 GLU A OE1 1 
ATOM   867  O OE2 . GLU A 1 139 ? -5.550  -5.773  10.504  1.00 38.88  ? 136 GLU A OE2 1 
ATOM   868  N N   . LEU A 1 140 ? -5.637  0.032   9.673   1.00 34.66  ? 137 LEU A N   1 
ATOM   869  C CA  . LEU A 1 140 ? -6.434  1.145   10.229  1.00 35.17  ? 137 LEU A CA  1 
ATOM   870  C C   . LEU A 1 140 ? -7.890  0.697   10.303  1.00 36.12  ? 137 LEU A C   1 
ATOM   871  O O   . LEU A 1 140 ? -8.319  -0.017  9.402   1.00 36.17  ? 137 LEU A O   1 
ATOM   872  C CB  . LEU A 1 140 ? -6.233  2.350   9.312   1.00 37.82  ? 137 LEU A CB  1 
ATOM   873  C CG  . LEU A 1 140 ? -7.038  3.600   9.663   1.00 39.99  ? 137 LEU A CG  1 
ATOM   874  C CD1 . LEU A 1 140 ? -6.155  4.835   9.581   1.00 43.89  ? 137 LEU A CD1 1 
ATOM   875  C CD2 . LEU A 1 140 ? -8.246  3.745   8.754   1.00 39.57  ? 137 LEU A CD2 1 
ATOM   876  N N   . GLU A 1 141 ? -8.591  1.062   11.373  1.00 34.78  ? 138 GLU A N   1 
ATOM   877  C CA  . GLU A 1 141 ? -10.060 0.968   11.447  1.00 40.08  ? 138 GLU A CA  1 
ATOM   878  C C   . GLU A 1 141 ? -10.608 2.320   11.000  1.00 39.46  ? 138 GLU A C   1 
ATOM   879  O O   . GLU A 1 141 ? -10.243 3.340   11.615  1.00 36.42  ? 138 GLU A O   1 
ATOM   880  C CB  . GLU A 1 141 ? -10.519 0.592   12.852  1.00 44.15  ? 138 GLU A CB  1 
ATOM   881  C CG  . GLU A 1 141 ? -12.030 0.510   12.956  1.00 46.23  ? 138 GLU A CG  1 
ATOM   882  C CD  . GLU A 1 141 ? -12.558 0.060   14.302  1.00 54.94  ? 138 GLU A CD  1 
ATOM   883  O OE1 . GLU A 1 141 ? -13.750 0.319   14.576  1.00 62.63  ? 138 GLU A OE1 1 
ATOM   884  O OE2 . GLU A 1 141 ? -11.784 -0.546  15.072  1.00 59.06  ? 138 GLU A OE2 1 
ATOM   885  N N   . ILE A 1 142 ? -11.431 2.324   9.953   1.00 38.83  ? 139 ILE A N   1 
ATOM   886  C CA  . ILE A 1 142 ? -11.992 3.574   9.371   1.00 36.60  ? 139 ILE A CA  1 
ATOM   887  C C   . ILE A 1 142 ? -12.914 4.193   10.421  1.00 37.91  ? 139 ILE A C   1 
ATOM   888  O O   . ILE A 1 142 ? -13.737 3.462   11.004  1.00 34.14  ? 139 ILE A O   1 
ATOM   889  C CB  . ILE A 1 142 ? -12.682 3.288   8.027   1.00 37.70  ? 139 ILE A CB  1 
ATOM   890  C CG1 . ILE A 1 142 ? -11.668 2.806   6.982   1.00 38.57  ? 139 ILE A CG1 1 
ATOM   891  C CG2 . ILE A 1 142 ? -13.453 4.509   7.540   1.00 37.76  ? 139 ILE A CG2 1 
ATOM   892  C CD1 . ILE A 1 142 ? -12.284 2.252   5.717   1.00 40.32  ? 139 ILE A CD1 1 
ATOM   893  N N   . GLU A 1 143 ? -12.735 5.483   10.705  1.00 41.00  ? 140 GLU A N   1 
ATOM   894  C CA  . GLU A 1 143 ? -13.633 6.231   11.625  1.00 42.75  ? 140 GLU A CA  1 
ATOM   895  C C   . GLU A 1 143 ? -14.478 7.216   10.814  1.00 41.62  ? 140 GLU A C   1 
ATOM   896  O O   . GLU A 1 143 ? -15.653 7.400   11.166  1.00 42.10  ? 140 GLU A O   1 
ATOM   897  C CB  . GLU A 1 143 ? -12.819 6.882   12.740  1.00 44.14  ? 140 GLU A CB  1 
ATOM   898  C CG  . GLU A 1 143 ? -12.449 5.882   13.820  1.00 48.46  ? 140 GLU A CG  1 
ATOM   899  C CD  . GLU A 1 143 ? -11.378 6.325   14.801  1.00 54.69  ? 140 GLU A CD  1 
ATOM   900  O OE1 . GLU A 1 143 ? -10.732 7.369   14.558  1.00 56.21  ? 140 GLU A OE1 1 
ATOM   901  O OE2 . GLU A 1 143 ? -11.192 5.619   15.813  1.00 61.04  ? 140 GLU A OE2 1 
ATOM   902  N N   . ASN A 1 144 ? -13.934 7.758   9.723   1.00 40.20  ? 141 ASN A N   1 
ATOM   903  C CA  . ASN A 1 144 ? -14.673 8.707   8.861   1.00 41.04  ? 141 ASN A CA  1 
ATOM   904  C C   . ASN A 1 144 ? -14.108 8.681   7.442   1.00 40.56  ? 141 ASN A C   1 
ATOM   905  O O   . ASN A 1 144 ? -12.891 8.495   7.285   1.00 40.74  ? 141 ASN A O   1 
ATOM   906  C CB  . ASN A 1 144 ? -14.640 10.121  9.464   1.00 44.44  ? 141 ASN A CB  1 
ATOM   907  C CG  . ASN A 1 144 ? -15.799 10.983  9.010   1.00 47.67  ? 141 ASN A CG  1 
ATOM   908  O OD1 . ASN A 1 144 ? -16.794 10.478  8.485   1.00 47.61  ? 141 ASN A OD1 1 
ATOM   909  N ND2 . ASN A 1 144 ? -15.681 12.283  9.226   1.00 48.14  ? 141 ASN A ND2 1 
ATOM   910  N N   . LEU A 1 145 ? -14.984 8.904   6.459   1.00 40.44  ? 142 LEU A N   1 
ATOM   911  C CA  . LEU A 1 145 ? -14.640 9.204   5.047   1.00 43.42  ? 142 LEU A CA  1 
ATOM   912  C C   . LEU A 1 145 ? -15.206 10.585  4.713   1.00 43.38  ? 142 LEU A C   1 
ATOM   913  O O   . LEU A 1 145 ? -16.412 10.778  4.932   1.00 43.28  ? 142 LEU A O   1 
ATOM   914  C CB  . LEU A 1 145 ? -15.252 8.139   4.134   1.00 43.95  ? 142 LEU A CB  1 
ATOM   915  C CG  . LEU A 1 145 ? -14.741 6.713   4.331   1.00 43.13  ? 142 LEU A CG  1 
ATOM   916  C CD1 . LEU A 1 145 ? -15.444 5.769   3.370   1.00 44.48  ? 142 LEU A CD1 1 
ATOM   917  C CD2 . LEU A 1 145 ? -13.231 6.634   4.140   1.00 39.65  ? 142 LEU A CD2 1 
ATOM   918  N N   . LEU A 1 146 ? -14.353 11.494  4.239   1.00 42.68  ? 143 LEU A N   1 
ATOM   919  C CA  . LEU A 1 146 ? -14.706 12.901  3.916   1.00 48.84  ? 143 LEU A CA  1 
ATOM   920  C C   . LEU A 1 146 ? -14.837 13.031  2.394   1.00 51.27  ? 143 LEU A C   1 
ATOM   921  O O   . LEU A 1 146 ? -14.072 12.358  1.670   1.00 41.22  ? 143 LEU A O   1 
ATOM   922  C CB  . LEU A 1 146 ? -13.612 13.829  4.456   1.00 49.15  ? 143 LEU A CB  1 
ATOM   923  C CG  . LEU A 1 146 ? -13.647 14.128  5.959   1.00 51.78  ? 143 LEU A CG  1 
ATOM   924  C CD1 . LEU A 1 146 ? -14.876 14.936  6.336   1.00 56.16  ? 143 LEU A CD1 1 
ATOM   925  C CD2 . LEU A 1 146 ? -13.592 12.856  6.790   1.00 54.17  ? 143 LEU A CD2 1 
ATOM   926  N N   . ASP A 1 147 ? -15.750 13.879  1.915   1.00 51.43  ? 144 ASP A N   1 
ATOM   927  C CA  . ASP A 1 147 ? -15.940 14.109  0.457   1.00 52.55  ? 144 ASP A CA  1 
ATOM   928  C C   . ASP A 1 147 ? -14.814 14.996  -0.075  1.00 50.13  ? 144 ASP A C   1 
ATOM   929  O O   . ASP A 1 147 ? -14.395 14.783  -1.234  1.00 50.60  ? 144 ASP A O   1 
ATOM   930  C CB  . ASP A 1 147 ? -17.329 14.670  0.155   1.00 62.20  ? 144 ASP A CB  1 
ATOM   931  C CG  . ASP A 1 147 ? -18.402 13.601  0.232   1.00 71.70  ? 144 ASP A CG  1 
ATOM   932  O OD1 . ASP A 1 147 ? -18.198 12.638  0.991   1.00 77.91  ? 144 ASP A OD1 1 
ATOM   933  O OD2 . ASP A 1 147 ? -19.413 13.722  -0.487  1.00 86.82  ? 144 ASP A OD2 1 
ATOM   934  N N   . LYS A 1 148 ? -14.315 15.939  0.728   1.00 48.42  ? 145 LYS A N   1 
ATOM   935  C CA  . LYS A 1 148 ? -13.221 16.846  0.292   1.00 47.76  ? 145 LYS A CA  1 
ATOM   936  C C   . LYS A 1 148 ? -11.908 16.429  0.957   1.00 45.78  ? 145 LYS A C   1 
ATOM   937  O O   . LYS A 1 148 ? -11.856 16.418  2.196   1.00 40.89  ? 145 LYS A O   1 
ATOM   938  C CB  . LYS A 1 148 ? -13.508 18.317  0.605   1.00 51.03  ? 145 LYS A CB  1 
ATOM   939  C CG  . LYS A 1 148 ? -12.581 19.274  -0.131  1.00 56.43  ? 145 LYS A CG  1 
ATOM   940  C CD  . LYS A 1 148 ? -12.250 20.558  0.601   1.00 60.42  ? 145 LYS A CD  1 
ATOM   941  C CE  . LYS A 1 148 ? -13.264 21.655  0.374   1.00 66.23  ? 145 LYS A CE  1 
ATOM   942  N NZ  . LYS A 1 148 ? -12.639 22.991  0.518   1.00 69.12  ? 145 LYS A NZ  1 
ATOM   943  N N   . PHE A 1 149 ? -10.879 16.166  0.145   1.00 40.29  ? 146 PHE A N   1 
ATOM   944  C CA  . PHE A 1 149 ? -9.515  15.807  0.601   1.00 38.91  ? 146 PHE A CA  1 
ATOM   945  C C   . PHE A 1 149 ? -8.555  16.178  -0.520  1.00 37.90  ? 146 PHE A C   1 
ATOM   946  O O   . PHE A 1 149 ? -8.991  16.371  -1.651  1.00 41.05  ? 146 PHE A O   1 
ATOM   947  C CB  . PHE A 1 149 ? -9.513  14.347  1.058   1.00 40.26  ? 146 PHE A CB  1 
ATOM   948  C CG  . PHE A 1 149 ? -9.873  13.339  -0.008  1.00 37.88  ? 146 PHE A CG  1 
ATOM   949  C CD1 . PHE A 1 149 ? -8.892  12.822  -0.836  1.00 39.37  ? 146 PHE A CD1 1 
ATOM   950  C CD2 . PHE A 1 149 ? -11.178 12.907  -0.177  1.00 38.21  ? 146 PHE A CD2 1 
ATOM   951  C CE1 . PHE A 1 149 ? -9.210  11.883  -1.808  1.00 38.55  ? 146 PHE A CE1 1 
ATOM   952  C CE2 . PHE A 1 149 ? -11.493 11.965  -1.147  1.00 42.51  ? 146 PHE A CE2 1 
ATOM   953  C CZ  . PHE A 1 149 ? -10.503 11.460  -1.962  1.00 37.65  ? 146 PHE A CZ  1 
ATOM   954  N N   . PRO A 1 150 ? -7.243  16.354  -0.250  1.00 38.43  ? 147 PRO A N   1 
ATOM   955  C CA  . PRO A 1 150 ? -6.348  16.958  -1.234  1.00 39.45  ? 147 PRO A CA  1 
ATOM   956  C C   . PRO A 1 150 ? -6.443  16.325  -2.633  1.00 44.79  ? 147 PRO A C   1 
ATOM   957  O O   . PRO A 1 150 ? -6.375  17.062  -3.585  1.00 47.31  ? 147 PRO A O   1 
ATOM   958  C CB  . PRO A 1 150 ? -4.971  16.776  -0.593  1.00 37.01  ? 147 PRO A CB  1 
ATOM   959  C CG  . PRO A 1 150 ? -5.263  16.821  0.881   1.00 39.59  ? 147 PRO A CG  1 
ATOM   960  C CD  . PRO A 1 150 ? -6.571  16.079  1.032   1.00 37.13  ? 147 PRO A CD  1 
ATOM   961  N N   . GLU A 1 151 ? -6.610  15.002  -2.750  1.00 45.51  ? 148 GLU A N   1 
ATOM   962  C CA  . GLU A 1 151 ? -6.506  14.315  -4.073  1.00 42.60  ? 148 GLU A CA  1 
ATOM   963  C C   . GLU A 1 151 ? -7.893  13.890  -4.563  1.00 41.85  ? 148 GLU A C   1 
ATOM   964  O O   . GLU A 1 151 ? -7.948  13.050  -5.483  1.00 43.39  ? 148 GLU A O   1 
ATOM   965  C CB  . GLU A 1 151 ? -5.489  13.174  -3.976  1.00 43.43  ? 148 GLU A CB  1 
ATOM   966  C CG  . GLU A 1 151 ? -4.078  13.702  -3.791  1.00 44.72  ? 148 GLU A CG  1 
ATOM   967  C CD  . GLU A 1 151 ? -2.931  12.710  -3.866  1.00 50.43  ? 148 GLU A CD  1 
ATOM   968  O OE1 . GLU A 1 151 ? -3.183  11.518  -4.134  1.00 51.91  ? 148 GLU A OE1 1 
ATOM   969  O OE2 . GLU A 1 151 ? -1.775  13.142  -3.659  1.00 51.91  ? 148 GLU A OE2 1 
ATOM   970  N N   . CYS A 1 152 ? -8.966  14.500  -4.051  1.00 39.30  ? 149 CYS A N   1 
ATOM   971  C CA  . CYS A 1 152 ? -10.362 14.028  -4.249  1.00 44.63  ? 149 CYS A CA  1 
ATOM   972  C C   . CYS A 1 152 ? -10.826 14.198  -5.706  1.00 47.33  ? 149 CYS A C   1 
ATOM   973  O O   . CYS A 1 152 ? -11.872 13.596  -6.039  1.00 50.85  ? 149 CYS A O   1 
ATOM   974  C CB  . CYS A 1 152 ? -11.346 14.744  -3.338  1.00 50.02  ? 149 CYS A CB  1 
ATOM   975  S SG  . CYS A 1 152 ? -11.556 16.495  -3.748  1.00 49.26  ? 149 CYS A SG  1 
ATOM   976  N N   . HIS A 1 153 ? -10.112 14.990  -6.508  1.00 43.21  ? 150 HIS A N   1 
ATOM   977  C CA  . HIS A 1 153 ? -10.388 15.231  -7.952  1.00 51.77  ? 150 HIS A CA  1 
ATOM   978  C C   . HIS A 1 153 ? -9.430  14.414  -8.831  1.00 55.02  ? 150 HIS A C   1 
ATOM   979  O O   . HIS A 1 153 ? -9.656  14.376  -10.055 1.00 52.91  ? 150 HIS A O   1 
ATOM   980  C CB  . HIS A 1 153 ? -10.286 16.729  -8.291  1.00 52.90  ? 150 HIS A CB  1 
ATOM   981  C CG  . HIS A 1 153 ? -11.329 17.565  -7.632  1.00 58.09  ? 150 HIS A CG  1 
ATOM   982  N ND1 . HIS A 1 153 ? -12.670 17.212  -7.631  1.00 62.11  ? 150 HIS A ND1 1 
ATOM   983  C CD2 . HIS A 1 153 ? -11.240 18.722  -6.938  1.00 59.55  ? 150 HIS A CD2 1 
ATOM   984  C CE1 . HIS A 1 153 ? -13.360 18.116  -6.963  1.00 61.95  ? 150 HIS A CE1 1 
ATOM   985  N NE2 . HIS A 1 153 ? -12.506 19.051  -6.530  1.00 60.87  ? 150 HIS A NE2 1 
ATOM   986  N N   . LYS A 1 154 ? -8.399  13.795  -8.245  1.00 49.62  ? 151 LYS A N   1 
ATOM   987  C CA  . LYS A 1 154 ? -7.341  13.070  -8.996  1.00 50.55  ? 151 LYS A CA  1 
ATOM   988  C C   . LYS A 1 154 ? -7.510  11.548  -8.819  1.00 48.02  ? 151 LYS A C   1 
ATOM   989  O O   . LYS A 1 154 ? -6.807  10.808  -9.519  1.00 51.73  ? 151 LYS A O   1 
ATOM   990  C CB  . LYS A 1 154 ? -5.973  13.620  -8.570  1.00 55.12  ? 151 LYS A CB  1 
ATOM   991  C CG  . LYS A 1 154 ? -4.777  12.724  -8.860  1.00 61.10  ? 151 LYS A CG  1 
ATOM   992  C CD  . LYS A 1 154 ? -3.449  13.319  -8.441  1.00 64.75  ? 151 LYS A CD  1 
ATOM   993  C CE  . LYS A 1 154 ? -2.601  12.339  -7.657  1.00 67.21  ? 151 LYS A CE  1 
ATOM   994  N NZ  . LYS A 1 154 ? -1.161  12.670  -7.739  1.00 69.89  ? 151 LYS A NZ  1 
ATOM   995  N N   . ARG A 1 155 ? -8.436  11.087  -7.970  1.00 44.46  ? 152 ARG A N   1 
ATOM   996  C CA  . ARG A 1 155 ? -8.638  9.640   -7.692  1.00 44.37  ? 152 ARG A CA  1 
ATOM   997  C C   . ARG A 1 155 ? -10.077 9.372   -7.290  1.00 42.82  ? 152 ARG A C   1 
ATOM   998  O O   . ARG A 1 155 ? -10.707 10.281  -6.733  1.00 47.39  ? 152 ARG A O   1 
ATOM   999  C CB  . ARG A 1 155 ? -7.806  9.136   -6.506  1.00 45.41  ? 152 ARG A CB  1 
ATOM   1000 C CG  . ARG A 1 155 ? -6.337  9.506   -6.552  1.00 42.00  ? 152 ARG A CG  1 
ATOM   1001 C CD  . ARG A 1 155 ? -5.611  8.817   -5.426  1.00 41.19  ? 152 ARG A CD  1 
ATOM   1002 N NE  . ARG A 1 155 ? -4.240  9.257   -5.322  1.00 41.49  ? 152 ARG A NE  1 
ATOM   1003 C CZ  . ARG A 1 155 ? -3.164  8.541   -5.633  1.00 42.76  ? 152 ARG A CZ  1 
ATOM   1004 N NH1 . ARG A 1 155 ? -3.269  7.311   -6.106  1.00 46.04  ? 152 ARG A NH1 1 
ATOM   1005 N NH2 . ARG A 1 155 ? -1.969  9.070   -5.459  1.00 44.14  ? 152 ARG A NH2 1 
ATOM   1006 N N   . HIS A 1 156 ? -10.518 8.135   -7.507  1.00 38.74  ? 153 HIS A N   1 
ATOM   1007 C CA  . HIS A 1 156 ? -11.704 7.524   -6.869  1.00 41.72  ? 153 HIS A CA  1 
ATOM   1008 C C   . HIS A 1 156 ? -11.260 6.707   -5.657  1.00 42.48  ? 153 HIS A C   1 
ATOM   1009 O O   . HIS A 1 156 ? -10.069 6.337   -5.570  1.00 42.96  ? 153 HIS A O   1 
ATOM   1010 C CB  . HIS A 1 156 ? -12.486 6.682   -7.884  1.00 50.36  ? 153 HIS A CB  1 
ATOM   1011 C CG  . HIS A 1 156 ? -12.826 7.459   -9.108  1.00 59.52  ? 153 HIS A CG  1 
ATOM   1012 N ND1 . HIS A 1 156 ? -14.054 8.066   -9.278  1.00 66.54  ? 153 HIS A ND1 1 
ATOM   1013 C CD2 . HIS A 1 156 ? -12.080 7.790   -10.185 1.00 65.11  ? 153 HIS A CD2 1 
ATOM   1014 C CE1 . HIS A 1 156 ? -14.064 8.708   -10.431 1.00 69.37  ? 153 HIS A CE1 1 
ATOM   1015 N NE2 . HIS A 1 156 ? -12.861 8.556   -11.006 1.00 68.98  ? 153 HIS A NE2 1 
ATOM   1016 N N   . ARG A 1 157 ? -12.214 6.421   -4.783  1.00 41.83  ? 154 ARG A N   1 
ATOM   1017 C CA  . ARG A 1 157 ? -11.994 5.722   -3.508  1.00 44.42  ? 154 ARG A CA  1 
ATOM   1018 C C   . ARG A 1 157 ? -13.254 4.926   -3.172  1.00 48.77  ? 154 ARG A C   1 
ATOM   1019 O O   . ARG A 1 157 ? -14.346 5.532   -3.108  1.00 54.55  ? 154 ARG A O   1 
ATOM   1020 C CB  . ARG A 1 157 ? -11.634 6.778   -2.470  1.00 48.58  ? 154 ARG A CB  1 
ATOM   1021 C CG  . ARG A 1 157 ? -12.311 6.586   -1.127  1.00 47.13  ? 154 ARG A CG  1 
ATOM   1022 C CD  . ARG A 1 157 ? -12.646 7.953   -0.646  1.00 47.96  ? 154 ARG A CD  1 
ATOM   1023 N NE  . ARG A 1 157 ? -14.023 8.230   -0.297  1.00 46.08  ? 154 ARG A NE  1 
ATOM   1024 C CZ  . ARG A 1 157 ? -14.345 9.240   0.504   1.00 48.44  ? 154 ARG A CZ  1 
ATOM   1025 N NH1 . ARG A 1 157 ? -13.373 9.930   1.080   1.00 44.50  ? 154 ARG A NH1 1 
ATOM   1026 N NH2 . ARG A 1 157 ? -15.612 9.515   0.779   1.00 49.76  ? 154 ARG A NH2 1 
ATOM   1027 N N   . LYS A 1 158 ? -13.105 3.622   -2.953  1.00 44.17  ? 155 LYS A N   1 
ATOM   1028 C CA  . LYS A 1 158 ? -14.250 2.694   -2.810  1.00 42.00  ? 155 LYS A CA  1 
ATOM   1029 C C   . LYS A 1 158 ? -13.869 1.516   -1.918  1.00 39.00  ? 155 LYS A C   1 
ATOM   1030 O O   . LYS A 1 158 ? -12.718 1.067   -1.980  1.00 38.98  ? 155 LYS A O   1 
ATOM   1031 C CB  . LYS A 1 158 ? -14.687 2.221   -4.199  1.00 45.27  ? 155 LYS A CB  1 
ATOM   1032 C CG  . LYS A 1 158 ? -16.003 1.465   -4.207  1.00 48.94  ? 155 LYS A CG  1 
ATOM   1033 C CD  . LYS A 1 158 ? -16.443 1.037   -5.586  1.00 53.12  ? 155 LYS A CD  1 
ATOM   1034 C CE  . LYS A 1 158 ? -17.798 0.364   -5.546  1.00 55.47  ? 155 LYS A CE  1 
ATOM   1035 N NZ  . LYS A 1 158 ? -17.885 -0.737  -6.532  1.00 62.89  ? 155 LYS A NZ  1 
ATOM   1036 N N   . LEU A 1 159 ? -14.839 1.036   -1.148  1.00 37.33  ? 156 LEU A N   1 
ATOM   1037 C CA  . LEU A 1 159 ? -14.737 -0.152  -0.280  1.00 39.86  ? 156 LEU A CA  1 
ATOM   1038 C C   . LEU A 1 159 ? -14.918 -1.405  -1.144  1.00 43.81  ? 156 LEU A C   1 
ATOM   1039 O O   . LEU A 1 159 ? -15.792 -1.405  -2.027  1.00 39.88  ? 156 LEU A O   1 
ATOM   1040 C CB  . LEU A 1 159 ? -15.818 -0.076  0.800   1.00 39.46  ? 156 LEU A CB  1 
ATOM   1041 C CG  . LEU A 1 159 ? -15.610 0.999   1.868   1.00 40.95  ? 156 LEU A CG  1 
ATOM   1042 C CD1 . LEU A 1 159 ? -16.810 1.066   2.808   1.00 44.36  ? 156 LEU A CD1 1 
ATOM   1043 C CD2 . LEU A 1 159 ? -14.337 0.738   2.667   1.00 40.73  ? 156 LEU A CD2 1 
ATOM   1044 N N   . TYR A 1 160 ? -14.142 -2.450  -0.873  1.00 44.24  ? 157 TYR A N   1 
ATOM   1045 C CA  . TYR A 1 160 ? -14.233 -3.748  -1.588  1.00 41.26  ? 157 TYR A CA  1 
ATOM   1046 C C   . TYR A 1 160 ? -14.144 -4.893  -0.581  1.00 41.17  ? 157 TYR A C   1 
ATOM   1047 O O   . TYR A 1 160 ? -13.369 -4.804  0.387   1.00 40.36  ? 157 TYR A O   1 
ATOM   1048 C CB  . TYR A 1 160 ? -13.125 -3.840  -2.633  1.00 40.50  ? 157 TYR A CB  1 
ATOM   1049 C CG  . TYR A 1 160 ? -13.274 -2.948  -3.837  1.00 39.90  ? 157 TYR A CG  1 
ATOM   1050 C CD1 . TYR A 1 160 ? -14.108 -3.288  -4.892  1.00 43.60  ? 157 TYR A CD1 1 
ATOM   1051 C CD2 . TYR A 1 160 ? -12.517 -1.796  -3.961  1.00 40.64  ? 157 TYR A CD2 1 
ATOM   1052 C CE1 . TYR A 1 160 ? -14.218 -2.482  -6.015  1.00 42.56  ? 157 TYR A CE1 1 
ATOM   1053 C CE2 . TYR A 1 160 ? -12.601 -0.989  -5.080  1.00 40.16  ? 157 TYR A CE2 1 
ATOM   1054 C CZ  . TYR A 1 160 ? -13.455 -1.332  -6.110  1.00 41.08  ? 157 TYR A CZ  1 
ATOM   1055 O OH  . TYR A 1 160 ? -13.528 -0.521  -7.202  1.00 44.47  ? 157 TYR A OH  1 
ATOM   1056 N N   . SER A 1 161 ? -14.911 -5.956  -0.814  1.00 39.97  ? 158 SER A N   1 
ATOM   1057 C CA  . SER A 1 161 ? -14.764 -7.249  -0.107  1.00 42.44  ? 158 SER A CA  1 
ATOM   1058 C C   . SER A 1 161 ? -13.350 -7.786  -0.351  1.00 37.63  ? 158 SER A C   1 
ATOM   1059 O O   . SER A 1 161 ? -12.669 -7.316  -1.303  1.00 34.92  ? 158 SER A O   1 
ATOM   1060 C CB  . SER A 1 161 ? -15.788 -8.247  -0.571  1.00 43.13  ? 158 SER A CB  1 
ATOM   1061 O OG  . SER A 1 161 ? -15.387 -8.771  -1.826  1.00 45.26  ? 158 SER A OG  1 
ATOM   1062 N N   . TYR A 1 162 ? -12.926 -8.762  0.448   1.00 41.06  ? 159 TYR A N   1 
ATOM   1063 C CA  . TYR A 1 162 ? -11.601 -9.413  0.273   1.00 42.35  ? 159 TYR A CA  1 
ATOM   1064 C C   . TYR A 1 162 ? -11.456 -9.927  -1.168  1.00 40.43  ? 159 TYR A C   1 
ATOM   1065 O O   . TYR A 1 162 ? -10.461 -9.603  -1.854  1.00 38.23  ? 159 TYR A O   1 
ATOM   1066 C CB  . TYR A 1 162 ? -11.399 -10.553 1.269   1.00 41.97  ? 159 TYR A CB  1 
ATOM   1067 C CG  . TYR A 1 162 ? -10.111 -11.280 0.996   1.00 43.63  ? 159 TYR A CG  1 
ATOM   1068 C CD1 . TYR A 1 162 ? -8.897  -10.645 1.208   1.00 41.72  ? 159 TYR A CD1 1 
ATOM   1069 C CD2 . TYR A 1 162 ? -10.093 -12.563 0.463   1.00 44.69  ? 159 TYR A CD2 1 
ATOM   1070 C CE1 . TYR A 1 162 ? -7.694  -11.270 0.928   1.00 42.21  ? 159 TYR A CE1 1 
ATOM   1071 C CE2 . TYR A 1 162 ? -8.894  -13.204 0.173   1.00 43.53  ? 159 TYR A CE2 1 
ATOM   1072 C CZ  . TYR A 1 162 ? -7.691  -12.557 0.412   1.00 44.71  ? 159 TYR A CZ  1 
ATOM   1073 O OH  . TYR A 1 162 ? -6.497  -13.159 0.133   1.00 42.52  ? 159 TYR A OH  1 
ATOM   1074 N N   . THR A 1 163 ? -12.443 -10.692 -1.644  1.00 41.98  ? 160 THR A N   1 
ATOM   1075 C CA  . THR A 1 163 ? -12.369 -11.362 -2.970  1.00 47.09  ? 160 THR A CA  1 
ATOM   1076 C C   . THR A 1 163 ? -12.135 -10.311 -4.054  1.00 43.33  ? 160 THR A C   1 
ATOM   1077 O O   . THR A 1 163 ? -11.209 -10.488 -4.861  1.00 40.97  ? 160 THR A O   1 
ATOM   1078 C CB  . THR A 1 163 ? -13.617 -12.201 -3.274  1.00 51.62  ? 160 THR A CB  1 
ATOM   1079 O OG1 . THR A 1 163 ? -13.902 -13.015 -2.136  1.00 53.78  ? 160 THR A OG1 1 
ATOM   1080 C CG2 . THR A 1 163 ? -13.426 -13.065 -4.504  1.00 52.92  ? 160 THR A CG2 1 
ATOM   1081 N N   . GLU A 1 164 ? -12.921 -9.233  -4.050  1.00 43.95  ? 161 GLU A N   1 
ATOM   1082 C CA  . GLU A 1 164 ? -12.834 -8.159  -5.075  1.00 43.74  ? 161 GLU A CA  1 
ATOM   1083 C C   . GLU A 1 164 ? -11.493 -7.431  -4.956  1.00 38.71  ? 161 GLU A C   1 
ATOM   1084 O O   . GLU A 1 164 ? -10.886 -7.118  -5.995  1.00 38.48  ? 161 GLU A O   1 
ATOM   1085 C CB  . GLU A 1 164 ? -13.973 -7.152  -4.911  1.00 49.10  ? 161 GLU A CB  1 
ATOM   1086 C CG  . GLU A 1 164 ? -15.374 -7.755  -4.899  1.00 52.07  ? 161 GLU A CG  1 
ATOM   1087 C CD  . GLU A 1 164 ? -16.459 -6.745  -4.533  1.00 58.64  ? 161 GLU A CD  1 
ATOM   1088 O OE1 . GLU A 1 164 ? -17.416 -6.615  -5.315  1.00 60.68  ? 161 GLU A OE1 1 
ATOM   1089 O OE2 . GLU A 1 164 ? -16.337 -6.064  -3.475  1.00 54.65  ? 161 GLU A OE2 1 
ATOM   1090 N N   . ALA A 1 165 ? -11.074 -7.092  -3.735  1.00 42.62  ? 162 ALA A N   1 
ATOM   1091 C CA  . ALA A 1 165 ? -9.783  -6.407  -3.472  1.00 39.21  ? 162 ALA A CA  1 
ATOM   1092 C C   . ALA A 1 165 ? -8.603  -7.266  -3.969  1.00 34.98  ? 162 ALA A C   1 
ATOM   1093 O O   . ALA A 1 165 ? -7.684  -6.725  -4.618  1.00 33.41  ? 162 ALA A O   1 
ATOM   1094 C CB  . ALA A 1 165 ? -9.670  -6.110  -1.997  1.00 40.13  ? 162 ALA A CB  1 
ATOM   1095 N N   . LYS A 1 166 ? -8.599  -8.558  -3.651  1.00 35.54  ? 163 LYS A N   1 
ATOM   1096 C CA  . LYS A 1 166 ? -7.544  -9.499  -4.130  1.00 38.69  ? 163 LYS A CA  1 
ATOM   1097 C C   . LYS A 1 166 ? -7.474  -9.390  -5.657  1.00 35.13  ? 163 LYS A C   1 
ATOM   1098 O O   . LYS A 1 166 ? -6.386  -9.121  -6.197  1.00 38.06  ? 163 LYS A O   1 
ATOM   1099 C CB  . LYS A 1 166 ? -7.852  -10.922 -3.644  1.00 40.37  ? 163 LYS A CB  1 
ATOM   1100 C CG  . LYS A 1 166 ? -6.886  -12.000 -4.119  1.00 46.08  ? 163 LYS A CG  1 
ATOM   1101 C CD  . LYS A 1 166 ? -7.070  -13.336 -3.425  1.00 48.60  ? 163 LYS A CD  1 
ATOM   1102 C CE  . LYS A 1 166 ? -6.215  -14.447 -4.022  1.00 57.87  ? 163 LYS A CE  1 
ATOM   1103 N NZ  . LYS A 1 166 ? -6.730  -14.927 -5.335  1.00 57.85  ? 163 LYS A NZ  1 
ATOM   1104 N N   . GLN A 1 167 ? -8.610  -9.526  -6.345  1.00 38.89  ? 164 GLN A N   1 
ATOM   1105 C CA  . GLN A 1 167 ? -8.591  -9.491  -7.829  1.00 40.52  ? 164 GLN A CA  1 
ATOM   1106 C C   . GLN A 1 167 ? -8.050  -8.138  -8.292  1.00 37.46  ? 164 GLN A C   1 
ATOM   1107 O O   . GLN A 1 167 ? -7.222  -8.116  -9.234  1.00 38.37  ? 164 GLN A O   1 
ATOM   1108 C CB  . GLN A 1 167 ? -9.960  -9.758  -8.453  1.00 44.53  ? 164 GLN A CB  1 
ATOM   1109 C CG  . GLN A 1 167 ? -9.853  -9.991  -9.956  1.00 46.31  ? 164 GLN A CG  1 
ATOM   1110 C CD  . GLN A 1 167 ? -8.859  -11.085 -10.290 1.00 48.34  ? 164 GLN A CD  1 
ATOM   1111 O OE1 . GLN A 1 167 ? -8.909  -12.194 -9.746  1.00 45.62  ? 164 GLN A OE1 1 
ATOM   1112 N NE2 . GLN A 1 167 ? -7.925  -10.778 -11.180 1.00 50.85  ? 164 GLN A NE2 1 
ATOM   1113 N N   . ASN A 1 168 ? -8.517  -7.046  -7.668  1.00 40.23  ? 165 ASN A N   1 
ATOM   1114 C CA  . ASN A 1 168 ? -8.051  -5.663  -7.952  1.00 37.05  ? 165 ASN A CA  1 
ATOM   1115 C C   . ASN A 1 168 ? -6.523  -5.628  -7.901  1.00 33.96  ? 165 ASN A C   1 
ATOM   1116 O O   . ASN A 1 168 ? -5.894  -5.056  -8.832  1.00 34.22  ? 165 ASN A O   1 
ATOM   1117 C CB  . ASN A 1 168 ? -8.696  -4.637  -6.999  1.00 41.50  ? 165 ASN A CB  1 
ATOM   1118 C CG  . ASN A 1 168 ? -10.140 -4.292  -7.331  1.00 45.35  ? 165 ASN A CG  1 
ATOM   1119 O OD1 . ASN A 1 168 ? -10.652 -4.661  -8.386  1.00 44.42  ? 165 ASN A OD1 1 
ATOM   1120 N ND2 . ASN A 1 168 ? -10.821 -3.589  -6.432  1.00 40.61  ? 165 ASN A ND2 1 
ATOM   1121 N N   . LEU A 1 169 ? -5.908  -6.147  -6.834  1.00 35.10  ? 166 LEU A N   1 
ATOM   1122 C CA  . LEU A 1 169 ? -4.431  -5.998  -6.674  1.00 34.94  ? 166 LEU A CA  1 
ATOM   1123 C C   . LEU A 1 169 ? -3.677  -6.911  -7.659  1.00 35.25  ? 166 LEU A C   1 
ATOM   1124 O O   . LEU A 1 169 ? -2.593  -6.508  -8.125  1.00 35.61  ? 166 LEU A O   1 
ATOM   1125 C CB  . LEU A 1 169 ? -4.054  -6.276  -5.217  1.00 35.69  ? 166 LEU A CB  1 
ATOM   1126 C CG  . LEU A 1 169 ? -4.546  -5.220  -4.220  1.00 34.37  ? 166 LEU A CG  1 
ATOM   1127 C CD1 . LEU A 1 169 ? -4.281  -5.653  -2.788  1.00 36.39  ? 166 LEU A CD1 1 
ATOM   1128 C CD2 . LEU A 1 169 ? -3.898  -3.890  -4.499  1.00 32.96  ? 166 LEU A CD2 1 
ATOM   1129 N N   . ILE A 1 170 ? -4.229  -8.074  -8.016  1.00 37.09  ? 167 ILE A N   1 
ATOM   1130 C CA  . ILE A 1 170 ? -3.632  -8.897  -9.118  1.00 40.09  ? 167 ILE A CA  1 
ATOM   1131 C C   . ILE A 1 170 ? -3.754  -8.111  -10.437 1.00 37.71  ? 167 ILE A C   1 
ATOM   1132 O O   . ILE A 1 170 ? -2.731  -7.934  -11.131 1.00 36.46  ? 167 ILE A O   1 
ATOM   1133 C CB  . ILE A 1 170 ? -4.267  -10.306 -9.157  1.00 45.06  ? 167 ILE A CB  1 
ATOM   1134 C CG1 . ILE A 1 170 ? -3.931  -11.099 -7.889  1.00 44.73  ? 167 ILE A CG1 1 
ATOM   1135 C CG2 . ILE A 1 170 ? -3.842  -11.058 -10.411 1.00 45.20  ? 167 ILE A CG2 1 
ATOM   1136 C CD1 . ILE A 1 170 ? -4.891  -12.237 -7.587  1.00 46.71  ? 167 ILE A CD1 1 
ATOM   1137 N N   . ASP A 1 171 ? -4.933  -7.564  -10.742 1.00 42.86  ? 168 ASP A N   1 
ATOM   1138 C CA  . ASP A 1 171 ? -5.142  -6.725  -11.959 1.00 45.28  ? 168 ASP A CA  1 
ATOM   1139 C C   . ASP A 1 171 ? -4.148  -5.556  -11.978 1.00 44.28  ? 168 ASP A C   1 
ATOM   1140 O O   . ASP A 1 171 ? -3.648  -5.229  -13.072 1.00 42.71  ? 168 ASP A O   1 
ATOM   1141 C CB  . ASP A 1 171 ? -6.578  -6.206  -12.060 1.00 50.92  ? 168 ASP A CB  1 
ATOM   1142 C CG  . ASP A 1 171 ? -7.622  -7.297  -12.230 1.00 57.13  ? 168 ASP A CG  1 
ATOM   1143 O OD1 . ASP A 1 171 ? -7.222  -8.467  -12.419 1.00 63.94  ? 168 ASP A OD1 1 
ATOM   1144 O OD2 . ASP A 1 171 ? -8.830  -6.973  -12.156 1.00 59.30  ? 168 ASP A OD2 1 
ATOM   1145 N N   . ALA A 1 172 ? -3.854  -4.944  -10.820 1.00 42.18  ? 169 ALA A N   1 
ATOM   1146 C CA  . ALA A 1 172 ? -2.901  -3.812  -10.706 1.00 40.93  ? 169 ALA A CA  1 
ATOM   1147 C C   . ALA A 1 172 ? -1.453  -4.305  -10.802 1.00 39.14  ? 169 ALA A C   1 
ATOM   1148 O O   . ALA A 1 172 ? -0.568  -3.451  -10.881 1.00 40.83  ? 169 ALA A O   1 
ATOM   1149 C CB  . ALA A 1 172 ? -3.129  -3.050  -9.412  1.00 41.06  ? 169 ALA A CB  1 
ATOM   1150 N N   . LYS A 1 173 ? -1.218  -5.625  -10.759 1.00 40.55  ? 170 LYS A N   1 
ATOM   1151 C CA  . LYS A 1 173 ? 0.136   -6.242  -10.816 1.00 40.90  ? 170 LYS A CA  1 
ATOM   1152 C C   . LYS A 1 173 ? 0.929   -5.879  -9.544  1.00 37.66  ? 170 LYS A C   1 
ATOM   1153 O O   . LYS A 1 173 ? 2.101   -5.529  -9.664  1.00 34.91  ? 170 LYS A O   1 
ATOM   1154 C CB  . LYS A 1 173 ? 0.875   -5.790  -12.079 1.00 44.09  ? 170 LYS A CB  1 
ATOM   1155 C CG  . LYS A 1 173 ? 0.180   -6.101  -13.400 1.00 50.59  ? 170 LYS A CG  1 
ATOM   1156 C CD  . LYS A 1 173 ? 0.727   -5.304  -14.580 1.00 53.70  ? 170 LYS A CD  1 
ATOM   1157 C CE  . LYS A 1 173 ? 0.472   -5.934  -15.938 1.00 59.09  ? 170 LYS A CE  1 
ATOM   1158 N NZ  . LYS A 1 173 ? -0.883  -6.529  -16.059 1.00 62.10  ? 170 LYS A NZ  1 
ATOM   1159 N N   . ARG A 1 174 ? 0.300   -5.931  -8.371  1.00 39.07  ? 171 ARG A N   1 
ATOM   1160 C CA  . ARG A 1 174 ? 0.908   -5.478  -7.082  1.00 40.88  ? 171 ARG A CA  1 
ATOM   1161 C C   . ARG A 1 174 ? 0.748   -6.583  -6.044  1.00 35.87  ? 171 ARG A C   1 
ATOM   1162 O O   . ARG A 1 174 ? -0.007  -6.450  -5.083  1.00 36.38  ? 171 ARG A O   1 
ATOM   1163 C CB  . ARG A 1 174 ? 0.269   -4.165  -6.616  1.00 41.32  ? 171 ARG A CB  1 
ATOM   1164 C CG  . ARG A 1 174 ? 0.418   -3.024  -7.612  1.00 42.71  ? 171 ARG A CG  1 
ATOM   1165 C CD  . ARG A 1 174 ? 1.838   -2.789  -8.082  1.00 43.28  ? 171 ARG A CD  1 
ATOM   1166 N NE  . ARG A 1 174 ? 2.680   -2.345  -6.984  1.00 47.42  ? 171 ARG A NE  1 
ATOM   1167 C CZ  . ARG A 1 174 ? 2.812   -1.086  -6.571  1.00 47.10  ? 171 ARG A CZ  1 
ATOM   1168 N NH1 . ARG A 1 174 ? 3.596   -0.816  -5.541  1.00 49.05  ? 171 ARG A NH1 1 
ATOM   1169 N NH2 . ARG A 1 174 ? 2.160   -0.105  -7.169  1.00 45.89  ? 171 ARG A NH2 1 
ATOM   1170 N N   . PRO A 1 175 ? 1.446   -7.727  -6.226  1.00 35.88  ? 172 PRO A N   1 
ATOM   1171 C CA  . PRO A 1 175 ? 1.332   -8.841  -5.285  1.00 36.50  ? 172 PRO A CA  1 
ATOM   1172 C C   . PRO A 1 175 ? 1.820   -8.472  -3.867  1.00 31.69  ? 172 PRO A C   1 
ATOM   1173 O O   . PRO A 1 175 ? 1.284   -9.016  -2.906  1.00 35.94  ? 172 PRO A O   1 
ATOM   1174 C CB  . PRO A 1 175 ? 2.202   -9.941  -5.928  1.00 35.57  ? 172 PRO A CB  1 
ATOM   1175 C CG  . PRO A 1 175 ? 3.189   -9.195  -6.771  1.00 36.48  ? 172 PRO A CG  1 
ATOM   1176 C CD  . PRO A 1 175 ? 2.442   -7.976  -7.280  1.00 34.42  ? 172 PRO A CD  1 
ATOM   1177 N N   . GLU A 1 176 ? 2.813   -7.590  -3.750  1.00 31.09  ? 173 GLU A N   1 
ATOM   1178 C CA  . GLU A 1 176 ? 3.309   -7.099  -2.426  1.00 32.81  ? 173 GLU A CA  1 
ATOM   1179 C C   . GLU A 1 176 ? 2.167   -6.402  -1.662  1.00 32.03  ? 173 GLU A C   1 
ATOM   1180 O O   . GLU A 1 176 ? 2.085   -6.579  -0.430  1.00 34.56  ? 173 GLU A O   1 
ATOM   1181 C CB  . GLU A 1 176 ? 4.569   -6.241  -2.577  1.00 34.76  ? 173 GLU A CB  1 
ATOM   1182 C CG  . GLU A 1 176 ? 4.367   -4.825  -3.071  1.00 38.39  ? 173 GLU A CG  1 
ATOM   1183 C CD  . GLU A 1 176 ? 4.224   -4.631  -4.576  1.00 42.28  ? 173 GLU A CD  1 
ATOM   1184 O OE1 . GLU A 1 176 ? 3.835   -5.599  -5.277  1.00 41.93  ? 173 GLU A OE1 1 
ATOM   1185 O OE2 . GLU A 1 176 ? 4.513   -3.502  -5.048  1.00 41.81  ? 173 GLU A OE2 1 
ATOM   1186 N N   . LEU A 1 177 ? 1.283   -5.677  -2.354  1.00 32.32  ? 174 LEU A N   1 
ATOM   1187 C CA  . LEU A 1 177 ? 0.128   -4.986  -1.717  1.00 33.33  ? 174 LEU A CA  1 
ATOM   1188 C C   . LEU A 1 177 ? -0.868  -6.049  -1.278  1.00 33.09  ? 174 LEU A C   1 
ATOM   1189 O O   . LEU A 1 177 ? -1.469  -5.923  -0.188  1.00 30.31  ? 174 LEU A O   1 
ATOM   1190 C CB  . LEU A 1 177 ? -0.497  -3.990  -2.705  1.00 37.26  ? 174 LEU A CB  1 
ATOM   1191 C CG  . LEU A 1 177 ? -0.013  -2.541  -2.636  1.00 42.62  ? 174 LEU A CG  1 
ATOM   1192 C CD1 . LEU A 1 177 ? 1.464   -2.405  -2.329  1.00 42.42  ? 174 LEU A CD1 1 
ATOM   1193 C CD2 . LEU A 1 177 ? -0.362  -1.795  -3.914  1.00 43.22  ? 174 LEU A CD2 1 
ATOM   1194 N N   . LEU A 1 178 ? -1.011  -7.116  -2.069  1.00 31.48  ? 175 LEU A N   1 
ATOM   1195 C CA  . LEU A 1 178 ? -1.881  -8.245  -1.672  1.00 30.36  ? 175 LEU A CA  1 
ATOM   1196 C C   . LEU A 1 178 ? -1.293  -8.929  -0.437  1.00 26.07  ? 175 LEU A C   1 
ATOM   1197 O O   . LEU A 1 178 ? -2.055  -9.285  0.462   1.00 30.39  ? 175 LEU A O   1 
ATOM   1198 C CB  . LEU A 1 178 ? -2.039  -9.206  -2.860  1.00 33.18  ? 175 LEU A CB  1 
ATOM   1199 C CG  . LEU A 1 178 ? -2.766  -10.511 -2.560  1.00 34.91  ? 175 LEU A CG  1 
ATOM   1200 C CD1 . LEU A 1 178 ? -4.155  -10.268 -1.996  1.00 33.82  ? 175 LEU A CD1 1 
ATOM   1201 C CD2 . LEU A 1 178 ? -2.856  -11.351 -3.823  1.00 38.56  ? 175 LEU A CD2 1 
ATOM   1202 N N   . GLU A 1 179 ? 0.019   -9.105  -0.372  1.00 30.30  ? 176 GLU A N   1 
ATOM   1203 C CA  . GLU A 1 179 ? 0.653   -9.711  0.828   1.00 32.68  ? 176 GLU A CA  1 
ATOM   1204 C C   . GLU A 1 179 ? 0.309   -8.881  2.079   1.00 30.89  ? 176 GLU A C   1 
ATOM   1205 O O   . GLU A 1 179 ? 0.047   -9.464  3.142   1.00 31.52  ? 176 GLU A O   1 
ATOM   1206 C CB  . GLU A 1 179 ? 2.155   -9.782  0.626   1.00 34.22  ? 176 GLU A CB  1 
ATOM   1207 C CG  . GLU A 1 179 ? 2.879   -10.522 1.731   1.00 38.33  ? 176 GLU A CG  1 
ATOM   1208 C CD  . GLU A 1 179 ? 4.374   -10.595 1.476   1.00 45.47  ? 176 GLU A CD  1 
ATOM   1209 O OE1 . GLU A 1 179 ? 5.096   -11.154 2.335   1.00 52.01  ? 176 GLU A OE1 1 
ATOM   1210 O OE2 . GLU A 1 179 ? 4.811   -10.104 0.405   1.00 51.50  ? 176 GLU A OE2 1 
ATOM   1211 N N   . ALA A 1 180 ? 0.335   -7.554  1.981   1.00 31.49  ? 177 ALA A N   1 
ATOM   1212 C CA  . ALA A 1 180 ? -0.012  -6.678  3.127   1.00 31.22  ? 177 ALA A CA  1 
ATOM   1213 C C   . ALA A 1 180 ? -1.474  -6.897  3.502   1.00 30.53  ? 177 ALA A C   1 
ATOM   1214 O O   . ALA A 1 180 ? -1.782  -7.042  4.702   1.00 33.98  ? 177 ALA A O   1 
ATOM   1215 C CB  . ALA A 1 180 ? 0.285   -5.233  2.793   1.00 33.28  ? 177 ALA A CB  1 
ATOM   1216 N N   . LEU A 1 181 ? -2.366  -6.924  2.517   1.00 32.01  ? 178 LEU A N   1 
ATOM   1217 C CA  . LEU A 1 181 ? -3.816  -7.127  2.752   1.00 31.66  ? 178 LEU A CA  1 
ATOM   1218 C C   . LEU A 1 181 ? -4.050  -8.472  3.457   1.00 32.52  ? 178 LEU A C   1 
ATOM   1219 O O   . LEU A 1 181 ? -4.903  -8.529  4.382   1.00 31.30  ? 178 LEU A O   1 
ATOM   1220 C CB  . LEU A 1 181 ? -4.547  -7.040  1.405   1.00 33.29  ? 178 LEU A CB  1 
ATOM   1221 C CG  . LEU A 1 181 ? -6.034  -7.378  1.446   1.00 35.26  ? 178 LEU A CG  1 
ATOM   1222 C CD1 . LEU A 1 181 ? -6.801  -6.397  2.322   1.00 36.99  ? 178 LEU A CD1 1 
ATOM   1223 C CD2 . LEU A 1 181 ? -6.612  -7.396  0.043   1.00 37.74  ? 178 LEU A CD2 1 
ATOM   1224 N N   . ASN A 1 182 ? -3.323  -9.521  3.042   1.00 34.86  ? 179 ASN A N   1 
ATOM   1225 C CA  . ASN A 1 182 ? -3.442  -10.901 3.594   1.00 32.49  ? 179 ASN A CA  1 
ATOM   1226 C C   . ASN A 1 182 ? -3.041  -10.937 5.073   1.00 31.79  ? 179 ASN A C   1 
ATOM   1227 O O   . ASN A 1 182 ? -3.648  -11.734 5.818   1.00 34.22  ? 179 ASN A O   1 
ATOM   1228 C CB  . ASN A 1 182 ? -2.640  -11.915 2.761   1.00 33.12  ? 179 ASN A CB  1 
ATOM   1229 C CG  . ASN A 1 182 ? -3.384  -12.275 1.493   1.00 34.88  ? 179 ASN A CG  1 
ATOM   1230 O OD1 . ASN A 1 182 ? -4.582  -12.027 1.402   1.00 34.58  ? 179 ASN A OD1 1 
ATOM   1231 N ND2 . ASN A 1 182 ? -2.689  -12.813 0.502   1.00 34.44  ? 179 ASN A ND2 1 
ATOM   1232 N N   . ARG A 1 183 ? -2.128  -10.068 5.516   1.00 31.80  ? 180 ARG A N   1 
ATOM   1233 C CA  . ARG A 1 183 ? -1.700  -10.007 6.936   1.00 31.35  ? 180 ARG A CA  1 
ATOM   1234 C C   . ARG A 1 183 ? -2.749  -9.294  7.796   1.00 34.18  ? 180 ARG A C   1 
ATOM   1235 O O   . ARG A 1 183 ? -2.698  -9.425  9.035   1.00 32.46  ? 180 ARG A O   1 
ATOM   1236 C CB  . ARG A 1 183 ? -0.343  -9.306  7.022   1.00 34.95  ? 180 ARG A CB  1 
ATOM   1237 C CG  . ARG A 1 183 ? 0.787   -10.072 6.355   1.00 34.71  ? 180 ARG A CG  1 
ATOM   1238 C CD  . ARG A 1 183 ? 2.048   -9.246  6.448   1.00 34.51  ? 180 ARG A CD  1 
ATOM   1239 N NE  . ARG A 1 183 ? 3.134   -9.797  5.663   1.00 35.22  ? 180 ARG A NE  1 
ATOM   1240 C CZ  . ARG A 1 183 ? 4.281   -9.185  5.464   1.00 33.76  ? 180 ARG A CZ  1 
ATOM   1241 N NH1 . ARG A 1 183 ? 4.516   -8.009  6.028   1.00 33.37  ? 180 ARG A NH1 1 
ATOM   1242 N NH2 . ARG A 1 183 ? 5.214   -9.760  4.736   1.00 36.21  ? 180 ARG A NH2 1 
ATOM   1243 N N   . SER A 1 184 ? -3.661  -8.542  7.180   1.00 32.54  ? 181 SER A N   1 
ATOM   1244 C CA  . SER A 1 184 ? -4.683  -7.746  7.903   1.00 34.24  ? 181 SER A CA  1 
ATOM   1245 C C   . SER A 1 184 ? -5.749  -8.692  8.467   1.00 39.00  ? 181 SER A C   1 
ATOM   1246 O O   . SER A 1 184 ? -5.770  -9.888  8.081   1.00 40.32  ? 181 SER A O   1 
ATOM   1247 C CB  . SER A 1 184 ? -5.278  -6.704  7.005   1.00 33.15  ? 181 SER A CB  1 
ATOM   1248 O OG  . SER A 1 184 ? -6.360  -7.233  6.257   1.00 32.21  ? 181 SER A OG  1 
ATOM   1249 N N   . ALA A 1 185 ? -6.615  -8.175  9.334   1.00 38.57  ? 182 ALA A N   1 
ATOM   1250 C CA  . ALA A 1 185 ? -7.730  -8.927  9.941   1.00 39.59  ? 182 ALA A CA  1 
ATOM   1251 C C   . ALA A 1 185 ? -8.950  -8.969  9.007   1.00 39.72  ? 182 ALA A C   1 
ATOM   1252 O O   . ALA A 1 185 ? -10.032 -9.362  9.482   1.00 45.96  ? 182 ALA A O   1 
ATOM   1253 C CB  . ALA A 1 185 ? -8.072  -8.297  11.264  1.00 43.52  ? 182 ALA A CB  1 
ATOM   1254 N N   . ILE A 1 186 ? -8.830  -8.579  7.739   1.00 37.20  ? 183 ILE A N   1 
ATOM   1255 C CA  . ILE A 1 186 ? -10.004 -8.577  6.815   1.00 39.95  ? 183 ILE A CA  1 
ATOM   1256 C C   . ILE A 1 186 ? -10.577 -10.001 6.761   1.00 42.58  ? 183 ILE A C   1 
ATOM   1257 O O   . ILE A 1 186 ? -9.787  -10.968 6.726   1.00 42.03  ? 183 ILE A O   1 
ATOM   1258 C CB  . ILE A 1 186 ? -9.650  -8.049  5.413   1.00 39.62  ? 183 ILE A CB  1 
ATOM   1259 C CG1 . ILE A 1 186 ? -10.918 -7.819  4.586   1.00 40.51  ? 183 ILE A CG1 1 
ATOM   1260 C CG2 . ILE A 1 186 ? -8.653  -8.966  4.695   1.00 38.70  ? 183 ILE A CG2 1 
ATOM   1261 C CD1 . ILE A 1 186 ? -10.676 -7.142  3.248   1.00 41.28  ? 183 ILE A CD1 1 
ATOM   1262 N N   . ILE A 1 187 ? -11.902 -10.129 6.784   1.00 45.66  ? 184 ILE A N   1 
ATOM   1263 C CA  . ILE A 1 187 ? -12.582 -11.452 6.678   1.00 46.28  ? 184 ILE A CA  1 
ATOM   1264 C C   . ILE A 1 187 ? -12.408 -11.940 5.238   1.00 44.55  ? 184 ILE A C   1 
ATOM   1265 O O   . ILE A 1 187 ? -12.772 -11.192 4.306   1.00 42.92  ? 184 ILE A O   1 
ATOM   1266 C CB  . ILE A 1 187 ? -14.050 -11.357 7.130   1.00 50.27  ? 184 ILE A CB  1 
ATOM   1267 C CG1 . ILE A 1 187 ? -14.116 -11.183 8.650   1.00 51.29  ? 184 ILE A CG1 1 
ATOM   1268 C CG2 . ILE A 1 187 ? -14.852 -12.571 6.667   1.00 51.62  ? 184 ILE A CG2 1 
ATOM   1269 C CD1 . ILE A 1 187 ? -15.237 -10.303 9.123   1.00 53.65  ? 184 ILE A CD1 1 
ATOM   1270 N N   . LYS A 1 188 ? -11.835 -13.134 5.076   1.00 47.43  ? 185 LYS A N   1 
ATOM   1271 C CA  . LYS A 1 188 ? -11.495 -13.727 3.754   1.00 51.40  ? 185 LYS A CA  1 
ATOM   1272 C C   . LYS A 1 188 ? -12.608 -14.657 3.250   1.00 59.25  ? 185 LYS A C   1 
ATOM   1273 O O   . LYS A 1 188 ? -12.464 -15.152 2.121   1.00 67.86  ? 185 LYS A O   1 
ATOM   1274 C CB  . LYS A 1 188 ? -10.149 -14.439 3.856   1.00 51.09  ? 185 LYS A CB  1 
ATOM   1275 C CG  . LYS A 1 188 ? -8.985  -13.477 3.968   1.00 51.36  ? 185 LYS A CG  1 
ATOM   1276 C CD  . LYS A 1 188 ? -7.636  -14.114 4.175   1.00 51.50  ? 185 LYS A CD  1 
ATOM   1277 C CE  . LYS A 1 188 ? -6.770  -13.231 5.049   1.00 53.69  ? 185 LYS A CE  1 
ATOM   1278 N NZ  . LYS A 1 188 ? -5.327  -13.470 4.856   1.00 53.58  ? 185 LYS A NZ  1 
ATOM   1279 N N   . ASP A 1 189 ? -13.665 -14.888 4.039   1.00 67.52  ? 186 ASP A N   1 
ATOM   1280 C CA  . ASP A 1 189 ? -14.978 -15.403 3.554   1.00 74.89  ? 186 ASP A CA  1 
ATOM   1281 C C   . ASP A 1 189 ? -15.679 -14.290 2.763   1.00 75.96  ? 186 ASP A C   1 
ATOM   1282 O O   . ASP A 1 189 ? -15.997 -14.423 1.583   1.00 78.25  ? 186 ASP A O   1 
ATOM   1283 C CB  . ASP A 1 189 ? -15.894 -15.860 4.695   1.00 76.73  ? 186 ASP A CB  1 
ATOM   1284 C CG  . ASP A 1 189 ? -15.480 -17.170 5.343   1.00 81.23  ? 186 ASP A CG  1 
ATOM   1285 O OD1 . ASP A 1 189 ? -16.238 -18.159 5.206   1.00 80.30  ? 186 ASP A OD1 1 
ATOM   1286 O OD2 . ASP A 1 189 ? -14.412 -17.188 5.992   1.00 79.79  ? 186 ASP A OD2 1 
HETATM 1287 C C1  . IHP B 2 .   ? 5.473   6.670   -7.963  1.00 77.88  ? 201 IHP A C1  1 
HETATM 1288 C C2  . IHP B 2 .   ? 4.186   6.919   -7.166  1.00 74.42  ? 201 IHP A C2  1 
HETATM 1289 C C3  . IHP B 2 .   ? 2.991   6.246   -7.843  1.00 71.13  ? 201 IHP A C3  1 
HETATM 1290 C C4  . IHP B 2 .   ? 3.260   4.778   -8.139  1.00 68.07  ? 201 IHP A C4  1 
HETATM 1291 C C5  . IHP B 2 .   ? 4.523   4.592   -8.941  1.00 72.10  ? 201 IHP A C5  1 
HETATM 1292 C C6  . IHP B 2 .   ? 5.688   5.172   -8.191  1.00 75.46  ? 201 IHP A C6  1 
HETATM 1293 O O11 . IHP B 2 .   ? 6.575   7.173   -7.207  1.00 86.74  ? 201 IHP A O11 1 
HETATM 1294 P P1  . IHP B 2 .   ? 7.384   8.544   -7.508  1.00 101.71 ? 201 IHP A P1  1 
HETATM 1295 O O21 . IHP B 2 .   ? 7.105   9.371   -6.269  1.00 99.59  ? 201 IHP A O21 1 
HETATM 1296 O O31 . IHP B 2 .   ? 8.811   8.057   -7.647  1.00 95.65  ? 201 IHP A O31 1 
HETATM 1297 O O41 . IHP B 2 .   ? 6.787   9.133   -8.766  1.00 96.44  ? 201 IHP A O41 1 
HETATM 1298 O O12 . IHP B 2 .   ? 4.338   6.340   -5.850  1.00 78.11  ? 201 IHP A O12 1 
HETATM 1299 P P2  . IHP B 2 .   ? 4.100   7.038   -4.416  1.00 78.93  ? 201 IHP A P2  1 
HETATM 1300 O O22 . IHP B 2 .   ? 4.926   8.310   -4.449  1.00 70.73  ? 201 IHP A O22 1 
HETATM 1301 O O32 . IHP B 2 .   ? 2.602   7.240   -4.294  1.00 72.29  ? 201 IHP A O32 1 
HETATM 1302 O O42 . IHP B 2 .   ? 4.644   6.000   -3.459  1.00 70.52  ? 201 IHP A O42 1 
HETATM 1303 O O13 . IHP B 2 .   ? 1.894   6.278   -6.952  1.00 73.12  ? 201 IHP A O13 1 
HETATM 1304 P P3  . IHP B 2 .   ? 0.597   7.213   -7.080  1.00 72.79  ? 201 IHP A P3  1 
HETATM 1305 O O23 . IHP B 2 .   ? 0.383   7.921   -5.767  1.00 75.92  ? 201 IHP A O23 1 
HETATM 1306 O O33 . IHP B 2 .   ? -0.492  6.234   -7.458  1.00 63.46  ? 201 IHP A O33 1 
HETATM 1307 O O43 . IHP B 2 .   ? 0.851   8.101   -8.278  1.00 67.10  ? 201 IHP A O43 1 
HETATM 1308 O O14 . IHP B 2 .   ? 2.178   4.268   -8.890  1.00 59.45  ? 201 IHP A O14 1 
HETATM 1309 P P4  . IHP B 2 .   ? 1.115   3.240   -8.268  1.00 62.83  ? 201 IHP A P4  1 
HETATM 1310 O O24 . IHP B 2 .   ? -0.126  4.091   -8.140  1.00 64.93  ? 201 IHP A O24 1 
HETATM 1311 O O34 . IHP B 2 .   ? 0.970   2.135   -9.290  1.00 68.98  ? 201 IHP A O34 1 
HETATM 1312 O O44 . IHP B 2 .   ? 1.762   2.781   -6.974  1.00 61.14  ? 201 IHP A O44 1 
HETATM 1313 O O15 . IHP B 2 .   ? 4.746   3.192   -9.130  1.00 75.33  ? 201 IHP A O15 1 
HETATM 1314 P P5  . IHP B 2 .   ? 4.817   2.479   -10.583 1.00 77.79  ? 201 IHP A P5  1 
HETATM 1315 O O25 . IHP B 2 .   ? 6.197   1.920   -10.770 1.00 82.06  ? 201 IHP A O25 1 
HETATM 1316 O O35 . IHP B 2 .   ? 4.521   3.532   -11.617 1.00 78.24  ? 201 IHP A O35 1 
HETATM 1317 O O45 . IHP B 2 .   ? 3.721   1.449   -10.474 1.00 68.21  ? 201 IHP A O45 1 
HETATM 1318 O O16 . IHP B 2 .   ? 6.864   4.956   -8.961  1.00 79.43  ? 201 IHP A O16 1 
HETATM 1319 P P6  . IHP B 2 .   ? 8.071   3.986   -8.491  1.00 79.89  ? 201 IHP A P6  1 
HETATM 1320 O O26 . IHP B 2 .   ? 7.757   3.496   -7.098  1.00 72.73  ? 201 IHP A O26 1 
HETATM 1321 O O36 . IHP B 2 .   ? 9.273   4.885   -8.668  1.00 73.12  ? 201 IHP A O36 1 
HETATM 1322 O O46 . IHP B 2 .   ? 8.190   2.891   -9.520  1.00 74.11  ? 201 IHP A O46 1 
HETATM 1323 O O   . HOH C 3 .   ? 4.964   10.066  -6.157  1.00 70.75  ? 301 HOH A O   1 
HETATM 1324 O O   . HOH C 3 .   ? 6.411   8.999   -10.994 1.00 62.68  ? 302 HOH A O   1 
HETATM 1325 O O   . HOH C 3 .   ? 4.758   3.746   -3.824  1.00 51.21  ? 303 HOH A O   1 
HETATM 1326 O O   . HOH C 3 .   ? 12.018  -14.492 -8.826  1.00 52.19  ? 304 HOH A O   1 
HETATM 1327 O O   . HOH C 3 .   ? -13.962 13.370  10.478  1.00 53.62  ? 305 HOH A O   1 
HETATM 1328 O O   . HOH C 3 .   ? -7.579  -11.678 7.428   1.00 48.33  ? 306 HOH A O   1 
HETATM 1329 O O   . HOH C 3 .   ? 5.203   11.313  0.491   1.00 52.23  ? 307 HOH A O   1 
HETATM 1330 O O   . HOH C 3 .   ? -6.856  7.993   -10.069 1.00 49.25  ? 308 HOH A O   1 
HETATM 1331 O O   . HOH C 3 .   ? -11.160 -13.170 -9.793  1.00 44.66  ? 309 HOH A O   1 
HETATM 1332 O O   . HOH C 3 .   ? 10.251  6.642   15.286  1.00 42.08  ? 310 HOH A O   1 
HETATM 1333 O O   . HOH C 3 .   ? 24.530  -0.976  1.116   1.00 51.08  ? 311 HOH A O   1 
HETATM 1334 O O   . HOH C 3 .   ? 19.131  6.661   3.739   1.00 48.60  ? 312 HOH A O   1 
HETATM 1335 O O   . HOH C 3 .   ? 9.766   8.814   -1.699  1.00 65.12  ? 313 HOH A O   1 
HETATM 1336 O O   . HOH C 3 .   ? 5.034   9.608   -2.277  1.00 52.02  ? 314 HOH A O   1 
HETATM 1337 O O   . HOH C 3 .   ? 13.426  1.546   8.789   1.00 40.74  ? 315 HOH A O   1 
HETATM 1338 O O   . HOH C 3 .   ? -4.394  -7.428  12.046  1.00 47.21  ? 316 HOH A O   1 
HETATM 1339 O O   . HOH C 3 .   ? -3.308  -6.929  -15.295 1.00 54.03  ? 317 HOH A O   1 
HETATM 1340 O O   . HOH C 3 .   ? -14.309 -9.661  2.907   1.00 38.27  ? 318 HOH A O   1 
HETATM 1341 O O   . HOH C 3 .   ? -6.628  0.457   2.363   1.00 34.83  ? 319 HOH A O   1 
HETATM 1342 O O   . HOH C 3 .   ? 5.504   1.029   14.020  1.00 50.87  ? 320 HOH A O   1 
HETATM 1343 O O   . HOH C 3 .   ? 7.325   0.947   -6.018  1.00 50.05  ? 321 HOH A O   1 
HETATM 1344 O O   . HOH C 3 .   ? -12.143 25.126  2.043   1.00 40.06  ? 322 HOH A O   1 
HETATM 1345 O O   . HOH C 3 .   ? 5.104   -1.594  9.313   1.00 44.36  ? 323 HOH A O   1 
HETATM 1346 O O   . HOH C 3 .   ? 10.482  8.352   0.662   1.00 44.21  ? 324 HOH A O   1 
HETATM 1347 O O   . HOH C 3 .   ? -4.151  -12.304 8.409   1.00 54.90  ? 325 HOH A O   1 
HETATM 1348 O O   . HOH C 3 .   ? -7.013  -2.948  -10.151 1.00 40.13  ? 326 HOH A O   1 
HETATM 1349 O O   . HOH C 3 .   ? -19.084 11.497  7.403   1.00 53.17  ? 327 HOH A O   1 
HETATM 1350 O O   . HOH C 3 .   ? -8.209  -13.124 -7.253  1.00 47.69  ? 328 HOH A O   1 
HETATM 1351 O O   . HOH C 3 .   ? 14.988  -2.630  1.203   1.00 42.35  ? 329 HOH A O   1 
HETATM 1352 O O   . HOH C 3 .   ? -5.563  9.387   8.087   1.00 45.22  ? 330 HOH A O   1 
HETATM 1353 O O   . HOH C 3 .   ? 7.448   -0.287  10.423  1.00 42.50  ? 331 HOH A O   1 
HETATM 1354 O O   . HOH C 3 .   ? -11.813 -2.600  11.679  1.00 44.23  ? 332 HOH A O   1 
HETATM 1355 O O   . HOH C 3 .   ? 8.006   8.358   17.014  1.00 56.92  ? 333 HOH A O   1 
HETATM 1356 O O   . HOH C 3 .   ? 0.217   5.863   -3.707  1.00 55.63  ? 334 HOH A O   1 
HETATM 1357 O O   . HOH C 3 .   ? 7.511   3.657   12.950  1.00 40.35  ? 335 HOH A O   1 
HETATM 1358 O O   . HOH C 3 .   ? -7.762  -5.570  14.006  1.00 61.26  ? 336 HOH A O   1 
HETATM 1359 O O   . HOH C 3 .   ? 7.579   -8.487  0.158   1.00 43.53  ? 337 HOH A O   1 
HETATM 1360 O O   . HOH C 3 .   ? -15.226 16.925  3.228   1.00 53.06  ? 338 HOH A O   1 
HETATM 1361 O O   . HOH C 3 .   ? 11.788  10.403  8.125   1.00 47.82  ? 339 HOH A O   1 
HETATM 1362 O O   . HOH C 3 .   ? 0.745   6.022   -10.776 1.00 61.52  ? 340 HOH A O   1 
HETATM 1363 O O   . HOH C 3 .   ? 0.636   -12.223 3.753   1.00 53.60  ? 341 HOH A O   1 
HETATM 1364 O O   . HOH C 3 .   ? -6.125  8.644   10.538  1.00 38.43  ? 342 HOH A O   1 
HETATM 1365 O O   . HOH C 3 .   ? -11.585 12.266  -9.526  1.00 63.83  ? 343 HOH A O   1 
HETATM 1366 O O   . HOH C 3 .   ? -12.426 -6.965  -8.492  1.00 51.06  ? 344 HOH A O   1 
HETATM 1367 O O   . HOH C 3 .   ? -18.370 -1.969  9.535   1.00 53.29  ? 345 HOH A O   1 
HETATM 1368 O O   . HOH C 3 .   ? 17.489  8.706   2.602   1.00 47.40  ? 346 HOH A O   1 
HETATM 1369 O O   . HOH C 3 .   ? -9.112  -2.434  11.087  1.00 46.52  ? 347 HOH A O   1 
HETATM 1370 O O   . HOH C 3 .   ? 16.224  -6.796  1.257   1.00 45.54  ? 348 HOH A O   1 
HETATM 1371 O O   . HOH C 3 .   ? 0.631   -11.819 -2.336  1.00 35.60  ? 349 HOH A O   1 
HETATM 1372 O O   . HOH C 3 .   ? -4.059  5.877   15.255  1.00 42.67  ? 350 HOH A O   1 
HETATM 1373 O O   . HOH C 3 .   ? 0.321   -5.091  15.670  1.00 38.61  ? 351 HOH A O   1 
HETATM 1374 O O   . HOH C 3 .   ? -6.821  18.606  3.682   1.00 35.24  ? 352 HOH A O   1 
HETATM 1375 O O   . HOH C 3 .   ? -2.690  -9.133  -13.832 1.00 43.32  ? 353 HOH A O   1 
HETATM 1376 O O   . HOH C 3 .   ? 0.091   -13.496 1.268   1.00 50.09  ? 354 HOH A O   1 
HETATM 1377 O O   . HOH C 3 .   ? -17.655 14.817  3.994   1.00 54.23  ? 355 HOH A O   1 
HETATM 1378 O O   . HOH C 3 .   ? 7.061   -8.879  -3.531  1.00 48.91  ? 356 HOH A O   1 
HETATM 1379 O O   . HOH C 3 .   ? 5.218   -10.056 -2.546  1.00 52.31  ? 357 HOH A O   1 
HETATM 1380 O O   . HOH C 3 .   ? 7.218   -7.838  8.380   1.00 38.39  ? 358 HOH A O   1 
HETATM 1381 O O   . HOH C 3 .   ? -11.063 -14.730 7.513   1.00 54.78  ? 359 HOH A O   1 
HETATM 1382 O O   . HOH C 3 .   ? -3.448  -14.382 -1.960  1.00 41.80  ? 360 HOH A O   1 
HETATM 1383 O O   . HOH C 3 .   ? -14.789 -11.833 0.555   1.00 51.98  ? 361 HOH A O   1 
HETATM 1384 O O   . HOH C 3 .   ? 4.502   2.085   -5.398  1.00 47.67  ? 362 HOH A O   1 
HETATM 1385 O O   . HOH C 3 .   ? 0.601   9.063   13.770  1.00 69.88  ? 363 HOH A O   1 
HETATM 1386 O O   . HOH C 3 .   ? 12.993  -4.498  4.072   1.00 63.40  ? 364 HOH A O   1 
HETATM 1387 O O   . HOH C 3 .   ? 7.661   -11.550 5.568   1.00 60.76  ? 365 HOH A O   1 
HETATM 1388 O O   . HOH C 3 .   ? -4.618  -10.049 11.513  1.00 59.80  ? 366 HOH A O   1 
HETATM 1389 O O   . HOH C 3 .   ? 9.882   -19.899 -5.529  1.00 70.80  ? 367 HOH A O   1 
HETATM 1390 O O   . HOH C 3 .   ? -11.193 19.241  3.672   1.00 58.52  ? 368 HOH A O   1 
HETATM 1391 O O   . HOH C 3 .   ? -8.539  19.133  1.200   1.00 39.12  ? 369 HOH A O   1 
HETATM 1392 O O   . HOH C 3 .   ? 15.398  0.897   6.650   0.50 39.65  ? 370 HOH A O   1 
HETATM 1393 O O   . HOH C 3 .   ? -0.477  -13.640 5.663   1.00 51.67  ? 371 HOH A O   1 
HETATM 1394 O O   . HOH C 3 .   ? -16.126 24.331  -0.356  1.00 55.96  ? 372 HOH A O   1 
HETATM 1395 O O   . HOH C 3 .   ? 14.205  1.215   -10.661 1.00 64.23  ? 373 HOH A O   1 
HETATM 1396 O O   . HOH C 3 .   ? 15.246  -0.259  -8.845  1.00 57.94  ? 374 HOH A O   1 
HETATM 1397 O O   . HOH C 3 .   ? 8.848   4.291   15.462  1.00 42.61  ? 375 HOH A O   1 
HETATM 1398 O O   . HOH C 3 .   ? 20.367  6.886   6.089   0.50 52.29  ? 376 HOH A O   1 
# 
